data_6U7I
#
_entry.id   6U7I
#
_cell.length_a   122.597
_cell.length_b   129.055
_cell.length_c   161.424
_cell.angle_alpha   90.000
_cell.angle_beta   90.000
_cell.angle_gamma   90.000
#
_symmetry.space_group_name_H-M   'P 21 21 21'
#
loop_
_entity.id
_entity.type
_entity.pdbx_description
1 polymer Beta-glucuronidase
2 water water
#
_entity_poly.entity_id   1
_entity_poly.type   'polypeptide(L)'
_entity_poly.pdbx_seq_one_letter_code
;MLYPEQNEARLKLSLDGTWAFALGSCAETQFDPAKPLPDAQPIAVPASYNDQNDQTTALRRHYGWVWYQRKVTLPAFCAG
QRVVLRFGSVTHTAKVWLNGQLIAQHKGGFTPFEADVTALLQPGETALLTVACDNRVNHSTLPVGNEDGQLAFFGSDNAG
IPSVEAAKRAAAPQNRPNFDFFNYAGIHRPVVLYTTPKEYIEDVTIVPAVDGTVQYAVKTTGSAPVRVTVLDADGNAVAS
AESAEGTITIPEVHLWEPRPGTPYLYTLHATCGADVYDQTFGVRSIEVRGTQVLLNGKPLYFKGFCKHEDFTAHGRGFDP
VLNVKDVNLIHWANANAVRTSHYPYAEEFYDLCDREGILVMDETPAVGIGGGAAVNPYKEYPLAEHHRQVLAEMIHRDKN
HPCVVLWSLGNEPNLEHFPQDAYDYWHPLYELAHQLDPQDRPVTLVCCQNDYTKDITTRTMDIVCINRYYGWYNLSGDMD
AACYGLNQELDFWAEQHKPVMMSEYGADTVAGLHTAGAEMFSEEFQVEFYRRLDAEFDKRPWFVGEFVWNFADYDTVQGP
MRVDGNKKGLFTRDRRPKLGMHFLRQRWAEIPTFGFK
;
_entity_poly.pdbx_strand_id   A,B,C,D
#
# COMPACT_ATOMS: atom_id res chain seq x y z
N LEU A 2 -9.24 -16.91 41.95
CA LEU A 2 -7.91 -16.40 42.34
C LEU A 2 -6.85 -16.75 41.31
N TYR A 3 -6.03 -15.78 40.93
CA TYR A 3 -5.04 -16.01 39.88
C TYR A 3 -3.92 -16.89 40.41
N PRO A 4 -3.58 -17.97 39.71
CA PRO A 4 -2.53 -18.88 40.19
C PRO A 4 -1.21 -18.17 40.48
N GLU A 5 -0.58 -18.57 41.58
CA GLU A 5 0.71 -18.04 41.98
C GLU A 5 1.69 -19.16 42.21
N GLN A 6 2.97 -18.80 42.33
CA GLN A 6 3.95 -19.75 42.83
C GLN A 6 4.69 -19.14 44.00
N ASN A 7 4.77 -19.91 45.08
CA ASN A 7 5.45 -19.51 46.30
C ASN A 7 6.00 -20.76 46.98
N GLU A 8 6.37 -20.62 48.25
CA GLU A 8 6.81 -21.76 49.04
C GLU A 8 5.68 -22.77 49.24
N ALA A 9 4.42 -22.30 49.16
CA ALA A 9 3.25 -23.15 49.34
C ALA A 9 2.67 -23.67 48.01
N ARG A 10 2.55 -22.82 47.00
CA ARG A 10 1.97 -23.24 45.72
C ARG A 10 3.03 -23.41 44.65
N LEU A 11 2.83 -24.44 43.82
CA LEU A 11 3.55 -24.62 42.57
C LEU A 11 2.67 -24.15 41.42
N LYS A 12 3.28 -23.49 40.42
CA LYS A 12 2.64 -23.11 39.18
C LYS A 12 3.28 -23.88 38.03
N LEU A 13 2.52 -24.18 36.99
CA LEU A 13 3.02 -25.05 35.94
C LEU A 13 2.19 -24.83 34.69
N SER A 14 2.81 -24.34 33.60
CA SER A 14 2.03 -24.07 32.39
C SER A 14 2.02 -25.30 31.49
N LEU A 15 0.84 -25.64 31.00
CA LEU A 15 0.66 -26.71 30.04
C LEU A 15 0.60 -26.18 28.62
N ASP A 16 0.76 -24.88 28.46
CA ASP A 16 0.94 -24.25 27.16
C ASP A 16 2.00 -24.99 26.34
N GLY A 17 1.82 -24.98 25.03
CA GLY A 17 2.73 -25.70 24.15
C GLY A 17 2.01 -26.09 22.88
N THR A 18 2.59 -27.05 22.17
CA THR A 18 2.03 -27.57 20.92
C THR A 18 1.31 -28.88 21.22
N TRP A 19 -0.03 -28.81 21.27
CA TRP A 19 -0.95 -29.91 21.51
C TRP A 19 -1.39 -30.58 20.21
N ALA A 20 -2.04 -31.73 20.34
CA ALA A 20 -2.67 -32.37 19.20
C ALA A 20 -4.10 -31.85 19.05
N PHE A 21 -4.63 -31.94 17.83
CA PHE A 21 -5.77 -31.14 17.40
C PHE A 21 -6.48 -31.86 16.26
N ALA A 22 -7.80 -31.84 16.29
CA ALA A 22 -8.59 -32.41 15.20
C ALA A 22 -9.87 -31.62 15.04
N LEU A 23 -10.32 -31.51 13.79
CA LEU A 23 -11.51 -30.76 13.50
C LEU A 23 -12.73 -31.63 13.77
N GLY A 24 -13.77 -31.01 14.29
CA GLY A 24 -14.95 -31.75 14.69
C GLY A 24 -16.08 -31.54 13.72
N SER A 25 -17.30 -31.60 14.23
CA SER A 25 -18.50 -31.36 13.46
C SER A 25 -19.48 -30.67 14.40
N CYS A 26 -20.75 -31.07 14.38
CA CYS A 26 -21.73 -30.67 15.40
C CYS A 26 -22.14 -31.80 16.34
N ALA A 27 -21.39 -32.90 16.36
CA ALA A 27 -21.57 -33.97 17.31
C ALA A 27 -20.65 -33.69 18.50
N GLU A 28 -21.24 -33.35 19.66
CA GLU A 28 -20.40 -33.19 20.85
C GLU A 28 -19.90 -34.52 21.40
N THR A 29 -20.17 -35.59 20.64
CA THR A 29 -19.78 -36.96 20.92
C THR A 29 -19.19 -37.63 19.67
N GLN A 30 -18.34 -36.90 18.91
CA GLN A 30 -17.78 -37.43 17.67
C GLN A 30 -16.52 -38.25 17.91
N PHE A 31 -15.75 -37.92 18.95
CA PHE A 31 -14.54 -38.64 19.31
C PHE A 31 -14.66 -39.18 20.73
N ASP A 32 -13.88 -40.23 21.01
CA ASP A 32 -13.83 -40.88 22.30
C ASP A 32 -12.85 -40.14 23.21
N PRO A 33 -13.34 -39.30 24.15
CA PRO A 33 -12.44 -38.40 24.88
C PRO A 33 -11.34 -39.10 25.67
N ALA A 34 -11.21 -40.41 25.54
CA ALA A 34 -10.16 -41.15 26.20
C ALA A 34 -9.16 -41.77 25.25
N LYS A 35 -9.56 -42.07 24.04
CA LYS A 35 -8.56 -42.63 23.14
C LYS A 35 -7.89 -41.51 22.36
N PRO A 36 -6.62 -41.67 21.99
CA PRO A 36 -5.92 -40.60 21.25
C PRO A 36 -6.70 -40.14 20.01
N LEU A 37 -6.62 -38.83 19.73
CA LEU A 37 -7.30 -38.25 18.56
C LEU A 37 -6.78 -38.88 17.28
N PRO A 38 -7.66 -39.32 16.39
CA PRO A 38 -7.19 -39.88 15.12
C PRO A 38 -6.86 -38.75 14.18
N ASP A 39 -5.84 -38.98 13.35
CA ASP A 39 -5.48 -38.07 12.28
C ASP A 39 -5.18 -36.67 12.79
N ALA A 40 -4.60 -36.59 13.98
CA ALA A 40 -4.33 -35.31 14.61
C ALA A 40 -3.29 -34.50 13.82
N GLN A 41 -3.20 -33.23 14.18
CA GLN A 41 -2.20 -32.31 13.65
C GLN A 41 -1.85 -31.34 14.76
N PRO A 42 -0.63 -30.78 14.74
CA PRO A 42 -0.21 -29.89 15.82
C PRO A 42 -0.94 -28.55 15.79
N ILE A 43 -0.95 -27.91 16.96
CA ILE A 43 -1.62 -26.63 17.15
C ILE A 43 -1.04 -25.95 18.38
N ALA A 44 -0.78 -24.65 18.27
CA ALA A 44 -0.18 -23.91 19.37
C ALA A 44 -1.23 -23.47 20.38
N VAL A 45 -0.99 -23.79 21.66
CA VAL A 45 -1.84 -23.36 22.76
C VAL A 45 -0.99 -22.52 23.71
N PRO A 46 -1.41 -21.31 24.11
CA PRO A 46 -2.65 -20.60 23.77
C PRO A 46 -2.61 -19.81 22.46
N ALA A 47 -3.75 -19.79 21.78
CA ALA A 47 -3.97 -19.11 20.50
C ALA A 47 -5.34 -19.51 19.95
N SER A 48 -5.94 -18.66 19.11
CA SER A 48 -6.95 -19.13 18.18
C SER A 48 -6.35 -20.19 17.25
N TYR A 49 -7.21 -21.05 16.71
CA TYR A 49 -6.75 -22.08 15.79
C TYR A 49 -7.01 -21.70 14.33
N ASN A 50 -7.83 -20.67 14.09
CA ASN A 50 -8.26 -20.31 12.74
C ASN A 50 -7.09 -19.98 11.81
N ASP A 51 -6.05 -19.34 12.31
CA ASP A 51 -5.02 -18.87 11.39
C ASP A 51 -3.76 -19.72 11.42
N GLN A 52 -3.79 -20.90 12.05
CA GLN A 52 -2.60 -21.73 12.18
C GLN A 52 -2.40 -22.74 11.07
N ASN A 53 -3.35 -22.89 10.15
CA ASN A 53 -3.19 -23.90 9.10
C ASN A 53 -3.89 -23.40 7.86
N ASP A 54 -3.08 -23.08 6.86
CA ASP A 54 -3.53 -22.48 5.62
C ASP A 54 -3.43 -23.45 4.46
N GLN A 55 -3.12 -24.72 4.71
CA GLN A 55 -3.15 -25.67 3.61
C GLN A 55 -4.53 -25.66 2.94
N THR A 56 -5.57 -25.54 3.76
CA THR A 56 -6.94 -25.28 3.34
C THR A 56 -7.51 -24.15 4.19
N THR A 57 -8.73 -23.75 3.86
CA THR A 57 -9.47 -22.78 4.64
C THR A 57 -10.38 -23.45 5.66
N ALA A 58 -10.11 -24.72 5.98
CA ALA A 58 -10.94 -25.48 6.92
C ALA A 58 -10.92 -24.87 8.31
N LEU A 59 -9.73 -24.52 8.81
CA LEU A 59 -9.65 -24.09 10.20
C LEU A 59 -10.15 -22.67 10.37
N ARG A 60 -9.86 -21.81 9.41
CA ARG A 60 -10.32 -20.43 9.49
C ARG A 60 -11.86 -20.35 9.50
N ARG A 61 -12.50 -21.20 8.70
CA ARG A 61 -13.92 -21.09 8.42
C ARG A 61 -14.74 -22.17 9.12
N HIS A 62 -14.18 -22.80 10.14
CA HIS A 62 -14.82 -23.97 10.74
C HIS A 62 -16.14 -23.60 11.39
N TYR A 63 -17.10 -24.53 11.33
CA TYR A 63 -18.39 -24.39 12.02
C TYR A 63 -18.62 -25.60 12.94
N GLY A 64 -18.59 -25.37 14.25
CA GLY A 64 -18.79 -26.47 15.19
C GLY A 64 -17.79 -26.65 16.33
N TRP A 65 -17.47 -27.92 16.64
CA TRP A 65 -16.55 -28.30 17.72
C TRP A 65 -15.14 -28.52 17.19
N VAL A 66 -14.14 -28.22 18.02
CA VAL A 66 -12.76 -28.69 17.79
C VAL A 66 -12.21 -29.36 19.06
N TRP A 67 -11.20 -30.19 18.84
CA TRP A 67 -10.72 -31.13 19.85
C TRP A 67 -9.23 -30.97 20.10
N TYR A 68 -8.84 -30.72 21.34
CA TYR A 68 -7.43 -30.74 21.71
C TYR A 68 -7.11 -31.96 22.57
N GLN A 69 -5.86 -32.38 22.51
CA GLN A 69 -5.44 -33.50 23.32
C GLN A 69 -3.98 -33.33 23.70
N ARG A 70 -3.62 -33.81 24.89
CA ARG A 70 -2.23 -33.80 25.33
C ARG A 70 -2.10 -34.56 26.65
N LYS A 71 -0.98 -35.28 26.78
CA LYS A 71 -0.68 -36.01 28.00
C LYS A 71 -0.13 -35.04 29.04
N VAL A 72 -0.51 -35.26 30.30
CA VAL A 72 -0.02 -34.47 31.42
C VAL A 72 0.61 -35.44 32.41
N THR A 73 1.68 -35.03 33.07
CA THR A 73 2.37 -35.94 33.98
C THR A 73 2.77 -35.20 35.24
N LEU A 74 2.43 -35.79 36.39
CA LEU A 74 2.72 -35.21 37.69
C LEU A 74 3.94 -35.91 38.28
N PRO A 75 5.09 -35.25 38.41
CA PRO A 75 6.29 -35.92 38.96
C PRO A 75 6.00 -36.49 40.35
N ALA A 76 6.43 -37.73 40.54
CA ALA A 76 6.12 -38.43 41.78
C ALA A 76 6.57 -37.63 43.02
N PHE A 77 7.70 -36.92 42.93
CA PHE A 77 8.16 -36.17 44.10
C PHE A 77 7.33 -34.93 44.40
N CYS A 78 6.25 -34.68 43.66
CA CYS A 78 5.42 -33.49 43.84
C CYS A 78 4.11 -33.87 44.54
N ALA A 79 4.20 -34.35 45.78
CA ALA A 79 3.03 -34.99 46.38
C ALA A 79 2.54 -34.25 47.62
N GLY A 80 1.42 -34.74 48.15
CA GLY A 80 0.73 -34.20 49.30
C GLY A 80 -0.03 -32.92 49.06
N GLN A 81 -0.20 -32.51 47.80
CA GLN A 81 -0.80 -31.23 47.47
C GLN A 81 -2.17 -31.43 46.81
N ARG A 82 -2.98 -30.37 46.88
CA ARG A 82 -4.20 -30.30 46.08
C ARG A 82 -3.83 -29.81 44.67
N VAL A 83 -4.44 -30.43 43.65
CA VAL A 83 -4.03 -30.26 42.26
C VAL A 83 -5.19 -29.68 41.45
N VAL A 84 -4.96 -28.52 40.83
CA VAL A 84 -5.99 -27.71 40.19
C VAL A 84 -5.67 -27.57 38.70
N LEU A 85 -6.63 -27.91 37.86
CA LEU A 85 -6.56 -27.66 36.43
C LEU A 85 -7.31 -26.38 36.11
N ARG A 86 -6.64 -25.43 35.47
CA ARG A 86 -7.20 -24.12 35.21
C ARG A 86 -7.07 -23.74 33.75
N PHE A 87 -8.14 -23.21 33.16
CA PHE A 87 -8.09 -22.59 31.83
C PHE A 87 -8.42 -21.12 31.94
N GLY A 88 -7.58 -20.28 31.34
CA GLY A 88 -7.84 -18.86 31.33
C GLY A 88 -9.06 -18.49 30.51
N SER A 89 -9.37 -19.28 29.49
CA SER A 89 -10.58 -19.16 28.67
C SER A 89 -10.60 -20.30 27.67
N VAL A 90 -11.80 -20.62 27.19
CA VAL A 90 -12.00 -21.46 26.00
C VAL A 90 -13.24 -20.93 25.26
N THR A 91 -13.05 -20.51 24.01
CA THR A 91 -14.08 -19.81 23.25
C THR A 91 -14.77 -20.79 22.29
N HIS A 92 -16.07 -21.04 22.46
CA HIS A 92 -16.96 -20.37 23.41
C HIS A 92 -17.47 -21.26 24.57
N THR A 93 -17.68 -22.54 24.24
CA THR A 93 -18.22 -23.56 25.12
C THR A 93 -17.20 -24.68 25.19
N ALA A 94 -16.97 -25.21 26.40
CA ALA A 94 -15.93 -26.20 26.61
C ALA A 94 -16.48 -27.43 27.31
N LYS A 95 -15.63 -28.45 27.38
CA LYS A 95 -15.97 -29.77 27.89
C LYS A 95 -14.67 -30.52 28.05
N VAL A 96 -14.16 -30.65 29.26
CA VAL A 96 -12.83 -31.21 29.47
C VAL A 96 -12.92 -32.59 30.12
N TRP A 97 -12.04 -33.51 29.69
CA TRP A 97 -11.93 -34.85 30.25
C TRP A 97 -10.49 -35.23 30.57
N LEU A 98 -10.36 -36.04 31.64
CA LEU A 98 -9.07 -36.57 32.11
C LEU A 98 -9.18 -38.09 32.18
N ASN A 99 -8.31 -38.77 31.44
CA ASN A 99 -8.47 -40.21 31.19
C ASN A 99 -9.92 -40.63 30.97
N GLY A 100 -10.67 -39.85 30.16
CA GLY A 100 -12.04 -40.18 29.80
C GLY A 100 -13.12 -39.55 30.66
N GLN A 101 -12.75 -38.91 31.77
CA GLN A 101 -13.71 -38.51 32.80
C GLN A 101 -14.06 -37.04 32.62
N LEU A 102 -15.36 -36.73 32.55
CA LEU A 102 -15.78 -35.34 32.45
C LEU A 102 -15.45 -34.59 33.74
N ILE A 103 -14.44 -33.72 33.68
CA ILE A 103 -14.07 -32.91 34.84
C ILE A 103 -14.53 -31.45 34.77
N ALA A 104 -14.93 -30.95 33.59
CA ALA A 104 -15.44 -29.58 33.58
C ALA A 104 -16.33 -29.36 32.36
N GLN A 105 -17.26 -28.40 32.49
CA GLN A 105 -18.04 -27.82 31.40
C GLN A 105 -18.12 -26.32 31.64
N HIS A 106 -18.04 -25.53 30.58
CA HIS A 106 -18.13 -24.09 30.78
C HIS A 106 -18.69 -23.43 29.54
N LYS A 107 -19.52 -22.41 29.75
CA LYS A 107 -20.15 -21.64 28.68
C LYS A 107 -19.70 -20.21 28.83
N GLY A 108 -19.16 -19.63 27.76
CA GLY A 108 -18.60 -18.29 27.79
C GLY A 108 -17.11 -18.33 27.51
N GLY A 109 -16.68 -17.63 26.47
CA GLY A 109 -15.35 -17.74 25.93
C GLY A 109 -14.32 -16.82 26.50
N PHE A 110 -14.67 -15.93 27.43
CA PHE A 110 -13.70 -14.97 27.93
C PHE A 110 -13.61 -14.92 29.46
N THR A 111 -14.12 -15.92 30.15
CA THR A 111 -13.93 -16.01 31.59
C THR A 111 -13.31 -17.34 31.95
N PRO A 112 -12.59 -17.42 33.07
CA PRO A 112 -11.84 -18.64 33.38
C PRO A 112 -12.67 -19.64 34.19
N PHE A 113 -12.19 -20.88 34.20
CA PHE A 113 -12.82 -21.91 34.99
C PHE A 113 -11.78 -22.96 35.38
N GLU A 114 -12.04 -23.62 36.52
CA GLU A 114 -11.15 -24.58 37.20
C GLU A 114 -11.80 -25.95 37.36
N ALA A 115 -10.93 -26.97 37.45
CA ALA A 115 -11.29 -28.31 37.90
C ALA A 115 -10.27 -28.78 38.95
N ASP A 116 -10.78 -29.33 40.05
CA ASP A 116 -9.95 -29.94 41.10
C ASP A 116 -9.70 -31.39 40.70
N VAL A 117 -8.44 -31.75 40.50
CA VAL A 117 -8.11 -33.06 39.95
C VAL A 117 -7.23 -33.88 40.90
N THR A 118 -7.23 -33.53 42.19
CA THR A 118 -6.27 -34.14 43.11
C THR A 118 -6.39 -35.67 43.16
N ALA A 119 -7.58 -36.20 42.91
CA ALA A 119 -7.78 -37.64 42.96
C ALA A 119 -7.77 -38.30 41.60
N LEU A 120 -7.75 -37.54 40.50
CA LEU A 120 -7.68 -38.14 39.18
C LEU A 120 -6.26 -38.16 38.62
N LEU A 121 -5.36 -37.36 39.19
CA LEU A 121 -3.93 -37.36 38.84
C LEU A 121 -3.12 -37.56 40.11
N GLN A 122 -2.59 -38.75 40.27
CA GLN A 122 -1.74 -38.91 41.44
C GLN A 122 -0.28 -38.74 41.05
N PRO A 123 0.54 -38.29 41.99
CA PRO A 123 2.00 -38.27 41.74
C PRO A 123 2.49 -39.53 41.05
N GLY A 124 3.37 -39.38 40.07
CA GLY A 124 3.83 -40.49 39.27
C GLY A 124 2.96 -40.85 38.08
N GLU A 125 1.75 -40.28 37.96
CA GLU A 125 0.84 -40.71 36.91
C GLU A 125 0.92 -39.83 35.65
N THR A 126 0.67 -40.48 34.51
CA THR A 126 0.51 -39.82 33.22
C THR A 126 -0.95 -39.98 32.78
N ALA A 127 -1.69 -38.87 32.78
CA ALA A 127 -3.10 -38.82 32.40
C ALA A 127 -3.27 -38.07 31.08
N LEU A 128 -4.37 -38.34 30.39
CA LEU A 128 -4.60 -37.83 29.04
C LEU A 128 -5.67 -36.73 29.05
N LEU A 129 -5.24 -35.50 28.76
CA LEU A 129 -6.14 -34.35 28.78
C LEU A 129 -6.77 -34.14 27.40
N THR A 130 -8.09 -34.06 27.37
CA THR A 130 -8.86 -33.80 26.18
C THR A 130 -9.74 -32.59 26.45
N VAL A 131 -9.83 -31.67 25.47
CA VAL A 131 -10.70 -30.50 25.54
C VAL A 131 -11.52 -30.43 24.25
N ALA A 132 -12.82 -30.19 24.38
CA ALA A 132 -13.70 -29.97 23.25
C ALA A 132 -14.16 -28.52 23.26
N CYS A 133 -14.04 -27.86 22.10
CA CYS A 133 -14.24 -26.42 21.96
C CYS A 133 -15.26 -26.15 20.86
N ASP A 134 -16.33 -25.44 21.21
CA ASP A 134 -17.44 -25.15 20.30
C ASP A 134 -17.41 -23.68 19.94
N ASN A 135 -17.33 -23.38 18.64
CA ASN A 135 -17.21 -21.99 18.22
C ASN A 135 -18.56 -21.33 17.93
N ARG A 136 -19.66 -22.09 18.01
CA ARG A 136 -20.92 -21.62 17.49
C ARG A 136 -21.51 -20.50 18.33
N VAL A 137 -22.06 -19.51 17.66
CA VAL A 137 -22.73 -18.41 18.32
C VAL A 137 -24.17 -18.39 17.82
N ASN A 138 -25.05 -17.81 18.65
CA ASN A 138 -26.48 -17.80 18.39
C ASN A 138 -27.19 -17.00 19.46
N HIS A 139 -28.50 -17.24 19.62
CA HIS A 139 -29.32 -16.46 20.54
C HIS A 139 -29.10 -16.81 22.02
N SER A 140 -28.34 -17.87 22.32
CA SER A 140 -27.97 -18.20 23.69
C SER A 140 -26.57 -17.74 24.08
N THR A 141 -25.79 -17.15 23.15
CA THR A 141 -24.38 -16.86 23.37
C THR A 141 -24.10 -15.41 23.71
N LEU A 142 -22.98 -15.20 24.40
CA LEU A 142 -22.40 -13.88 24.65
C LEU A 142 -20.95 -14.00 24.20
N PRO A 143 -20.62 -13.48 23.00
CA PRO A 143 -21.46 -12.66 22.13
C PRO A 143 -22.49 -13.38 21.25
N VAL A 144 -23.53 -12.62 20.91
CA VAL A 144 -24.75 -13.12 20.28
C VAL A 144 -24.52 -13.47 18.82
N GLY A 145 -25.01 -14.65 18.39
CA GLY A 145 -25.06 -14.99 16.99
C GLY A 145 -26.46 -14.79 16.40
N ASN A 146 -26.62 -15.20 15.14
CA ASN A 146 -27.84 -14.94 14.38
C ASN A 146 -28.30 -16.22 13.71
N GLU A 147 -29.46 -16.73 14.12
CA GLU A 147 -29.98 -17.97 13.59
C GLU A 147 -30.75 -17.69 12.31
N ASP A 148 -31.47 -18.69 11.81
CA ASP A 148 -31.82 -18.74 10.40
C ASP A 148 -32.73 -17.58 10.00
N GLY A 149 -32.48 -17.03 8.81
CA GLY A 149 -33.20 -15.89 8.29
C GLY A 149 -32.73 -14.54 8.79
N GLN A 150 -31.47 -14.43 9.19
CA GLN A 150 -30.91 -13.16 9.65
C GLN A 150 -29.48 -13.07 9.13
N LEU A 151 -29.13 -11.89 8.64
CA LEU A 151 -27.80 -11.64 8.10
C LEU A 151 -26.77 -11.57 9.22
N ALA A 152 -25.51 -11.75 8.86
CA ALA A 152 -24.45 -11.36 9.77
C ALA A 152 -24.42 -9.84 9.89
N PHE A 153 -24.08 -9.35 11.08
CA PHE A 153 -23.96 -7.91 11.35
C PHE A 153 -23.10 -7.21 10.29
N PHE A 154 -23.60 -6.09 9.78
CA PHE A 154 -23.02 -5.34 8.65
C PHE A 154 -23.04 -6.11 7.35
N GLY A 155 -23.87 -7.14 7.25
CA GLY A 155 -23.86 -7.99 6.08
C GLY A 155 -24.73 -7.43 4.99
N SER A 156 -24.71 -8.11 3.85
CA SER A 156 -25.35 -7.62 2.64
C SER A 156 -26.08 -8.76 1.96
N ASP A 157 -27.21 -8.44 1.34
CA ASP A 157 -28.06 -9.43 0.71
C ASP A 157 -28.76 -8.78 -0.48
N ASN A 158 -29.34 -9.61 -1.35
CA ASN A 158 -30.40 -9.19 -2.27
C ASN A 158 -31.60 -10.01 -1.82
N ALA A 159 -32.32 -9.46 -0.85
CA ALA A 159 -33.35 -10.15 -0.09
C ALA A 159 -34.12 -11.22 -0.86
N GLY A 160 -34.93 -10.84 -1.86
CA GLY A 160 -35.96 -11.75 -2.31
C GLY A 160 -35.73 -12.56 -3.57
N ILE A 161 -34.60 -12.40 -4.24
CA ILE A 161 -34.42 -13.02 -5.54
C ILE A 161 -34.35 -14.53 -5.34
N PRO A 162 -35.26 -15.31 -5.93
CA PRO A 162 -35.31 -16.75 -5.61
C PRO A 162 -33.96 -17.46 -5.75
N SER A 163 -33.16 -17.08 -6.75
CA SER A 163 -31.87 -17.71 -6.96
C SER A 163 -30.95 -17.50 -5.75
N VAL A 164 -30.98 -16.31 -5.17
CA VAL A 164 -30.22 -16.07 -3.95
C VAL A 164 -30.83 -16.84 -2.81
N GLU A 165 -32.15 -16.99 -2.82
CA GLU A 165 -32.85 -17.61 -1.69
C GLU A 165 -32.65 -19.11 -1.68
N ALA A 166 -32.61 -19.73 -2.87
CA ALA A 166 -32.26 -21.13 -2.95
C ALA A 166 -30.83 -21.37 -2.50
N ALA A 167 -29.93 -20.47 -2.90
CA ALA A 167 -28.53 -20.62 -2.53
C ALA A 167 -28.33 -20.54 -1.02
N LYS A 168 -29.11 -19.73 -0.31
CA LYS A 168 -28.97 -19.65 1.14
C LYS A 168 -29.41 -20.95 1.81
N ARG A 169 -30.58 -21.48 1.45
CA ARG A 169 -31.05 -22.71 2.06
C ARG A 169 -30.09 -23.87 1.82
N ALA A 170 -29.38 -23.84 0.69
CA ALA A 170 -28.47 -24.92 0.33
C ALA A 170 -27.02 -24.66 0.74
N ALA A 171 -26.71 -23.50 1.31
CA ALA A 171 -25.32 -23.16 1.54
C ALA A 171 -24.78 -23.90 2.77
N ALA A 172 -23.46 -24.01 2.85
CA ALA A 172 -22.86 -24.60 4.02
C ALA A 172 -23.13 -23.72 5.24
N PRO A 173 -23.43 -24.31 6.39
CA PRO A 173 -23.71 -23.50 7.59
C PRO A 173 -22.44 -22.80 8.06
N GLN A 174 -22.63 -21.73 8.82
CA GLN A 174 -21.54 -20.87 9.25
C GLN A 174 -22.09 -19.86 10.23
N ASN A 175 -21.34 -19.61 11.30
CA ASN A 175 -21.74 -18.63 12.29
C ASN A 175 -21.99 -17.28 11.63
N ARG A 176 -23.05 -16.59 12.06
CA ARG A 176 -23.33 -15.23 11.61
C ARG A 176 -23.24 -14.32 12.82
N PRO A 177 -22.04 -13.87 13.16
CA PRO A 177 -21.91 -12.93 14.28
C PRO A 177 -22.87 -11.77 14.12
N ASN A 178 -23.57 -11.47 15.20
CA ASN A 178 -24.20 -10.18 15.36
C ASN A 178 -23.29 -9.20 16.09
N PHE A 179 -21.99 -9.26 15.82
CA PHE A 179 -20.99 -8.37 16.38
C PHE A 179 -19.90 -8.14 15.31
N ASP A 180 -19.35 -6.92 15.26
CA ASP A 180 -18.40 -6.52 14.21
C ASP A 180 -16.98 -6.87 14.63
N PHE A 181 -16.72 -8.18 14.71
CA PHE A 181 -15.38 -8.71 14.76
C PHE A 181 -15.45 -10.18 14.42
N PHE A 182 -14.29 -10.77 14.23
CA PHE A 182 -14.23 -12.12 13.72
C PHE A 182 -14.40 -13.10 14.87
N ASN A 183 -15.04 -14.22 14.59
CA ASN A 183 -15.33 -15.17 15.65
C ASN A 183 -14.20 -16.19 15.79
N TYR A 184 -13.05 -15.62 16.12
CA TYR A 184 -11.90 -16.39 16.58
C TYR A 184 -12.31 -17.27 17.76
N ALA A 185 -11.82 -18.52 17.77
CA ALA A 185 -12.18 -19.51 18.78
C ALA A 185 -10.98 -20.40 19.10
N GLY A 186 -11.01 -21.00 20.29
CA GLY A 186 -10.00 -21.95 20.75
C GLY A 186 -9.65 -21.70 22.20
N ILE A 187 -8.49 -22.22 22.61
CA ILE A 187 -7.97 -22.03 23.95
C ILE A 187 -7.09 -20.78 23.90
N HIS A 188 -7.62 -19.66 24.37
CA HIS A 188 -6.96 -18.38 24.12
C HIS A 188 -5.99 -17.98 25.20
N ARG A 189 -6.27 -18.33 26.44
CA ARG A 189 -5.45 -17.92 27.55
C ARG A 189 -4.75 -19.13 28.17
N PRO A 190 -3.69 -18.92 28.96
CA PRO A 190 -2.80 -20.05 29.29
C PRO A 190 -3.47 -21.08 30.19
N VAL A 191 -3.35 -22.34 29.80
CA VAL A 191 -3.63 -23.47 30.67
C VAL A 191 -2.54 -23.58 31.73
N VAL A 192 -2.91 -24.10 32.89
CA VAL A 192 -2.09 -24.02 34.08
C VAL A 192 -2.49 -25.16 35.01
N LEU A 193 -1.49 -25.88 35.51
CA LEU A 193 -1.63 -26.90 36.53
C LEU A 193 -1.01 -26.34 37.81
N TYR A 194 -1.81 -26.06 38.83
CA TYR A 194 -1.23 -25.53 40.05
C TYR A 194 -1.67 -26.31 41.29
N THR A 195 -0.87 -26.17 42.34
CA THR A 195 -1.03 -26.96 43.55
C THR A 195 -1.28 -26.04 44.73
N THR A 196 -2.12 -26.47 45.64
CA THR A 196 -2.20 -25.80 46.92
C THR A 196 -2.06 -26.78 48.06
N PRO A 197 -1.75 -26.28 49.26
CA PRO A 197 -1.99 -27.08 50.46
C PRO A 197 -3.40 -27.66 50.44
N LYS A 198 -3.55 -28.81 51.14
CA LYS A 198 -4.85 -29.49 51.23
C LYS A 198 -5.89 -28.61 51.92
N GLU A 199 -5.46 -27.76 52.86
CA GLU A 199 -6.28 -26.70 53.45
C GLU A 199 -5.65 -25.38 53.02
N TYR A 200 -6.35 -24.64 52.14
CA TYR A 200 -5.78 -23.56 51.33
C TYR A 200 -6.62 -22.30 51.43
N ILE A 201 -6.01 -21.20 50.99
CA ILE A 201 -6.69 -19.90 50.90
C ILE A 201 -7.50 -19.83 49.61
N GLU A 202 -8.73 -19.33 49.71
CA GLU A 202 -9.66 -19.44 48.60
C GLU A 202 -10.02 -18.12 47.91
N ASP A 203 -10.05 -17.01 48.63
CA ASP A 203 -10.60 -15.78 48.08
C ASP A 203 -10.12 -14.62 48.94
N VAL A 204 -9.85 -13.50 48.29
CA VAL A 204 -9.29 -12.32 48.94
C VAL A 204 -10.04 -11.11 48.39
N THR A 205 -10.63 -10.31 49.26
CA THR A 205 -11.28 -9.08 48.85
C THR A 205 -10.66 -7.93 49.61
N ILE A 206 -10.33 -6.87 48.89
CA ILE A 206 -9.64 -5.70 49.43
C ILE A 206 -10.44 -4.47 48.98
N VAL A 207 -11.08 -3.81 49.94
CA VAL A 207 -11.67 -2.50 49.71
C VAL A 207 -10.83 -1.45 50.42
N PRO A 208 -10.02 -0.72 49.68
CA PRO A 208 -9.12 0.26 50.30
C PRO A 208 -9.69 1.66 50.27
N ALA A 209 -9.64 2.38 51.38
CA ALA A 209 -10.02 3.79 51.37
C ALA A 209 -8.77 4.63 51.53
N VAL A 210 -8.98 5.94 51.41
CA VAL A 210 -7.88 6.85 51.06
C VAL A 210 -7.21 7.47 52.28
N ASP A 211 -7.90 7.54 53.41
CA ASP A 211 -7.24 7.90 54.66
C ASP A 211 -6.12 6.93 54.98
N GLY A 212 -6.23 5.68 54.53
CA GLY A 212 -5.25 4.68 54.83
C GLY A 212 -5.89 3.36 55.18
N THR A 213 -7.07 3.44 55.80
CA THR A 213 -7.80 2.25 56.20
C THR A 213 -8.12 1.39 55.00
N VAL A 214 -7.95 0.07 55.16
CA VAL A 214 -8.08 -0.89 54.08
C VAL A 214 -8.86 -2.07 54.63
N GLN A 215 -10.15 -2.14 54.32
CA GLN A 215 -10.98 -3.27 54.74
C GLN A 215 -10.53 -4.53 54.01
N TYR A 216 -10.68 -5.67 54.65
CA TYR A 216 -10.22 -6.91 54.02
C TYR A 216 -11.00 -8.12 54.52
N ALA A 217 -10.76 -9.24 53.84
CA ALA A 217 -11.47 -10.49 54.07
C ALA A 217 -10.84 -11.61 53.24
N VAL A 218 -10.24 -12.58 53.91
CA VAL A 218 -9.66 -13.75 53.27
C VAL A 218 -10.54 -14.93 53.65
N LYS A 219 -10.74 -15.86 52.72
CA LYS A 219 -11.58 -17.02 52.98
C LYS A 219 -10.71 -18.27 52.93
N THR A 220 -10.58 -18.93 54.08
CA THR A 220 -9.77 -20.13 54.28
C THR A 220 -10.66 -21.37 54.39
N THR A 221 -10.14 -22.49 53.91
CA THR A 221 -10.82 -23.77 54.11
C THR A 221 -10.46 -24.43 55.43
N GLY A 222 -9.23 -24.24 55.94
CA GLY A 222 -8.80 -24.92 57.16
C GLY A 222 -9.36 -24.38 58.46
N SER A 223 -8.53 -24.42 59.51
CA SER A 223 -8.91 -23.88 60.81
C SER A 223 -7.87 -22.94 61.39
N ALA A 224 -6.70 -22.81 60.78
CA ALA A 224 -5.63 -22.05 61.37
C ALA A 224 -5.98 -20.56 61.41
N PRO A 225 -5.46 -19.82 62.38
CA PRO A 225 -5.64 -18.36 62.35
C PRO A 225 -4.97 -17.77 61.13
N VAL A 226 -5.50 -16.63 60.69
CA VAL A 226 -5.04 -15.98 59.47
C VAL A 226 -4.37 -14.68 59.88
N ARG A 227 -3.17 -14.45 59.36
CA ARG A 227 -2.44 -13.22 59.61
C ARG A 227 -2.08 -12.61 58.26
N VAL A 228 -2.21 -11.29 58.17
CA VAL A 228 -1.90 -10.57 56.94
C VAL A 228 -0.99 -9.38 57.25
N THR A 229 -0.05 -9.12 56.36
CA THR A 229 0.82 -7.95 56.41
C THR A 229 0.72 -7.20 55.07
N VAL A 230 0.70 -5.88 55.13
CA VAL A 230 0.73 -5.08 53.92
C VAL A 230 2.17 -4.71 53.58
N LEU A 231 2.62 -5.17 52.40
CA LEU A 231 3.95 -4.88 51.86
C LEU A 231 3.87 -3.71 50.89
N ASP A 232 4.63 -2.65 51.18
CA ASP A 232 4.75 -1.54 50.26
C ASP A 232 5.58 -1.95 49.03
N ALA A 233 5.74 -1.00 48.09
CA ALA A 233 6.36 -1.29 46.79
C ALA A 233 7.71 -1.99 46.92
N ASP A 234 8.47 -1.70 47.98
CA ASP A 234 9.77 -2.35 48.16
C ASP A 234 9.67 -3.69 48.88
N GLY A 235 8.47 -4.11 49.28
CA GLY A 235 8.32 -5.36 49.99
C GLY A 235 8.57 -5.23 51.47
N ASN A 236 8.28 -4.06 52.05
CA ASN A 236 8.49 -3.79 53.46
C ASN A 236 7.16 -3.92 54.18
N ALA A 237 7.14 -4.65 55.28
CA ALA A 237 5.95 -4.64 56.13
C ALA A 237 5.80 -3.26 56.78
N VAL A 238 4.70 -2.58 56.46
CA VAL A 238 4.38 -1.31 57.11
C VAL A 238 3.14 -1.39 58.00
N ALA A 239 2.43 -2.52 58.00
CA ALA A 239 1.41 -2.82 59.00
C ALA A 239 1.04 -4.29 58.84
N SER A 240 0.25 -4.78 59.80
CA SER A 240 -0.05 -6.20 59.93
C SER A 240 -1.33 -6.36 60.74
N ALA A 241 -1.91 -7.55 60.72
CA ALA A 241 -3.09 -7.82 61.53
C ALA A 241 -3.31 -9.32 61.63
N GLU A 242 -4.03 -9.71 62.68
CA GLU A 242 -4.23 -11.13 63.03
C GLU A 242 -5.72 -11.40 63.19
N SER A 243 -6.33 -11.87 62.11
CA SER A 243 -7.77 -12.07 61.95
C SER A 243 -8.05 -12.23 60.46
N ALA A 244 -9.00 -13.08 60.11
CA ALA A 244 -9.24 -13.29 58.70
C ALA A 244 -9.95 -12.09 58.06
N GLU A 245 -10.66 -11.26 58.84
CA GLU A 245 -11.36 -10.10 58.31
C GLU A 245 -11.18 -8.88 59.21
N GLY A 246 -11.15 -7.71 58.58
CA GLY A 246 -11.11 -6.47 59.31
C GLY A 246 -10.54 -5.26 58.59
N THR A 247 -9.69 -4.52 59.28
CA THR A 247 -9.19 -3.24 58.78
C THR A 247 -7.74 -3.11 59.20
N ILE A 248 -6.85 -2.85 58.24
CA ILE A 248 -5.50 -2.41 58.54
C ILE A 248 -5.35 -0.98 58.07
N THR A 249 -4.65 -0.17 58.85
CA THR A 249 -4.34 1.19 58.44
C THR A 249 -2.92 1.22 57.90
N ILE A 250 -2.77 1.85 56.74
CA ILE A 250 -1.46 2.06 56.12
C ILE A 250 -0.96 3.42 56.56
N PRO A 251 0.13 3.49 57.32
CA PRO A 251 0.72 4.79 57.65
C PRO A 251 1.27 5.45 56.39
N GLU A 252 0.98 6.74 56.25
CA GLU A 252 1.30 7.53 55.06
C GLU A 252 1.06 6.78 53.75
N VAL A 253 -0.20 6.68 53.32
CA VAL A 253 -0.51 5.93 52.11
C VAL A 253 0.09 6.60 50.89
N HIS A 254 0.43 5.76 49.90
CA HIS A 254 0.73 6.22 48.55
C HIS A 254 -0.47 5.91 47.68
N LEU A 255 -1.07 6.96 47.11
CA LEU A 255 -2.25 6.78 46.28
C LEU A 255 -1.86 6.29 44.90
N TRP A 256 -2.69 5.41 44.35
CA TRP A 256 -2.51 4.92 42.99
C TRP A 256 -3.03 5.96 41.99
N GLU A 257 -2.22 6.27 40.99
CA GLU A 257 -2.67 7.26 40.02
C GLU A 257 -2.11 6.94 38.64
N PRO A 258 -2.85 7.23 37.57
CA PRO A 258 -2.27 7.16 36.22
C PRO A 258 -1.30 8.31 36.02
N ARG A 259 -0.48 8.21 34.96
CA ARG A 259 0.42 9.31 34.61
C ARG A 259 -0.41 10.58 34.44
N PRO A 260 0.04 11.73 34.96
CA PRO A 260 1.34 12.02 35.58
C PRO A 260 1.61 11.20 36.82
N GLY A 261 0.54 10.84 37.55
CA GLY A 261 0.68 10.27 38.86
C GLY A 261 1.50 8.99 38.88
N THR A 262 1.94 8.63 40.09
CA THR A 262 2.68 7.39 40.26
C THR A 262 1.70 6.26 40.54
N PRO A 263 1.75 5.14 39.79
CA PRO A 263 0.83 4.02 40.04
C PRO A 263 1.31 3.08 41.14
N TYR A 264 0.93 3.36 42.38
CA TYR A 264 1.52 2.69 43.55
C TYR A 264 0.67 1.48 43.96
N LEU A 265 1.33 0.33 44.05
CA LEU A 265 0.66 -0.93 44.37
C LEU A 265 1.30 -1.56 45.60
N TYR A 266 0.52 -1.68 46.67
CA TYR A 266 0.97 -2.51 47.77
C TYR A 266 0.61 -3.97 47.50
N THR A 267 0.98 -4.83 48.43
CA THR A 267 0.58 -6.22 48.37
C THR A 267 -0.01 -6.59 49.71
N LEU A 268 -1.01 -7.45 49.70
CA LEU A 268 -1.52 -8.05 50.92
C LEU A 268 -0.85 -9.40 51.05
N HIS A 269 0.19 -9.47 51.90
CA HIS A 269 0.78 -10.75 52.28
C HIS A 269 -0.15 -11.46 53.25
N ALA A 270 -0.69 -12.61 52.84
CA ALA A 270 -1.70 -13.32 53.62
C ALA A 270 -1.28 -14.78 53.77
N THR A 271 -1.13 -15.23 55.02
CA THR A 271 -0.79 -16.61 55.31
C THR A 271 -1.82 -17.23 56.23
N CYS A 272 -2.09 -18.50 55.99
CA CYS A 272 -3.01 -19.29 56.79
C CYS A 272 -2.40 -20.69 56.79
N GLY A 273 -1.95 -21.14 57.96
CA GLY A 273 -1.39 -22.46 58.04
C GLY A 273 -0.11 -22.53 57.24
N ALA A 274 0.03 -23.60 56.46
CA ALA A 274 1.18 -23.81 55.59
C ALA A 274 1.15 -22.96 54.33
N ASP A 275 0.14 -22.09 54.15
CA ASP A 275 -0.19 -21.49 52.88
C ASP A 275 0.06 -19.99 52.84
N VAL A 276 0.42 -19.50 51.64
CA VAL A 276 0.69 -18.09 51.35
C VAL A 276 -0.03 -17.66 50.07
N TYR A 277 -0.50 -16.41 50.05
CA TYR A 277 -1.02 -15.79 48.82
C TYR A 277 -0.84 -14.28 48.91
N ASP A 278 -0.45 -13.67 47.79
CA ASP A 278 -0.23 -12.24 47.71
C ASP A 278 -1.27 -11.63 46.76
N GLN A 279 -2.04 -10.67 47.26
CA GLN A 279 -2.99 -9.95 46.43
C GLN A 279 -2.47 -8.54 46.23
N THR A 280 -2.05 -8.24 45.00
CA THR A 280 -1.79 -6.87 44.61
C THR A 280 -3.06 -6.05 44.73
N PHE A 281 -2.89 -4.79 45.13
CA PHE A 281 -4.01 -3.86 45.30
C PHE A 281 -3.45 -2.45 45.30
N GLY A 282 -4.24 -1.51 44.80
CA GLY A 282 -3.84 -0.13 44.82
C GLY A 282 -4.84 0.67 45.62
N VAL A 283 -4.45 1.84 46.10
CA VAL A 283 -5.27 2.62 47.02
C VAL A 283 -5.67 3.91 46.33
N ARG A 284 -6.93 3.98 45.90
CA ARG A 284 -7.47 5.15 45.20
C ARG A 284 -8.99 5.15 45.33
N SER A 285 -9.56 6.33 45.20
CA SER A 285 -11.00 6.52 45.20
C SER A 285 -11.53 6.95 43.82
N ILE A 286 -12.76 6.53 43.52
CA ILE A 286 -13.56 6.97 42.38
C ILE A 286 -14.94 7.36 42.89
N GLU A 287 -15.33 8.61 42.65
CA GLU A 287 -16.66 9.07 43.00
C GLU A 287 -17.28 9.83 41.85
N VAL A 288 -18.53 9.51 41.53
CA VAL A 288 -19.32 10.28 40.57
C VAL A 288 -20.13 11.31 41.34
N ARG A 289 -19.65 12.54 41.37
CA ARG A 289 -20.31 13.65 42.05
C ARG A 289 -20.83 14.62 41.01
N GLY A 290 -22.15 14.61 40.80
CA GLY A 290 -22.78 15.53 39.87
C GLY A 290 -22.50 15.15 38.43
N THR A 291 -21.93 16.09 37.67
CA THR A 291 -21.48 15.82 36.31
C THR A 291 -19.98 15.63 36.21
N GLN A 292 -19.34 15.21 37.31
CA GLN A 292 -17.90 15.00 37.34
C GLN A 292 -17.57 13.58 37.79
N VAL A 293 -16.38 13.15 37.41
CA VAL A 293 -15.83 11.88 37.84
C VAL A 293 -14.55 12.20 38.58
N LEU A 294 -14.59 12.14 39.91
CA LEU A 294 -13.42 12.44 40.73
C LEU A 294 -12.62 11.17 40.94
N LEU A 295 -11.33 11.23 40.66
CA LEU A 295 -10.37 10.18 41.00
C LEU A 295 -9.48 10.75 42.08
N ASN A 296 -9.46 10.10 43.24
CA ASN A 296 -8.82 10.67 44.43
C ASN A 296 -9.26 12.12 44.65
N GLY A 297 -10.55 12.37 44.52
CA GLY A 297 -11.04 13.72 44.69
C GLY A 297 -10.71 14.70 43.57
N LYS A 298 -9.89 14.29 42.55
CA LYS A 298 -9.53 15.23 41.47
C LYS A 298 -10.34 14.95 40.20
N PRO A 299 -10.92 15.95 39.55
CA PRO A 299 -11.81 15.66 38.41
C PRO A 299 -11.03 15.06 37.23
N LEU A 300 -11.57 13.99 36.68
CA LEU A 300 -10.86 13.12 35.75
C LEU A 300 -11.31 13.34 34.31
N TYR A 301 -10.39 13.14 33.37
CA TYR A 301 -10.73 13.08 31.94
C TYR A 301 -10.08 11.86 31.29
N PHE A 302 -10.80 11.24 30.36
CA PHE A 302 -10.45 9.94 29.79
C PHE A 302 -9.97 10.10 28.35
N LYS A 303 -8.68 10.31 28.17
CA LYS A 303 -8.07 10.16 26.86
C LYS A 303 -7.89 8.66 26.61
N GLY A 304 -8.97 8.02 26.15
CA GLY A 304 -9.05 6.58 26.05
C GLY A 304 -8.92 6.01 24.64
N PHE A 305 -8.67 4.69 24.61
CA PHE A 305 -8.69 3.82 23.43
C PHE A 305 -9.69 2.71 23.66
N CYS A 306 -10.47 2.38 22.64
CA CYS A 306 -11.14 1.08 22.59
C CYS A 306 -10.15 0.12 21.99
N LYS A 307 -9.85 -0.97 22.67
CA LYS A 307 -8.91 -1.94 22.12
C LYS A 307 -9.71 -3.15 21.68
N HIS A 308 -8.99 -4.17 21.23
CA HIS A 308 -9.53 -5.50 20.99
C HIS A 308 -8.47 -6.50 21.44
N GLU A 309 -8.80 -7.78 21.40
CA GLU A 309 -7.77 -8.80 21.45
C GLU A 309 -7.62 -9.39 20.06
N ASP A 310 -6.65 -8.89 19.31
CA ASP A 310 -6.49 -9.32 17.93
C ASP A 310 -5.07 -9.06 17.46
N PHE A 311 -4.48 -10.05 16.80
CA PHE A 311 -3.14 -9.93 16.28
C PHE A 311 -2.92 -11.06 15.29
N THR A 312 -1.93 -10.86 14.41
CA THR A 312 -1.58 -11.85 13.39
C THR A 312 -1.33 -13.21 14.01
N ALA A 313 -1.74 -14.27 13.30
CA ALA A 313 -1.44 -15.65 13.71
C ALA A 313 -2.11 -16.00 15.04
N HIS A 314 -1.79 -15.24 16.08
CA HIS A 314 -2.35 -15.44 17.41
C HIS A 314 -3.88 -15.35 17.46
N GLY A 315 -4.51 -14.67 16.51
CA GLY A 315 -5.95 -14.49 16.57
C GLY A 315 -6.37 -13.68 17.79
N ARG A 316 -7.31 -14.23 18.54
CA ARG A 316 -7.72 -13.67 19.83
C ARG A 316 -6.83 -14.16 20.95
N GLY A 317 -5.86 -15.02 20.63
CA GLY A 317 -4.97 -15.56 21.63
C GLY A 317 -4.25 -14.49 22.44
N PHE A 318 -3.67 -14.95 23.54
CA PHE A 318 -2.89 -14.12 24.43
C PHE A 318 -1.50 -13.91 23.84
N ASP A 319 -1.04 -12.66 23.85
CA ASP A 319 0.35 -12.36 23.52
C ASP A 319 0.87 -11.42 24.59
N PRO A 320 1.66 -11.93 25.54
CA PRO A 320 2.30 -11.04 26.51
C PRO A 320 3.18 -9.96 25.90
N VAL A 321 3.89 -10.28 24.80
CA VAL A 321 4.77 -9.32 24.14
C VAL A 321 3.96 -8.15 23.60
N LEU A 322 2.98 -8.46 22.76
CA LEU A 322 2.08 -7.45 22.24
C LEU A 322 1.51 -6.60 23.36
N ASN A 323 1.24 -7.19 24.50
CA ASN A 323 0.72 -6.43 25.63
C ASN A 323 1.66 -5.31 26.02
N VAL A 324 2.91 -5.66 26.34
CA VAL A 324 3.91 -4.67 26.70
C VAL A 324 4.01 -3.60 25.62
N LYS A 325 4.10 -4.01 24.35
CA LYS A 325 4.07 -3.05 23.24
C LYS A 325 2.89 -2.11 23.30
N ASP A 326 1.68 -2.64 23.09
CA ASP A 326 0.46 -1.83 23.08
C ASP A 326 0.39 -0.88 24.27
N VAL A 327 1.00 -1.24 25.42
CA VAL A 327 0.85 -0.40 26.60
C VAL A 327 1.88 0.71 26.57
N ASN A 328 3.04 0.44 26.00
CA ASN A 328 3.96 1.54 25.82
C ASN A 328 3.55 2.43 24.65
N LEU A 329 2.71 1.92 23.75
CA LEU A 329 2.15 2.82 22.75
C LEU A 329 1.05 3.69 23.33
N ILE A 330 0.23 3.16 24.24
CA ILE A 330 -0.71 4.02 24.93
C ILE A 330 0.02 5.18 25.58
N HIS A 331 1.17 4.89 26.20
CA HIS A 331 1.95 5.91 26.92
C HIS A 331 2.58 6.90 25.95
N TRP A 332 3.09 6.40 24.82
CA TRP A 332 3.53 7.28 23.75
C TRP A 332 2.42 8.20 23.27
N ALA A 333 1.18 7.71 23.26
CA ALA A 333 0.06 8.49 22.77
C ALA A 333 -0.41 9.55 23.74
N ASN A 334 0.04 9.50 24.99
CA ASN A 334 -0.44 10.36 26.08
C ASN A 334 -1.84 9.99 26.50
N ALA A 335 -2.20 8.74 26.28
CA ALA A 335 -3.50 8.24 26.67
C ALA A 335 -3.45 7.82 28.14
N ASN A 336 -4.61 7.66 28.77
CA ASN A 336 -4.64 7.10 30.12
C ASN A 336 -5.66 5.98 30.34
N ALA A 337 -6.54 5.67 29.40
CA ALA A 337 -7.62 4.72 29.69
C ALA A 337 -7.84 3.78 28.53
N VAL A 338 -8.38 2.60 28.84
CA VAL A 338 -8.65 1.56 27.86
C VAL A 338 -10.05 1.03 28.15
N ARG A 339 -10.85 0.86 27.09
CA ARG A 339 -12.07 0.09 27.18
C ARG A 339 -11.83 -1.28 26.58
N THR A 340 -12.31 -2.30 27.27
CA THR A 340 -12.05 -3.69 26.91
C THR A 340 -13.18 -4.26 26.04
N SER A 341 -13.40 -3.60 24.91
CA SER A 341 -14.27 -4.11 23.85
C SER A 341 -13.85 -5.52 23.46
N HIS A 342 -14.80 -6.45 23.34
CA HIS A 342 -16.18 -6.37 23.80
C HIS A 342 -16.37 -7.58 24.68
N TYR A 343 -15.45 -7.74 25.61
CA TYR A 343 -15.34 -8.94 26.43
C TYR A 343 -14.26 -8.67 27.49
N PRO A 344 -14.24 -9.40 28.60
CA PRO A 344 -13.12 -9.26 29.52
C PRO A 344 -11.83 -9.78 28.88
N TYR A 345 -10.72 -9.15 29.20
CA TYR A 345 -9.46 -9.51 28.57
C TYR A 345 -8.75 -10.56 29.41
N ALA A 346 -7.58 -10.98 28.96
CA ALA A 346 -6.73 -11.81 29.82
C ALA A 346 -6.34 -11.03 31.06
N GLU A 347 -6.17 -11.75 32.19
CA GLU A 347 -5.90 -11.11 33.48
C GLU A 347 -4.57 -10.37 33.46
N GLU A 348 -3.58 -10.96 32.79
CA GLU A 348 -2.27 -10.33 32.71
C GLU A 348 -2.34 -8.93 32.15
N PHE A 349 -3.34 -8.65 31.30
CA PHE A 349 -3.51 -7.29 30.79
C PHE A 349 -3.84 -6.32 31.92
N TYR A 350 -4.73 -6.73 32.84
CA TYR A 350 -5.10 -5.86 33.95
C TYR A 350 -3.97 -5.76 34.96
N ASP A 351 -3.15 -6.81 35.05
CA ASP A 351 -1.98 -6.72 35.93
C ASP A 351 -0.96 -5.74 35.35
N LEU A 352 -0.89 -5.64 34.02
CA LEU A 352 0.01 -4.66 33.42
C LEU A 352 -0.56 -3.25 33.54
N CYS A 353 -1.86 -3.08 33.27
CA CYS A 353 -2.46 -1.77 33.47
C CYS A 353 -2.38 -1.34 34.93
N ASP A 354 -2.42 -2.30 35.86
CA ASP A 354 -2.20 -2.01 37.28
C ASP A 354 -0.88 -1.28 37.48
N ARG A 355 0.21 -1.88 36.99
CA ARG A 355 1.56 -1.37 37.22
C ARG A 355 1.89 -0.15 36.35
N GLU A 356 1.21 0.02 35.21
CA GLU A 356 1.63 1.05 34.29
C GLU A 356 0.78 2.32 34.33
N GLY A 357 -0.29 2.35 35.11
CA GLY A 357 -0.99 3.60 35.36
C GLY A 357 -2.06 3.91 34.35
N ILE A 358 -2.88 2.92 34.02
CA ILE A 358 -3.80 3.00 32.92
C ILE A 358 -5.20 2.67 33.42
N LEU A 359 -6.10 3.66 33.36
CA LEU A 359 -7.49 3.46 33.74
C LEU A 359 -8.14 2.42 32.85
N VAL A 360 -9.04 1.62 33.41
CA VAL A 360 -9.67 0.56 32.64
C VAL A 360 -11.17 0.58 32.85
N MET A 361 -11.90 0.61 31.75
CA MET A 361 -13.31 0.28 31.70
C MET A 361 -13.42 -1.18 31.32
N ASP A 362 -14.00 -1.98 32.21
CA ASP A 362 -14.12 -3.41 32.04
C ASP A 362 -15.52 -3.78 31.55
N GLU A 363 -15.59 -4.69 30.59
CA GLU A 363 -16.83 -4.93 29.85
C GLU A 363 -17.05 -6.42 29.63
N THR A 364 -18.32 -6.82 29.70
CA THR A 364 -18.76 -8.20 29.52
C THR A 364 -18.84 -8.54 28.04
N PRO A 365 -19.04 -9.80 27.68
CA PRO A 365 -19.27 -10.16 26.28
C PRO A 365 -20.66 -9.85 25.74
N ALA A 366 -21.45 -9.05 26.45
CA ALA A 366 -22.85 -8.89 26.10
C ALA A 366 -22.94 -7.82 25.02
N VAL A 367 -22.65 -8.25 23.80
CA VAL A 367 -22.79 -7.39 22.64
C VAL A 367 -23.69 -8.10 21.64
N GLY A 368 -24.44 -7.32 20.86
CA GLY A 368 -25.37 -7.88 19.91
C GLY A 368 -26.73 -8.31 20.46
N ILE A 369 -27.19 -7.68 21.54
CA ILE A 369 -28.49 -8.04 22.15
C ILE A 369 -29.56 -7.21 21.45
N GLY A 370 -29.99 -7.70 20.29
CA GLY A 370 -30.92 -6.97 19.47
C GLY A 370 -31.13 -7.75 18.20
N GLY A 371 -32.11 -7.27 17.42
CA GLY A 371 -32.36 -7.90 16.14
C GLY A 371 -33.30 -7.11 15.27
N GLY A 372 -33.26 -5.79 15.40
CA GLY A 372 -34.18 -4.92 14.70
C GLY A 372 -35.50 -4.75 15.43
N ALA A 373 -36.28 -3.76 14.97
CA ALA A 373 -37.58 -3.47 15.56
C ALA A 373 -38.55 -4.63 15.43
N ALA A 374 -38.24 -5.60 14.58
CA ALA A 374 -39.06 -6.78 14.38
C ALA A 374 -38.95 -7.81 15.49
N VAL A 375 -37.86 -7.79 16.25
CA VAL A 375 -37.54 -8.87 17.17
C VAL A 375 -37.29 -8.28 18.55
N ASN A 376 -37.98 -8.81 19.54
CA ASN A 376 -37.66 -8.38 20.89
C ASN A 376 -36.72 -9.40 21.52
N PRO A 377 -35.43 -9.08 21.66
CA PRO A 377 -34.50 -10.05 22.27
C PRO A 377 -34.82 -10.37 23.72
N TYR A 378 -35.28 -9.38 24.50
CA TYR A 378 -35.69 -9.56 25.90
C TYR A 378 -36.95 -10.39 26.07
N LYS A 379 -37.52 -10.94 24.99
CA LYS A 379 -38.66 -11.85 25.07
C LYS A 379 -38.41 -13.14 24.34
N GLU A 380 -37.29 -13.25 23.61
CA GLU A 380 -37.09 -14.23 22.53
C GLU A 380 -35.80 -15.02 22.71
N TYR A 381 -34.76 -14.37 23.26
CA TYR A 381 -33.41 -14.92 23.35
C TYR A 381 -33.15 -15.45 24.75
N PRO A 382 -32.73 -16.69 24.90
CA PRO A 382 -32.43 -17.22 26.22
C PRO A 382 -31.08 -16.75 26.75
N LEU A 383 -31.05 -15.51 27.21
CA LEU A 383 -29.81 -14.87 27.62
C LEU A 383 -29.75 -14.50 29.10
N ALA A 384 -30.85 -13.99 29.67
CA ALA A 384 -30.78 -13.32 30.97
C ALA A 384 -29.98 -14.10 32.00
N GLU A 385 -30.15 -15.42 32.03
CA GLU A 385 -29.43 -16.24 33.01
C GLU A 385 -27.93 -16.15 32.76
N HIS A 386 -27.51 -16.53 31.56
CA HIS A 386 -26.08 -16.54 31.24
C HIS A 386 -25.46 -15.15 31.31
N HIS A 387 -26.27 -14.11 31.32
CA HIS A 387 -25.70 -12.77 31.38
C HIS A 387 -25.36 -12.38 32.80
N ARG A 388 -26.09 -12.91 33.77
CA ARG A 388 -25.79 -12.60 35.16
C ARG A 388 -24.64 -13.45 35.69
N GLN A 389 -24.49 -14.67 35.17
CA GLN A 389 -23.31 -15.45 35.48
C GLN A 389 -22.05 -14.75 34.99
N VAL A 390 -22.05 -14.39 33.70
CA VAL A 390 -20.86 -13.82 33.08
C VAL A 390 -20.46 -12.53 33.78
N LEU A 391 -21.43 -11.67 34.10
CA LEU A 391 -21.14 -10.45 34.85
C LEU A 391 -20.58 -10.78 36.24
N ALA A 392 -21.14 -11.79 36.92
CA ALA A 392 -20.56 -12.25 38.17
C ALA A 392 -19.11 -12.69 37.99
N GLU A 393 -18.86 -13.57 37.01
CA GLU A 393 -17.51 -14.07 36.80
C GLU A 393 -16.51 -12.94 36.64
N MET A 394 -16.87 -11.91 35.87
CA MET A 394 -15.95 -10.83 35.59
C MET A 394 -15.69 -9.98 36.83
N ILE A 395 -16.75 -9.51 37.50
CA ILE A 395 -16.52 -8.68 38.69
C ILE A 395 -15.75 -9.46 39.76
N HIS A 396 -16.10 -10.74 39.97
CA HIS A 396 -15.36 -11.52 40.94
C HIS A 396 -13.91 -11.70 40.51
N ARG A 397 -13.66 -11.77 39.21
CA ARG A 397 -12.29 -12.00 38.78
C ARG A 397 -11.43 -10.75 38.95
N ASP A 398 -12.00 -9.58 38.67
CA ASP A 398 -11.26 -8.33 38.52
C ASP A 398 -11.59 -7.34 39.63
N LYS A 399 -12.00 -7.82 40.79
CA LYS A 399 -12.40 -6.90 41.86
C LYS A 399 -11.19 -6.21 42.47
N ASN A 400 -10.07 -6.89 42.57
CA ASN A 400 -8.96 -6.32 43.33
C ASN A 400 -8.07 -5.42 42.50
N HIS A 401 -8.36 -5.21 41.21
CA HIS A 401 -7.52 -4.36 40.36
C HIS A 401 -7.82 -2.90 40.63
N PRO A 402 -6.83 -2.09 41.02
CA PRO A 402 -7.06 -0.64 41.08
C PRO A 402 -7.23 -0.03 39.70
N CYS A 403 -6.75 -0.69 38.65
CA CYS A 403 -6.86 -0.13 37.32
C CYS A 403 -8.31 -0.06 36.85
N VAL A 404 -9.17 -1.00 37.26
CA VAL A 404 -10.58 -0.96 36.86
C VAL A 404 -11.31 0.12 37.65
N VAL A 405 -11.83 1.11 36.93
CA VAL A 405 -12.54 2.24 37.51
C VAL A 405 -14.00 2.29 37.07
N LEU A 406 -14.45 1.37 36.24
CA LEU A 406 -15.81 1.44 35.70
C LEU A 406 -16.12 0.10 35.05
N TRP A 407 -17.33 -0.41 35.29
CA TRP A 407 -17.85 -1.61 34.64
C TRP A 407 -18.84 -1.21 33.56
N SER A 408 -18.87 -1.96 32.47
CA SER A 408 -19.86 -1.73 31.45
C SER A 408 -20.66 -3.01 31.26
N LEU A 409 -21.99 -2.88 31.28
CA LEU A 409 -22.87 -4.03 31.26
C LEU A 409 -22.84 -4.76 29.93
N GLY A 410 -22.42 -4.10 28.86
CA GLY A 410 -22.53 -4.62 27.52
C GLY A 410 -22.47 -3.50 26.53
N ASN A 411 -22.33 -3.88 25.26
CA ASN A 411 -22.13 -2.94 24.15
C ASN A 411 -23.28 -3.03 23.17
N GLU A 412 -23.99 -1.92 23.00
CA GLU A 412 -24.97 -1.67 21.94
C GLU A 412 -26.13 -2.65 21.90
N PRO A 413 -26.96 -2.73 22.93
CA PRO A 413 -28.23 -3.43 22.79
C PRO A 413 -29.24 -2.54 22.08
N ASN A 414 -30.37 -3.17 21.73
CA ASN A 414 -31.59 -2.52 21.25
C ASN A 414 -32.29 -1.88 22.44
N LEU A 415 -32.07 -0.58 22.63
CA LEU A 415 -32.68 0.14 23.72
C LEU A 415 -33.82 1.05 23.31
N GLU A 416 -34.09 1.18 22.00
CA GLU A 416 -35.07 2.13 21.51
C GLU A 416 -36.36 1.47 21.00
N HIS A 417 -36.29 0.36 20.26
CA HIS A 417 -37.51 -0.18 19.66
C HIS A 417 -38.49 -0.72 20.69
N PHE A 418 -37.99 -1.14 21.86
CA PHE A 418 -38.82 -1.60 22.99
C PHE A 418 -38.33 -0.91 24.24
N PRO A 419 -38.69 0.35 24.44
CA PRO A 419 -38.00 1.16 25.46
C PRO A 419 -38.10 0.61 26.86
N GLN A 420 -39.25 0.09 27.27
CA GLN A 420 -39.45 -0.38 28.64
C GLN A 420 -39.01 -1.83 28.85
N ASP A 421 -39.20 -2.67 27.84
CA ASP A 421 -38.68 -4.03 27.93
C ASP A 421 -37.18 -4.03 28.20
N ALA A 422 -36.46 -3.04 27.64
CA ALA A 422 -35.01 -2.97 27.81
C ALA A 422 -34.65 -2.43 29.18
N TYR A 423 -35.35 -1.40 29.66
CA TYR A 423 -35.13 -1.00 31.05
C TYR A 423 -35.36 -2.15 32.01
N ASP A 424 -36.27 -3.07 31.68
CA ASP A 424 -36.61 -4.17 32.57
C ASP A 424 -35.55 -5.27 32.58
N TYR A 425 -34.61 -5.24 31.64
CA TYR A 425 -33.53 -6.22 31.56
C TYR A 425 -32.20 -5.65 32.04
N TRP A 426 -31.92 -4.40 31.69
CA TRP A 426 -30.63 -3.82 32.02
C TRP A 426 -30.58 -3.32 33.44
N HIS A 427 -31.67 -2.79 33.99
CA HIS A 427 -31.60 -2.24 35.33
C HIS A 427 -31.30 -3.26 36.41
N PRO A 428 -31.87 -4.47 36.43
CA PRO A 428 -31.42 -5.46 37.40
C PRO A 428 -29.92 -5.72 37.29
N LEU A 429 -29.39 -5.71 36.07
CA LEU A 429 -27.95 -5.92 35.89
C LEU A 429 -27.16 -4.76 36.46
N TYR A 430 -27.59 -3.53 36.18
CA TYR A 430 -26.96 -2.40 36.85
C TYR A 430 -27.09 -2.52 38.36
N GLU A 431 -28.20 -3.09 38.84
CA GLU A 431 -28.32 -3.36 40.27
C GLU A 431 -27.35 -4.46 40.69
N LEU A 432 -27.39 -5.61 40.00
CA LEU A 432 -26.46 -6.69 40.32
C LEU A 432 -25.01 -6.23 40.33
N ALA A 433 -24.65 -5.30 39.43
CA ALA A 433 -23.25 -4.89 39.32
C ALA A 433 -22.79 -4.15 40.58
N HIS A 434 -23.62 -3.26 41.12
CA HIS A 434 -23.25 -2.59 42.37
C HIS A 434 -23.24 -3.55 43.57
N GLN A 435 -23.81 -4.73 43.42
CA GLN A 435 -23.89 -5.65 44.55
C GLN A 435 -22.62 -6.49 44.63
N LEU A 436 -22.17 -7.02 43.50
CA LEU A 436 -21.08 -7.98 43.55
C LEU A 436 -19.73 -7.30 43.72
N ASP A 437 -19.69 -5.99 43.59
CA ASP A 437 -18.44 -5.27 43.62
C ASP A 437 -18.26 -4.71 45.02
N PRO A 438 -17.27 -5.20 45.77
CA PRO A 438 -17.03 -4.66 47.10
C PRO A 438 -16.70 -3.17 47.09
N GLN A 439 -16.27 -2.62 45.95
CA GLN A 439 -15.80 -1.24 45.86
C GLN A 439 -16.83 -0.30 45.23
N ASP A 440 -18.06 -0.75 45.01
CA ASP A 440 -19.15 0.09 44.49
C ASP A 440 -18.67 1.01 43.37
N ARG A 441 -17.94 0.42 42.43
CA ARG A 441 -17.46 1.16 41.29
C ARG A 441 -18.64 1.59 40.42
N PRO A 442 -18.49 2.68 39.65
CA PRO A 442 -19.57 3.13 38.77
C PRO A 442 -19.86 2.13 37.65
N VAL A 443 -21.12 2.17 37.16
CA VAL A 443 -21.64 1.25 36.16
C VAL A 443 -22.15 2.05 34.95
N THR A 444 -22.02 1.44 33.78
CA THR A 444 -22.43 2.09 32.54
C THR A 444 -23.00 1.02 31.61
N LEU A 445 -23.48 1.47 30.46
CA LEU A 445 -23.85 0.59 29.36
C LEU A 445 -23.61 1.38 28.07
N VAL A 446 -22.83 0.80 27.17
CA VAL A 446 -22.44 1.50 25.95
C VAL A 446 -23.57 1.42 24.93
N CYS A 447 -24.15 2.56 24.63
CA CYS A 447 -25.29 2.69 23.73
C CYS A 447 -24.81 2.90 22.31
N CYS A 448 -25.42 2.18 21.36
CA CYS A 448 -25.20 2.40 19.94
C CYS A 448 -25.92 3.67 19.50
N GLN A 449 -25.63 4.11 18.26
CA GLN A 449 -26.35 5.21 17.62
C GLN A 449 -27.84 4.94 17.46
N ASN A 450 -28.69 5.70 18.14
CA ASN A 450 -30.11 5.38 18.11
C ASN A 450 -30.95 6.62 18.42
N ASP A 451 -32.26 6.46 18.30
CA ASP A 451 -33.16 7.55 18.65
C ASP A 451 -33.09 7.83 20.15
N TYR A 452 -32.17 8.71 20.56
CA TYR A 452 -31.88 8.85 21.99
C TYR A 452 -33.09 9.37 22.77
N THR A 453 -34.09 9.91 22.07
CA THR A 453 -35.30 10.40 22.72
C THR A 453 -36.27 9.29 23.09
N LYS A 454 -36.18 8.11 22.48
CA LYS A 454 -37.04 6.98 22.81
C LYS A 454 -36.41 6.01 23.79
N ASP A 455 -35.07 5.83 23.69
CA ASP A 455 -34.27 5.11 24.67
C ASP A 455 -34.42 5.77 26.04
N ILE A 456 -34.97 5.01 26.99
CA ILE A 456 -35.18 5.51 28.35
C ILE A 456 -34.15 5.00 29.35
N THR A 457 -33.22 4.13 28.92
CA THR A 457 -32.40 3.43 29.88
C THR A 457 -30.91 3.76 29.78
N THR A 458 -30.46 4.40 28.71
CA THR A 458 -29.03 4.72 28.60
C THR A 458 -28.67 5.84 29.58
N ARG A 459 -29.52 6.86 29.66
CA ARG A 459 -29.38 8.03 30.52
C ARG A 459 -29.51 7.69 31.99
N THR A 460 -29.78 6.44 32.34
CA THR A 460 -29.98 6.03 33.73
C THR A 460 -28.75 5.36 34.32
N MET A 461 -27.59 5.54 33.71
CA MET A 461 -26.36 4.91 34.15
C MET A 461 -25.53 5.92 34.93
N ASP A 462 -24.52 5.40 35.64
CA ASP A 462 -23.76 6.26 36.54
C ASP A 462 -22.89 7.24 35.77
N ILE A 463 -22.29 6.76 34.68
CA ILE A 463 -21.69 7.58 33.65
C ILE A 463 -22.39 7.21 32.36
N VAL A 464 -22.67 8.17 31.52
CA VAL A 464 -23.31 7.86 30.25
C VAL A 464 -22.23 7.57 29.23
N CYS A 465 -22.46 6.58 28.37
CA CYS A 465 -21.45 6.08 27.43
C CYS A 465 -22.11 5.78 26.09
N ILE A 466 -21.87 6.64 25.09
CA ILE A 466 -22.57 6.56 23.81
C ILE A 466 -21.59 6.37 22.65
N ASN A 467 -22.07 5.67 21.61
CA ASN A 467 -21.29 5.36 20.40
C ASN A 467 -21.87 6.12 19.21
N ARG A 468 -21.09 7.06 18.65
CA ARG A 468 -21.60 7.97 17.64
C ARG A 468 -20.65 8.03 16.45
N TYR A 469 -21.22 8.06 15.24
CA TYR A 469 -20.42 8.10 14.01
C TYR A 469 -20.96 9.16 13.07
N TYR A 470 -21.18 10.38 13.57
CA TYR A 470 -21.58 11.45 12.67
C TYR A 470 -20.44 11.74 11.71
N GLY A 471 -20.76 11.89 10.43
CA GLY A 471 -19.78 12.00 9.39
C GLY A 471 -19.38 10.68 8.75
N TRP A 472 -19.59 9.56 9.43
CA TRP A 472 -19.15 8.27 8.89
C TRP A 472 -20.34 7.44 8.41
N TYR A 473 -21.19 6.94 9.32
CA TYR A 473 -22.33 6.12 8.93
C TYR A 473 -23.50 6.96 8.44
N ASN A 474 -23.68 8.14 9.05
CA ASN A 474 -24.64 9.13 8.60
C ASN A 474 -23.88 10.40 8.22
N LEU A 475 -24.46 11.18 7.31
CA LEU A 475 -23.85 12.45 6.90
C LEU A 475 -22.44 12.23 6.39
N SER A 476 -22.26 11.18 5.59
CA SER A 476 -20.94 10.75 5.18
C SER A 476 -20.13 11.88 4.56
N GLY A 477 -18.91 12.09 5.07
CA GLY A 477 -17.94 12.94 4.42
C GLY A 477 -18.05 14.43 4.68
N ASP A 478 -19.10 14.89 5.35
CA ASP A 478 -19.38 16.30 5.57
C ASP A 478 -19.27 16.62 7.06
N MET A 479 -18.08 17.02 7.49
CA MET A 479 -17.89 17.31 8.92
C MET A 479 -18.60 18.58 9.35
N ASP A 480 -18.89 19.51 8.45
CA ASP A 480 -19.79 20.61 8.80
C ASP A 480 -21.09 20.06 9.37
N ALA A 481 -21.66 19.08 8.69
CA ALA A 481 -22.96 18.54 9.09
C ALA A 481 -22.83 17.56 10.25
N ALA A 482 -21.68 16.91 10.39
CA ALA A 482 -21.49 15.97 11.49
C ALA A 482 -21.46 16.68 12.83
N CYS A 483 -20.74 17.80 12.91
CA CYS A 483 -20.67 18.55 14.16
C CYS A 483 -22.02 19.15 14.52
N TYR A 484 -22.78 19.58 13.50
CA TYR A 484 -24.09 20.15 13.73
C TYR A 484 -25.01 19.11 14.33
N GLY A 485 -25.02 17.91 13.73
CA GLY A 485 -25.84 16.83 14.28
C GLY A 485 -25.37 16.37 15.65
N LEU A 486 -24.05 16.24 15.83
CA LEU A 486 -23.52 15.89 17.15
C LEU A 486 -23.96 16.89 18.21
N ASN A 487 -23.74 18.18 17.97
CA ASN A 487 -24.14 19.20 18.93
C ASN A 487 -25.63 19.12 19.25
N GLN A 488 -26.46 18.64 18.31
CA GLN A 488 -27.89 18.51 18.57
C GLN A 488 -28.16 17.43 19.61
N GLU A 489 -27.49 16.28 19.48
CA GLU A 489 -27.63 15.23 20.49
C GLU A 489 -26.99 15.66 21.80
N LEU A 490 -25.90 16.44 21.72
CA LEU A 490 -25.26 16.96 22.94
C LEU A 490 -26.21 17.88 23.69
N ASP A 491 -27.02 18.66 22.97
CA ASP A 491 -27.99 19.52 23.61
C ASP A 491 -28.97 18.70 24.43
N PHE A 492 -29.28 17.48 24.00
CA PHE A 492 -30.13 16.59 24.78
C PHE A 492 -29.38 16.04 26.00
N TRP A 493 -28.12 15.67 25.83
CA TRP A 493 -27.37 15.09 26.94
C TRP A 493 -27.03 16.12 28.02
N ALA A 494 -27.03 17.41 27.70
CA ALA A 494 -26.78 18.40 28.74
C ALA A 494 -27.96 18.51 29.70
N GLU A 495 -29.19 18.39 29.21
CA GLU A 495 -30.37 18.47 30.09
C GLU A 495 -30.47 17.31 31.06
N GLN A 496 -29.63 16.29 30.91
CA GLN A 496 -29.72 15.09 31.73
C GLN A 496 -28.83 15.13 32.97
N HIS A 497 -28.06 16.20 33.15
CA HIS A 497 -27.16 16.40 34.29
C HIS A 497 -26.46 15.11 34.73
N LYS A 498 -25.64 14.57 33.84
CA LYS A 498 -24.91 13.33 34.03
C LYS A 498 -23.52 13.48 33.41
N PRO A 499 -22.56 12.64 33.83
CA PRO A 499 -21.27 12.64 33.14
C PRO A 499 -21.38 11.80 31.87
N VAL A 500 -20.84 12.31 30.77
CA VAL A 500 -21.08 11.74 29.44
C VAL A 500 -19.75 11.51 28.74
N MET A 501 -19.53 10.28 28.27
CA MET A 501 -18.32 9.93 27.54
C MET A 501 -18.71 9.38 26.17
N MET A 502 -17.96 9.82 25.13
CA MET A 502 -18.02 9.16 23.83
C MET A 502 -17.19 7.88 23.83
N SER A 503 -17.85 6.72 23.75
CA SER A 503 -17.24 5.43 24.01
C SER A 503 -16.90 4.63 22.75
N GLU A 504 -17.13 5.20 21.57
CA GLU A 504 -16.70 4.71 20.27
C GLU A 504 -16.90 5.87 19.32
N TYR A 505 -15.96 6.08 18.42
CA TYR A 505 -16.11 6.91 17.22
C TYR A 505 -14.80 6.86 16.43
N GLY A 506 -14.92 6.76 15.11
CA GLY A 506 -13.76 6.56 14.26
C GLY A 506 -14.21 6.44 12.82
N ALA A 507 -13.21 6.36 11.93
CA ALA A 507 -13.41 6.35 10.50
C ALA A 507 -12.43 5.38 9.86
N ASP A 508 -12.92 4.44 9.05
CA ASP A 508 -12.02 3.50 8.39
C ASP A 508 -10.94 4.26 7.64
N THR A 509 -9.69 3.88 7.85
CA THR A 509 -8.55 4.55 7.26
C THR A 509 -7.59 3.49 6.75
N VAL A 510 -7.41 3.44 5.43
CA VAL A 510 -6.41 2.56 4.83
C VAL A 510 -5.08 3.30 4.85
N ALA A 511 -4.15 2.84 5.68
CA ALA A 511 -2.78 3.36 5.63
C ALA A 511 -2.28 3.31 4.20
N GLY A 512 -1.77 4.44 3.73
CA GLY A 512 -1.53 4.55 2.31
C GLY A 512 -2.30 5.69 1.66
N LEU A 513 -3.63 5.66 1.71
CA LEU A 513 -4.45 6.60 0.96
C LEU A 513 -4.37 8.01 1.53
N HIS A 514 -3.87 8.95 0.72
CA HIS A 514 -3.90 10.37 1.05
C HIS A 514 -4.77 11.12 0.04
N THR A 515 -5.43 12.17 0.52
CA THR A 515 -6.12 13.13 -0.32
C THR A 515 -5.89 14.51 0.27
N ALA A 516 -5.65 15.50 -0.60
CA ALA A 516 -5.62 16.86 -0.08
C ALA A 516 -6.96 17.28 0.48
N GLY A 517 -8.03 16.59 0.08
CA GLY A 517 -9.38 17.00 0.41
C GLY A 517 -10.08 16.28 1.53
N ALA A 518 -9.38 15.37 2.26
CA ALA A 518 -9.86 14.70 3.48
C ALA A 518 -11.07 13.82 3.22
N GLU A 519 -10.88 12.85 2.34
CA GLU A 519 -12.00 12.09 1.83
C GLU A 519 -12.03 10.73 2.49
N MET A 520 -13.23 10.28 2.81
CA MET A 520 -13.43 9.03 3.53
C MET A 520 -12.46 7.94 3.06
N PHE A 521 -11.86 7.25 4.04
CA PHE A 521 -10.90 6.16 3.97
C PHE A 521 -9.47 6.65 3.85
N SER A 522 -9.26 7.95 3.70
CA SER A 522 -7.91 8.48 3.60
C SER A 522 -7.40 8.90 4.97
N GLU A 523 -6.09 8.83 5.13
CA GLU A 523 -5.43 9.18 6.39
C GLU A 523 -5.77 10.58 6.86
N GLU A 524 -6.20 11.46 5.96
CA GLU A 524 -6.41 12.86 6.31
C GLU A 524 -7.82 13.11 6.78
N PHE A 525 -8.78 12.31 6.32
CA PHE A 525 -10.15 12.45 6.79
C PHE A 525 -10.27 12.02 8.25
N GLN A 526 -9.55 10.97 8.61
CA GLN A 526 -9.43 10.57 10.00
C GLN A 526 -9.04 11.73 10.91
N VAL A 527 -8.09 12.56 10.48
CA VAL A 527 -7.69 13.72 11.26
C VAL A 527 -8.85 14.70 11.40
N GLU A 528 -9.59 14.92 10.30
CA GLU A 528 -10.66 15.92 10.30
C GLU A 528 -11.82 15.48 11.17
N PHE A 529 -12.19 14.21 11.07
CA PHE A 529 -13.08 13.55 12.01
C PHE A 529 -12.79 13.90 13.46
N TYR A 530 -11.63 13.46 14.01
CA TYR A 530 -11.35 13.70 15.43
C TYR A 530 -11.16 15.18 15.71
N ARG A 531 -10.49 15.91 14.82
CA ARG A 531 -10.20 17.32 15.08
C ARG A 531 -11.47 18.15 15.16
N ARG A 532 -12.47 17.85 14.32
CA ARG A 532 -13.71 18.61 14.33
C ARG A 532 -14.69 18.12 15.39
N LEU A 533 -14.71 16.82 15.70
CA LEU A 533 -15.60 16.36 16.76
C LEU A 533 -15.01 16.69 18.13
N ASP A 534 -13.71 16.47 18.33
CA ASP A 534 -13.10 16.80 19.62
C ASP A 534 -13.26 18.27 19.97
N ALA A 535 -13.22 19.15 18.98
CA ALA A 535 -13.43 20.56 19.24
C ALA A 535 -14.80 20.80 19.86
N GLU A 536 -15.82 20.08 19.37
CA GLU A 536 -17.17 20.34 19.84
C GLU A 536 -17.39 19.76 21.22
N PHE A 537 -16.74 18.62 21.52
CA PHE A 537 -16.66 18.11 22.89
C PHE A 537 -16.21 19.19 23.87
N ASP A 538 -14.99 19.70 23.70
CA ASP A 538 -14.32 20.55 24.69
C ASP A 538 -15.17 21.76 25.08
N LYS A 539 -16.22 22.06 24.32
CA LYS A 539 -17.17 23.10 24.69
C LYS A 539 -18.18 22.66 25.74
N ARG A 540 -18.22 21.35 26.09
CA ARG A 540 -19.20 20.79 27.01
C ARG A 540 -18.57 20.45 28.35
N PRO A 541 -18.76 21.27 29.39
CA PRO A 541 -18.09 21.00 30.67
C PRO A 541 -18.56 19.73 31.37
N TRP A 542 -19.62 19.07 30.92
CA TRP A 542 -20.08 17.82 31.53
C TRP A 542 -19.59 16.58 30.80
N PHE A 543 -18.75 16.73 29.79
CA PHE A 543 -18.36 15.66 28.88
C PHE A 543 -16.96 15.19 29.28
N VAL A 544 -16.88 14.09 30.04
CA VAL A 544 -15.67 13.76 30.80
C VAL A 544 -14.69 12.79 30.11
N GLY A 545 -15.12 12.06 29.09
CA GLY A 545 -14.27 11.03 28.52
C GLY A 545 -14.34 10.99 27.00
N GLU A 546 -13.38 10.27 26.39
CA GLU A 546 -13.40 10.03 24.95
C GLU A 546 -12.54 8.81 24.63
N PHE A 547 -13.17 7.71 24.19
CA PHE A 547 -12.46 6.48 23.81
C PHE A 547 -12.60 6.28 22.30
N VAL A 548 -11.48 6.45 21.58
CA VAL A 548 -11.51 6.34 20.13
C VAL A 548 -11.61 4.88 19.73
N TRP A 549 -12.49 4.60 18.77
CA TRP A 549 -12.54 3.29 18.16
C TRP A 549 -11.80 3.33 16.84
N ASN A 550 -10.84 2.41 16.64
CA ASN A 550 -10.34 1.47 17.64
C ASN A 550 -8.87 1.78 17.80
N PHE A 551 -8.24 1.15 18.80
CA PHE A 551 -6.80 1.27 18.94
C PHE A 551 -6.06 0.77 17.70
N ALA A 552 -6.51 -0.34 17.11
CA ALA A 552 -5.80 -0.97 16.01
C ALA A 552 -6.80 -1.74 15.15
N ASP A 553 -6.47 -1.86 13.85
CA ASP A 553 -7.27 -2.69 12.94
C ASP A 553 -7.33 -4.13 13.46
N TYR A 554 -8.43 -4.79 13.13
CA TYR A 554 -8.70 -6.15 13.59
C TYR A 554 -9.56 -6.85 12.55
N ASP A 555 -9.53 -8.18 12.60
CA ASP A 555 -10.25 -8.98 11.62
C ASP A 555 -11.77 -8.89 11.83
N THR A 556 -12.53 -9.13 10.75
CA THR A 556 -13.99 -9.30 10.79
C THR A 556 -14.42 -10.40 9.83
N VAL A 557 -15.72 -10.70 9.84
CA VAL A 557 -16.24 -11.63 8.86
C VAL A 557 -16.32 -10.94 7.50
N GLN A 558 -16.18 -11.72 6.43
CA GLN A 558 -16.22 -11.16 5.08
C GLN A 558 -17.52 -10.42 4.82
N GLY A 559 -17.43 -9.31 4.10
CA GLY A 559 -18.56 -8.45 3.85
C GLY A 559 -18.15 -7.20 3.12
N PRO A 560 -18.96 -6.78 2.18
CA PRO A 560 -18.61 -5.61 1.35
C PRO A 560 -18.49 -4.31 2.11
N MET A 561 -18.62 -4.34 3.44
CA MET A 561 -18.44 -3.13 4.22
C MET A 561 -17.12 -3.12 4.97
N ARG A 562 -16.36 -4.22 4.91
CA ARG A 562 -15.15 -4.40 5.70
C ARG A 562 -13.97 -4.74 4.79
N VAL A 563 -12.99 -3.85 4.73
CA VAL A 563 -11.89 -4.00 3.77
C VAL A 563 -10.87 -4.90 4.42
N ASP A 564 -11.14 -6.21 4.34
CA ASP A 564 -10.34 -7.23 5.05
C ASP A 564 -10.22 -6.85 6.53
N GLY A 565 -11.38 -6.82 7.19
CA GLY A 565 -11.46 -6.49 8.61
C GLY A 565 -11.78 -5.03 8.82
N ASN A 566 -11.82 -4.63 10.09
CA ASN A 566 -12.13 -3.24 10.41
C ASN A 566 -10.87 -2.38 10.31
N LYS A 567 -10.97 -1.25 9.60
CA LYS A 567 -9.83 -0.39 9.28
C LYS A 567 -9.93 0.97 9.96
N LYS A 568 -10.78 1.10 10.99
CA LYS A 568 -10.84 2.33 11.80
C LYS A 568 -9.70 2.43 12.84
N GLY A 569 -8.79 1.46 12.89
CA GLY A 569 -7.71 1.55 13.85
C GLY A 569 -6.93 2.85 13.69
N LEU A 570 -6.41 3.33 14.82
CA LEU A 570 -5.41 4.39 14.78
C LEU A 570 -4.03 3.83 14.48
N PHE A 571 -3.84 2.53 14.69
CA PHE A 571 -2.68 1.78 14.27
C PHE A 571 -3.07 0.75 13.22
N THR A 572 -2.09 0.30 12.45
CA THR A 572 -2.32 -0.90 11.65
C THR A 572 -2.32 -2.13 12.58
N ARG A 573 -2.50 -3.32 11.99
CA ARG A 573 -2.50 -4.52 12.82
C ARG A 573 -1.13 -4.74 13.48
N ASP A 574 -0.05 -4.44 12.75
CA ASP A 574 1.31 -4.48 13.27
C ASP A 574 1.70 -3.20 13.99
N ARG A 575 0.73 -2.43 14.47
CA ARG A 575 0.96 -1.38 15.45
C ARG A 575 1.81 -0.22 14.91
N ARG A 576 1.84 0.00 13.59
CA ARG A 576 2.38 1.23 13.01
C ARG A 576 1.31 2.32 12.97
N PRO A 577 1.61 3.55 13.38
CA PRO A 577 0.57 4.58 13.51
C PRO A 577 0.26 5.32 12.21
N LYS A 578 -1.03 5.55 11.98
CA LYS A 578 -1.52 6.36 10.88
C LYS A 578 -1.49 7.84 11.26
N LEU A 579 -1.69 8.69 10.25
CA LEU A 579 -1.56 10.14 10.42
C LEU A 579 -2.45 10.68 11.53
N GLY A 580 -3.66 10.15 11.69
CA GLY A 580 -4.54 10.64 12.74
C GLY A 580 -4.11 10.22 14.13
N MET A 581 -3.26 9.21 14.23
CA MET A 581 -2.63 8.94 15.51
C MET A 581 -1.75 10.12 15.92
N HIS A 582 -0.79 10.49 15.08
CA HIS A 582 0.08 11.63 15.37
C HIS A 582 -0.73 12.85 15.80
N PHE A 583 -1.92 13.04 15.19
CA PHE A 583 -2.79 14.15 15.59
C PHE A 583 -3.34 13.94 16.99
N LEU A 584 -3.88 12.74 17.25
CA LEU A 584 -4.41 12.42 18.59
C LEU A 584 -3.33 12.57 19.66
N ARG A 585 -2.19 11.88 19.47
CA ARG A 585 -1.08 11.99 20.41
C ARG A 585 -0.71 13.44 20.71
N GLN A 586 -0.86 14.34 19.72
CA GLN A 586 -0.51 15.74 19.96
C GLN A 586 -1.57 16.44 20.78
N ARG A 587 -2.85 16.17 20.48
CA ARG A 587 -3.96 16.74 21.24
C ARG A 587 -3.92 16.29 22.70
N TRP A 588 -3.66 15.01 22.96
CA TRP A 588 -3.64 14.50 24.33
C TRP A 588 -2.39 14.94 25.09
N ALA A 589 -1.37 15.44 24.39
CA ALA A 589 -0.25 16.07 25.09
C ALA A 589 -0.64 17.41 25.68
N GLU A 590 -1.74 18.00 25.22
CA GLU A 590 -2.23 19.30 25.68
C GLU A 590 -3.43 19.19 26.61
N ILE A 591 -3.89 17.98 26.92
CA ILE A 591 -5.06 17.75 27.76
C ILE A 591 -4.61 17.01 29.01
N PRO A 592 -4.74 17.60 30.20
CA PRO A 592 -4.30 16.94 31.43
C PRO A 592 -5.32 15.95 31.97
N THR A 593 -4.84 14.80 32.45
CA THR A 593 -5.76 13.79 32.97
C THR A 593 -6.56 14.31 34.16
N PHE A 594 -6.01 15.29 34.90
CA PHE A 594 -6.64 15.85 36.10
C PHE A 594 -6.93 17.32 35.90
N GLY A 595 -8.16 17.72 36.16
CA GLY A 595 -8.54 19.12 36.24
C GLY A 595 -8.73 19.85 34.93
N PHE A 596 -9.37 19.22 33.95
CA PHE A 596 -9.38 19.76 32.59
C PHE A 596 -10.48 20.82 32.38
N LEU B 2 21.09 -31.47 26.55
CA LEU B 2 19.83 -32.22 26.35
C LEU B 2 18.55 -31.43 26.74
N TYR B 3 17.34 -31.82 26.10
CA TYR B 3 16.15 -30.95 26.07
C TYR B 3 15.20 -31.23 27.22
N PRO B 4 14.82 -30.18 27.98
CA PRO B 4 14.00 -30.36 29.17
C PRO B 4 12.73 -31.17 28.94
N GLU B 5 12.39 -32.02 29.90
CA GLU B 5 11.17 -32.81 29.81
C GLU B 5 10.46 -32.86 31.16
N GLN B 6 9.20 -33.28 31.12
CA GLN B 6 8.42 -33.55 32.33
C GLN B 6 7.90 -34.98 32.29
N ASN B 7 8.10 -35.71 33.38
CA ASN B 7 7.61 -37.08 33.57
C ASN B 7 7.65 -37.36 35.06
N GLU B 8 7.68 -38.64 35.44
CA GLU B 8 7.57 -39.01 36.85
C GLU B 8 8.85 -38.72 37.65
N ALA B 9 10.00 -38.57 36.97
CA ALA B 9 11.29 -38.25 37.57
C ALA B 9 11.67 -36.78 37.45
N ARG B 10 11.24 -36.11 36.39
CA ARG B 10 11.65 -34.75 36.09
C ARG B 10 10.46 -33.80 36.16
N LEU B 11 10.66 -32.64 36.78
CA LEU B 11 9.73 -31.54 36.73
C LEU B 11 10.29 -30.46 35.80
N LYS B 12 9.41 -29.88 34.95
CA LYS B 12 9.78 -28.85 33.97
C LYS B 12 8.94 -27.60 34.23
N LEU B 13 9.43 -26.72 35.07
CA LEU B 13 8.77 -25.45 35.31
C LEU B 13 9.20 -24.41 34.25
N SER B 14 8.42 -23.35 34.12
CA SER B 14 8.77 -22.27 33.20
C SER B 14 8.87 -20.95 33.93
N LEU B 15 9.92 -20.19 33.64
CA LEU B 15 10.12 -18.85 34.18
C LEU B 15 9.74 -17.76 33.20
N ASP B 16 9.11 -18.10 32.09
CA ASP B 16 8.66 -17.09 31.15
C ASP B 16 7.57 -16.24 31.79
N GLY B 17 7.50 -14.98 31.35
CA GLY B 17 6.50 -14.10 31.91
C GLY B 17 6.77 -12.63 31.64
N THR B 18 6.66 -11.80 32.67
CA THR B 18 7.00 -10.40 32.59
C THR B 18 8.07 -10.13 33.63
N TRP B 19 9.22 -9.67 33.18
CA TRP B 19 10.34 -9.41 34.06
C TRP B 19 10.51 -7.92 34.26
N ALA B 20 11.45 -7.58 35.13
CA ALA B 20 11.84 -6.19 35.37
C ALA B 20 13.12 -5.94 34.61
N PHE B 21 13.13 -4.86 33.82
CA PHE B 21 14.10 -4.61 32.77
C PHE B 21 14.70 -3.22 32.99
N ALA B 22 16.01 -3.11 32.80
CA ALA B 22 16.66 -1.80 32.79
C ALA B 22 17.75 -1.79 31.74
N LEU B 23 17.85 -0.69 31.02
CA LEU B 23 18.93 -0.56 30.06
C LEU B 23 20.22 -0.26 30.80
N GLY B 24 21.32 -0.78 30.27
CA GLY B 24 22.62 -0.57 30.85
C GLY B 24 23.42 0.46 30.08
N SER B 25 24.75 0.26 30.08
CA SER B 25 25.66 1.09 29.29
C SER B 25 26.73 0.20 28.70
N CYS B 26 27.99 0.60 28.87
CA CYS B 26 29.06 -0.24 28.36
C CYS B 26 29.98 -0.83 29.42
N ALA B 27 29.83 -0.49 30.69
CA ALA B 27 30.48 -1.24 31.76
C ALA B 27 29.54 -2.33 32.24
N GLU B 28 30.07 -3.56 32.37
CA GLU B 28 29.41 -4.66 33.05
C GLU B 28 29.24 -4.41 34.55
N THR B 29 29.91 -3.36 35.06
CA THR B 29 30.00 -2.91 36.44
C THR B 29 28.82 -2.06 36.89
N GLN B 30 27.78 -1.88 36.07
CA GLN B 30 26.80 -0.85 36.35
C GLN B 30 25.92 -1.16 37.56
N PHE B 31 25.01 -2.12 37.41
CA PHE B 31 24.07 -2.43 38.48
C PHE B 31 24.61 -3.57 39.34
N ASP B 32 24.21 -3.57 40.61
CA ASP B 32 24.44 -4.67 41.51
C ASP B 32 23.44 -5.78 41.20
N PRO B 33 23.89 -6.91 40.66
CA PRO B 33 22.95 -8.03 40.41
C PRO B 33 22.25 -8.54 41.66
N ALA B 34 22.61 -8.07 42.86
CA ALA B 34 22.00 -8.58 44.07
C ALA B 34 20.86 -7.71 44.58
N LYS B 35 20.86 -6.45 44.26
CA LYS B 35 19.77 -5.59 44.67
C LYS B 35 18.77 -5.41 43.52
N PRO B 36 17.53 -5.01 43.83
CA PRO B 36 16.56 -4.74 42.76
C PRO B 36 17.09 -3.76 41.73
N LEU B 37 16.86 -4.05 40.45
CA LEU B 37 17.14 -3.08 39.40
C LEU B 37 16.32 -1.82 39.65
N PRO B 38 16.89 -0.64 39.45
CA PRO B 38 16.16 0.58 39.77
C PRO B 38 15.51 1.23 38.55
N ASP B 39 14.32 1.84 38.74
CA ASP B 39 13.58 2.51 37.67
C ASP B 39 13.28 1.56 36.52
N ALA B 40 12.80 0.37 36.88
CA ALA B 40 12.70 -0.74 35.96
C ALA B 40 11.31 -0.74 35.31
N GLN B 41 11.27 -1.11 34.05
CA GLN B 41 10.05 -1.23 33.30
C GLN B 41 9.77 -2.69 32.99
N PRO B 42 8.53 -3.03 32.72
CA PRO B 42 8.22 -4.43 32.40
C PRO B 42 8.69 -4.77 31.01
N ILE B 43 9.25 -5.97 30.86
CA ILE B 43 9.58 -6.50 29.54
C ILE B 43 9.03 -7.91 29.42
N ALA B 44 8.72 -8.31 28.20
CA ALA B 44 8.25 -9.66 27.94
C ALA B 44 9.45 -10.60 27.79
N VAL B 45 9.36 -11.78 28.41
CA VAL B 45 10.31 -12.85 28.17
C VAL B 45 9.53 -14.09 27.78
N PRO B 46 9.90 -14.82 26.72
CA PRO B 46 10.90 -14.64 25.67
C PRO B 46 10.47 -13.72 24.52
N ALA B 47 11.38 -12.83 24.11
CA ALA B 47 11.17 -11.88 23.03
C ALA B 47 12.47 -11.13 22.86
N SER B 48 12.69 -10.58 21.66
CA SER B 48 13.61 -9.46 21.57
C SER B 48 13.06 -8.35 22.47
N TYR B 49 13.92 -7.51 23.00
CA TYR B 49 13.42 -6.39 23.77
C TYR B 49 13.24 -5.13 22.95
N ASN B 50 13.82 -5.10 21.73
CA ASN B 50 13.93 -3.84 20.98
C ASN B 50 12.58 -3.22 20.64
N ASP B 51 11.54 -4.03 20.44
CA ASP B 51 10.28 -3.45 19.99
C ASP B 51 9.20 -3.42 21.06
N GLN B 52 9.52 -3.71 22.32
CA GLN B 52 8.52 -3.66 23.36
C GLN B 52 8.31 -2.27 23.93
N ASN B 53 9.16 -1.32 23.62
CA ASN B 53 8.92 0.06 24.06
C ASN B 53 9.16 1.01 22.89
N ASP B 54 8.20 1.91 22.67
CA ASP B 54 8.24 2.86 21.57
C ASP B 54 7.98 4.27 22.10
N GLN B 55 7.98 4.45 23.41
CA GLN B 55 7.98 5.81 23.94
C GLN B 55 9.17 6.58 23.41
N THR B 56 10.33 5.91 23.34
CA THR B 56 11.59 6.45 22.83
C THR B 56 12.14 5.53 21.75
N THR B 57 13.20 6.02 21.13
CA THR B 57 14.04 5.24 20.24
C THR B 57 14.90 4.25 21.01
N ALA B 58 14.94 4.38 22.35
CA ALA B 58 16.02 3.82 23.18
C ALA B 58 16.16 2.31 23.04
N LEU B 59 15.08 1.58 23.26
CA LEU B 59 15.19 0.13 23.16
C LEU B 59 15.51 -0.33 21.74
N ARG B 60 14.91 0.31 20.72
CA ARG B 60 15.19 -0.10 19.34
C ARG B 60 16.64 0.14 18.95
N ARG B 61 17.25 1.19 19.48
CA ARG B 61 18.58 1.64 19.08
C ARG B 61 19.53 1.69 20.30
N HIS B 62 19.83 0.56 20.92
CA HIS B 62 20.61 0.54 22.15
C HIS B 62 21.97 -0.11 21.87
N TYR B 63 23.03 0.43 22.51
CA TYR B 63 24.39 -0.07 22.34
C TYR B 63 24.95 -0.50 23.70
N GLY B 64 25.18 -1.80 23.89
CA GLY B 64 25.65 -2.31 25.17
C GLY B 64 24.82 -3.35 25.91
N TRP B 65 24.77 -3.17 27.23
CA TRP B 65 24.19 -4.14 28.15
C TRP B 65 22.76 -3.78 28.52
N VAL B 66 21.93 -4.80 28.70
CA VAL B 66 20.62 -4.63 29.32
C VAL B 66 20.50 -5.61 30.49
N TRP B 67 19.59 -5.30 31.41
CA TRP B 67 19.44 -6.06 32.63
C TRP B 67 18.01 -6.56 32.80
N TYR B 68 17.86 -7.85 33.00
CA TYR B 68 16.59 -8.49 33.34
C TYR B 68 16.62 -8.96 34.78
N GLN B 69 15.43 -9.02 35.40
CA GLN B 69 15.35 -9.46 36.80
C GLN B 69 13.93 -9.93 37.09
N ARG B 70 13.83 -11.11 37.70
CA ARG B 70 12.63 -11.53 38.44
C ARG B 70 13.10 -12.35 39.64
N LYS B 71 12.20 -12.56 40.60
CA LYS B 71 12.41 -13.51 41.68
C LYS B 71 11.88 -14.87 41.28
N VAL B 72 12.56 -15.92 41.75
CA VAL B 72 12.18 -17.31 41.51
C VAL B 72 12.05 -18.01 42.86
N THR B 73 11.21 -19.06 42.92
CA THR B 73 10.90 -19.73 44.19
C THR B 73 10.61 -21.20 43.97
N LEU B 74 11.40 -22.08 44.60
CA LEU B 74 11.09 -23.51 44.59
C LEU B 74 10.18 -23.82 45.75
N PRO B 75 8.99 -24.39 45.51
CA PRO B 75 8.10 -24.70 46.64
C PRO B 75 8.75 -25.73 47.55
N ALA B 76 8.46 -25.58 48.84
CA ALA B 76 9.06 -26.44 49.86
C ALA B 76 8.85 -27.91 49.56
N PHE B 77 7.65 -28.29 49.07
CA PHE B 77 7.36 -29.70 48.81
C PHE B 77 8.07 -30.25 47.59
N CYS B 78 8.63 -29.40 46.74
CA CYS B 78 9.37 -29.85 45.54
C CYS B 78 10.83 -30.08 45.91
N ALA B 79 11.04 -31.08 46.77
CA ALA B 79 12.31 -31.22 47.47
C ALA B 79 13.09 -32.46 47.01
N GLY B 80 14.40 -32.42 47.28
CA GLY B 80 15.27 -33.57 47.10
C GLY B 80 15.62 -33.93 45.68
N GLN B 81 15.55 -32.96 44.76
CA GLN B 81 15.91 -33.17 43.36
C GLN B 81 17.09 -32.29 42.98
N ARG B 82 17.61 -32.54 41.78
CA ARG B 82 18.64 -31.70 41.17
C ARG B 82 17.95 -30.59 40.38
N VAL B 83 18.12 -29.35 40.82
CA VAL B 83 17.49 -28.19 40.23
C VAL B 83 18.46 -27.54 39.24
N VAL B 84 17.99 -27.29 38.02
CA VAL B 84 18.84 -26.78 36.94
C VAL B 84 18.12 -25.65 36.18
N LEU B 85 18.81 -24.52 36.02
CA LEU B 85 18.26 -23.36 35.31
C LEU B 85 18.84 -23.31 33.90
N ARG B 86 17.96 -23.33 32.89
CA ARG B 86 18.38 -23.42 31.48
C ARG B 86 17.77 -22.32 30.63
N PHE B 87 18.62 -21.64 29.89
CA PHE B 87 18.20 -20.65 28.91
C PHE B 87 18.22 -21.27 27.53
N GLY B 88 17.13 -21.09 26.77
CA GLY B 88 17.16 -21.43 25.37
C GLY B 88 18.22 -20.62 24.62
N SER B 89 18.39 -19.37 25.01
CA SER B 89 19.43 -18.52 24.43
C SER B 89 19.41 -17.17 25.12
N VAL B 90 20.52 -16.43 25.01
CA VAL B 90 20.58 -15.00 25.31
C VAL B 90 21.59 -14.38 24.34
N THR B 91 21.19 -13.30 23.66
CA THR B 91 21.81 -12.80 22.44
C THR B 91 22.49 -11.48 22.73
N HIS B 92 23.84 -11.41 22.64
CA HIS B 92 24.71 -12.49 22.19
C HIS B 92 25.65 -13.05 23.27
N THR B 93 25.91 -12.27 24.33
CA THR B 93 26.68 -12.74 25.48
C THR B 93 25.92 -12.42 26.75
N ALA B 94 26.09 -13.29 27.76
CA ALA B 94 25.26 -13.22 28.96
C ALA B 94 26.09 -13.44 30.21
N LYS B 95 25.80 -12.64 31.24
CA LYS B 95 26.27 -12.83 32.61
C LYS B 95 25.05 -12.96 33.51
N VAL B 96 25.00 -13.99 34.36
CA VAL B 96 23.79 -14.25 35.15
C VAL B 96 24.14 -14.58 36.61
N TRP B 97 23.37 -14.01 37.52
CA TRP B 97 23.61 -14.08 38.95
C TRP B 97 22.38 -14.59 39.68
N LEU B 98 22.62 -15.32 40.76
CA LEU B 98 21.54 -15.75 41.65
C LEU B 98 21.87 -15.29 43.07
N ASN B 99 21.07 -14.36 43.58
CA ASN B 99 21.25 -13.76 44.91
C ASN B 99 22.50 -12.91 45.03
N GLY B 100 23.21 -12.69 43.92
CA GLY B 100 24.49 -12.01 43.92
C GLY B 100 25.61 -12.87 43.38
N GLN B 101 25.41 -14.16 43.17
CA GLN B 101 26.48 -15.07 42.84
C GLN B 101 26.50 -15.36 41.35
N LEU B 102 27.67 -15.26 40.73
CA LEU B 102 27.79 -15.48 39.30
C LEU B 102 27.68 -16.97 38.98
N ILE B 103 26.55 -17.38 38.42
CA ILE B 103 26.31 -18.81 38.17
C ILE B 103 26.47 -19.23 36.70
N ALA B 104 26.42 -18.31 35.74
CA ALA B 104 26.70 -18.73 34.38
C ALA B 104 27.18 -17.57 33.54
N GLN B 105 27.92 -17.91 32.48
CA GLN B 105 28.43 -16.99 31.47
C GLN B 105 28.41 -17.72 30.15
N HIS B 106 28.10 -16.98 29.06
CA HIS B 106 27.94 -17.60 27.75
C HIS B 106 28.07 -16.56 26.65
N LYS B 107 28.96 -16.83 25.69
CA LYS B 107 29.06 -16.09 24.45
C LYS B 107 28.41 -16.93 23.36
N GLY B 108 27.67 -16.27 22.45
CA GLY B 108 26.98 -16.88 21.33
C GLY B 108 25.49 -16.82 21.54
N GLY B 109 24.77 -16.05 20.73
CA GLY B 109 23.37 -15.76 21.00
C GLY B 109 22.35 -16.73 20.44
N PHE B 110 22.78 -17.90 19.96
CA PHE B 110 21.81 -18.77 19.31
C PHE B 110 21.92 -20.23 19.74
N THR B 111 22.59 -20.49 20.84
CA THR B 111 22.67 -21.83 21.40
C THR B 111 22.38 -21.77 22.89
N PRO B 112 21.94 -22.88 23.49
CA PRO B 112 21.52 -22.85 24.89
C PRO B 112 22.64 -23.10 25.93
N PHE B 113 22.29 -22.95 27.20
CA PHE B 113 23.25 -23.22 28.26
C PHE B 113 22.50 -23.33 29.59
N GLU B 114 23.24 -23.79 30.61
CA GLU B 114 22.66 -24.34 31.83
C GLU B 114 23.42 -23.88 33.05
N ALA B 115 22.77 -24.01 34.21
CA ALA B 115 23.42 -23.84 35.51
C ALA B 115 22.73 -24.75 36.51
N ASP B 116 23.42 -25.80 36.97
CA ASP B 116 22.94 -26.54 38.13
C ASP B 116 22.89 -25.56 39.30
N VAL B 117 21.74 -25.47 39.95
CA VAL B 117 21.58 -24.44 40.97
C VAL B 117 21.18 -25.00 42.33
N THR B 118 21.35 -26.31 42.53
CA THR B 118 20.79 -26.95 43.73
C THR B 118 21.26 -26.28 45.02
N ALA B 119 22.55 -25.98 45.12
CA ALA B 119 23.06 -25.35 46.34
C ALA B 119 22.42 -23.98 46.58
N LEU B 120 22.02 -23.28 45.53
CA LEU B 120 21.67 -21.87 45.70
C LEU B 120 20.17 -21.62 45.88
N LEU B 121 19.32 -22.58 45.51
CA LEU B 121 17.87 -22.41 45.66
C LEU B 121 17.30 -23.75 46.14
N GLN B 122 17.32 -23.93 47.45
CA GLN B 122 16.74 -25.07 48.12
C GLN B 122 15.22 -24.91 48.13
N PRO B 123 14.49 -25.97 48.48
CA PRO B 123 13.03 -25.85 48.51
C PRO B 123 12.56 -24.86 49.58
N GLY B 124 11.58 -24.05 49.20
CA GLY B 124 11.04 -23.01 50.07
C GLY B 124 11.69 -21.65 49.96
N GLU B 125 12.75 -21.51 49.16
CA GLU B 125 13.46 -20.23 49.03
C GLU B 125 12.96 -19.39 47.85
N THR B 126 13.20 -18.08 47.96
CA THR B 126 12.93 -17.10 46.91
C THR B 126 14.23 -16.35 46.58
N ALA B 127 14.92 -16.76 45.52
CA ALA B 127 16.14 -16.06 45.13
C ALA B 127 15.85 -14.97 44.12
N LEU B 128 16.83 -14.06 43.97
CA LEU B 128 16.77 -12.98 42.99
C LEU B 128 17.61 -13.36 41.79
N LEU B 129 16.97 -13.55 40.64
CA LEU B 129 17.68 -13.94 39.43
C LEU B 129 17.89 -12.72 38.54
N THR B 130 19.14 -12.45 38.20
CA THR B 130 19.49 -11.26 37.45
C THR B 130 20.29 -11.68 36.22
N VAL B 131 19.78 -11.34 35.04
CA VAL B 131 20.44 -11.64 33.77
C VAL B 131 20.96 -10.33 33.17
N ALA B 132 22.16 -10.38 32.60
CA ALA B 132 22.74 -9.24 31.89
C ALA B 132 23.13 -9.67 30.49
N CYS B 133 22.69 -8.90 29.50
CA CYS B 133 22.75 -9.26 28.08
C CYS B 133 23.49 -8.18 27.30
N ASP B 134 24.58 -8.57 26.62
CA ASP B 134 25.39 -7.67 25.78
C ASP B 134 25.04 -7.88 24.31
N ASN B 135 24.55 -6.83 23.65
CA ASN B 135 24.06 -6.98 22.28
C ASN B 135 25.10 -6.67 21.22
N ARG B 136 26.31 -6.34 21.64
CA ARG B 136 27.30 -5.77 20.74
C ARG B 136 27.86 -6.81 19.77
N VAL B 137 27.99 -6.44 18.52
CA VAL B 137 28.62 -7.28 17.52
C VAL B 137 29.93 -6.59 17.14
N ASN B 138 30.89 -7.40 16.69
CA ASN B 138 32.22 -6.92 16.32
C ASN B 138 33.04 -8.06 15.74
N HIS B 139 34.35 -7.84 15.57
CA HIS B 139 35.18 -8.83 14.92
C HIS B 139 35.29 -10.11 15.72
N SER B 140 34.85 -10.11 16.97
CA SER B 140 34.99 -11.22 17.90
C SER B 140 33.74 -12.06 18.05
N THR B 141 32.63 -11.65 17.46
CA THR B 141 31.33 -12.29 17.66
C THR B 141 30.93 -13.09 16.43
N LEU B 142 30.02 -14.04 16.66
CA LEU B 142 29.32 -14.75 15.59
C LEU B 142 27.81 -14.60 15.79
N PRO B 143 27.12 -13.78 14.98
CA PRO B 143 27.58 -13.10 13.74
C PRO B 143 28.51 -11.89 13.92
N VAL B 144 29.32 -11.64 12.89
CA VAL B 144 30.36 -10.60 12.92
C VAL B 144 29.75 -9.21 12.89
N GLY B 145 30.27 -8.30 13.72
CA GLY B 145 30.10 -6.88 13.54
C GLY B 145 31.36 -6.22 12.96
N ASN B 146 31.23 -4.96 12.59
CA ASN B 146 32.30 -4.13 12.01
C ASN B 146 32.67 -3.02 13.00
N GLU B 147 33.85 -2.45 12.81
CA GLU B 147 34.38 -1.47 13.76
C GLU B 147 35.15 -0.41 12.99
N ASP B 148 35.61 0.60 13.73
CA ASP B 148 36.52 1.61 13.17
C ASP B 148 35.80 2.28 12.00
N GLY B 149 36.48 2.52 10.88
CA GLY B 149 35.86 3.13 9.73
C GLY B 149 35.32 2.09 8.77
N GLN B 150 34.82 0.99 9.33
CA GLN B 150 34.12 -0.01 8.54
C GLN B 150 32.63 0.35 8.55
N LEU B 151 31.98 0.12 7.40
CA LEU B 151 30.58 0.43 7.15
C LEU B 151 29.73 -0.82 7.32
N ALA B 152 28.50 -0.64 7.81
CA ALA B 152 27.60 -1.78 7.95
C ALA B 152 27.39 -2.44 6.59
N PHE B 153 27.18 -3.76 6.59
CA PHE B 153 26.90 -4.48 5.36
C PHE B 153 25.68 -3.87 4.66
N PHE B 154 25.89 -3.38 3.43
CA PHE B 154 24.92 -2.65 2.61
C PHE B 154 24.76 -1.19 3.05
N GLY B 155 25.73 -0.63 3.78
CA GLY B 155 25.68 0.76 4.14
C GLY B 155 26.14 1.67 3.01
N SER B 156 25.69 2.93 3.07
CA SER B 156 26.07 3.97 2.13
C SER B 156 26.83 5.07 2.86
N ASP B 157 27.71 5.75 2.11
CA ASP B 157 28.62 6.70 2.70
C ASP B 157 28.99 7.76 1.68
N ASN B 158 29.26 8.97 2.16
CA ASN B 158 29.99 9.98 1.40
C ASN B 158 31.35 10.17 2.05
N ALA B 159 32.24 9.19 1.84
CA ALA B 159 33.50 9.19 2.57
C ALA B 159 34.47 10.20 1.96
N GLY B 160 35.24 10.83 2.84
CA GLY B 160 36.17 11.86 2.45
C GLY B 160 35.70 13.27 2.73
N ILE B 161 34.40 13.49 2.83
CA ILE B 161 33.92 14.84 3.01
C ILE B 161 34.23 15.26 4.45
N PRO B 162 35.00 16.34 4.63
CA PRO B 162 35.34 16.83 5.98
C PRO B 162 34.18 16.78 6.96
N SER B 163 33.06 17.37 6.57
CA SER B 163 31.93 17.50 7.48
C SER B 163 31.41 16.15 7.91
N VAL B 164 31.27 15.22 6.96
CA VAL B 164 30.72 13.89 7.25
C VAL B 164 31.64 13.11 8.17
N GLU B 165 32.95 13.17 7.89
CA GLU B 165 33.92 12.41 8.69
C GLU B 165 33.97 12.95 10.11
N ALA B 166 34.02 14.28 10.27
CA ALA B 166 33.93 14.86 11.59
C ALA B 166 32.67 14.36 12.30
N ALA B 167 31.59 14.16 11.54
CA ALA B 167 30.32 13.74 12.10
C ALA B 167 30.35 12.28 12.54
N LYS B 168 31.03 11.42 11.76
CA LYS B 168 31.18 10.02 12.16
C LYS B 168 31.94 9.89 13.47
N ARG B 169 32.95 10.75 13.68
CA ARG B 169 33.75 10.67 14.89
C ARG B 169 32.95 11.10 16.10
N ALA B 170 32.09 12.11 15.97
CA ALA B 170 31.31 12.64 17.08
C ALA B 170 29.99 11.91 17.30
N ALA B 171 29.72 10.83 16.57
CA ALA B 171 28.40 10.23 16.61
C ALA B 171 28.31 9.23 17.76
N ALA B 172 27.19 9.29 18.47
CA ALA B 172 26.90 8.30 19.50
C ALA B 172 26.97 6.91 18.90
N PRO B 173 27.54 5.94 19.61
CA PRO B 173 27.88 4.66 18.98
C PRO B 173 26.66 3.82 18.69
N GLN B 174 26.84 2.91 17.73
CA GLN B 174 25.80 1.98 17.31
C GLN B 174 26.48 0.80 16.63
N ASN B 175 25.91 -0.39 16.81
CA ASN B 175 26.43 -1.56 16.14
C ASN B 175 26.40 -1.37 14.62
N ARG B 176 27.26 -2.11 13.94
CA ARG B 176 27.41 -2.03 12.49
C ARG B 176 27.54 -3.46 11.97
N PRO B 177 26.44 -4.20 11.96
CA PRO B 177 26.48 -5.61 11.55
C PRO B 177 27.13 -5.79 10.18
N ASN B 178 27.97 -6.82 10.07
CA ASN B 178 28.35 -7.32 8.74
C ASN B 178 27.38 -8.36 8.24
N PHE B 179 26.09 -8.16 8.46
CA PHE B 179 25.08 -9.10 8.00
C PHE B 179 23.80 -8.34 7.62
N ASP B 180 22.91 -9.02 6.91
CA ASP B 180 21.72 -8.39 6.40
C ASP B 180 20.52 -8.80 7.23
N PHE B 181 20.47 -8.32 8.47
CA PHE B 181 19.30 -8.53 9.34
C PHE B 181 19.46 -7.85 10.69
N PHE B 182 18.39 -7.21 11.16
CA PHE B 182 18.46 -6.35 12.33
C PHE B 182 19.04 -7.08 13.55
N ASN B 183 19.81 -6.35 14.33
CA ASN B 183 20.54 -6.92 15.46
C ASN B 183 19.64 -7.02 16.72
N TYR B 184 18.58 -7.79 16.57
CA TYR B 184 17.69 -8.06 17.69
C TYR B 184 18.41 -8.81 18.81
N ALA B 185 18.20 -8.37 20.05
CA ALA B 185 18.85 -8.96 21.21
C ALA B 185 17.83 -9.27 22.29
N GLY B 186 18.31 -9.81 23.41
CA GLY B 186 17.48 -10.14 24.56
C GLY B 186 17.34 -11.64 24.76
N ILE B 187 16.47 -12.01 25.71
CA ILE B 187 16.32 -13.41 26.10
C ILE B 187 15.31 -14.04 25.14
N HIS B 188 15.81 -14.52 24.00
CA HIS B 188 14.92 -14.76 22.85
C HIS B 188 14.04 -15.98 23.03
N ARG B 189 14.55 -17.00 23.69
CA ARG B 189 13.97 -18.33 23.70
C ARG B 189 13.51 -18.66 25.11
N PRO B 190 12.65 -19.68 25.27
CA PRO B 190 12.11 -19.94 26.62
C PRO B 190 13.18 -20.16 27.70
N VAL B 191 12.76 -19.92 28.94
CA VAL B 191 13.59 -19.99 30.14
C VAL B 191 12.96 -20.99 31.10
N VAL B 192 13.71 -22.03 31.44
CA VAL B 192 13.20 -23.25 32.06
C VAL B 192 13.95 -23.50 33.36
N LEU B 193 13.21 -23.73 34.44
CA LEU B 193 13.72 -24.38 35.64
C LEU B 193 13.20 -25.81 35.68
N TYR B 194 14.11 -26.79 35.81
CA TYR B 194 13.72 -28.19 35.77
C TYR B 194 14.60 -29.04 36.68
N THR B 195 14.04 -30.14 37.17
CA THR B 195 14.69 -31.03 38.11
C THR B 195 15.03 -32.37 37.48
N THR B 196 16.05 -33.05 38.09
CA THR B 196 16.27 -34.47 37.87
C THR B 196 16.51 -35.20 39.18
N PRO B 197 16.45 -36.54 39.18
CA PRO B 197 17.05 -37.30 40.28
C PRO B 197 18.55 -37.11 40.36
N LYS B 198 19.05 -36.98 41.60
CA LYS B 198 20.44 -36.58 41.86
C LYS B 198 21.48 -37.42 41.12
N GLU B 199 21.08 -38.56 40.54
CA GLU B 199 21.91 -39.30 39.58
C GLU B 199 21.08 -39.52 38.32
N TYR B 200 21.54 -39.00 37.18
CA TYR B 200 20.60 -38.78 36.09
C TYR B 200 21.16 -39.17 34.73
N ILE B 201 20.24 -39.52 33.82
CA ILE B 201 20.56 -39.64 32.40
C ILE B 201 21.02 -38.29 31.86
N GLU B 202 22.23 -38.28 31.26
CA GLU B 202 22.84 -37.04 30.78
C GLU B 202 22.69 -36.85 29.28
N ASP B 203 22.85 -37.90 28.50
CA ASP B 203 22.92 -37.69 27.06
C ASP B 203 22.42 -38.92 26.34
N VAL B 204 21.60 -38.68 25.32
CA VAL B 204 21.17 -39.72 24.40
C VAL B 204 21.72 -39.37 23.02
N THR B 205 22.31 -40.36 22.38
CA THR B 205 22.77 -40.23 21.01
C THR B 205 22.37 -41.48 20.24
N ILE B 206 21.58 -41.31 19.18
CA ILE B 206 20.98 -42.43 18.46
C ILE B 206 21.39 -42.38 17.00
N VAL B 207 21.80 -43.52 16.47
CA VAL B 207 22.17 -43.62 15.04
C VAL B 207 21.38 -44.75 14.40
N PRO B 208 20.29 -44.46 13.70
CA PRO B 208 19.48 -45.52 13.11
C PRO B 208 20.04 -45.93 11.75
N ALA B 209 19.53 -47.06 11.26
CA ALA B 209 19.86 -47.56 9.94
C ALA B 209 18.61 -48.04 9.22
N VAL B 210 18.65 -48.00 7.90
CA VAL B 210 17.46 -48.23 7.08
C VAL B 210 16.87 -49.62 7.33
N ASP B 211 17.75 -50.61 7.59
CA ASP B 211 17.29 -51.97 7.75
C ASP B 211 16.50 -52.18 9.04
N GLY B 212 16.59 -51.24 9.98
CA GLY B 212 15.92 -51.36 11.26
C GLY B 212 16.86 -51.44 12.44
N THR B 213 18.16 -51.60 12.20
CA THR B 213 19.13 -51.63 13.28
C THR B 213 19.47 -50.21 13.70
N VAL B 214 19.67 -50.01 15.00
CA VAL B 214 19.76 -48.68 15.58
C VAL B 214 20.78 -48.71 16.70
N GLN B 215 21.92 -48.06 16.50
CA GLN B 215 22.85 -47.91 17.60
C GLN B 215 22.30 -46.88 18.58
N TYR B 216 22.78 -46.95 19.82
CA TYR B 216 22.41 -45.96 20.83
C TYR B 216 23.48 -45.89 21.89
N ALA B 217 23.42 -44.84 22.70
CA ALA B 217 24.39 -44.61 23.74
C ALA B 217 23.88 -43.56 24.72
N VAL B 218 23.23 -44.03 25.78
CA VAL B 218 22.95 -43.20 26.94
C VAL B 218 24.23 -43.02 27.76
N LYS B 219 24.27 -41.95 28.58
CA LYS B 219 25.40 -41.68 29.46
C LYS B 219 24.85 -41.22 30.81
N THR B 220 24.87 -42.11 31.80
CA THR B 220 24.37 -41.80 33.13
C THR B 220 25.51 -41.32 34.04
N THR B 221 25.13 -40.77 35.20
CA THR B 221 26.11 -40.25 36.16
C THR B 221 26.38 -41.17 37.34
N GLY B 222 25.36 -41.90 37.82
CA GLY B 222 25.56 -42.95 38.80
C GLY B 222 25.85 -44.29 38.14
N SER B 223 25.80 -45.33 38.96
CA SER B 223 26.07 -46.69 38.51
C SER B 223 24.85 -47.58 38.63
N ALA B 224 23.66 -46.98 38.54
CA ALA B 224 22.47 -47.77 38.30
C ALA B 224 22.49 -48.26 36.87
N PRO B 225 21.95 -49.45 36.61
CA PRO B 225 21.91 -49.95 35.23
C PRO B 225 20.83 -49.27 34.42
N VAL B 226 20.99 -49.36 33.10
CA VAL B 226 20.18 -48.65 32.13
C VAL B 226 19.35 -49.66 31.34
N ARG B 227 18.04 -49.42 31.23
CA ARG B 227 17.16 -50.18 30.35
C ARG B 227 16.51 -49.23 29.34
N VAL B 228 16.67 -49.53 28.06
CA VAL B 228 16.01 -48.77 27.02
C VAL B 228 14.85 -49.58 26.47
N THR B 229 13.96 -48.86 25.76
CA THR B 229 12.75 -49.39 25.15
C THR B 229 12.40 -48.49 23.98
N VAL B 230 12.08 -49.07 22.84
CA VAL B 230 11.66 -48.31 21.66
C VAL B 230 10.14 -48.32 21.59
N LEU B 231 9.53 -47.16 21.76
CA LEU B 231 8.09 -46.99 21.62
C LEU B 231 7.77 -46.54 20.19
N ASP B 232 6.78 -47.18 19.58
CA ASP B 232 6.38 -46.80 18.23
C ASP B 232 5.55 -45.52 18.28
N ALA B 233 4.92 -45.17 17.16
CA ALA B 233 4.14 -43.94 17.09
C ALA B 233 2.95 -43.97 18.03
N ASP B 234 2.36 -45.14 18.22
CA ASP B 234 1.18 -45.30 19.06
C ASP B 234 1.55 -45.61 20.51
N GLY B 235 2.81 -45.40 20.90
CA GLY B 235 3.27 -45.62 22.27
C GLY B 235 3.56 -47.07 22.61
N ASN B 236 3.12 -48.02 21.81
CA ASN B 236 3.40 -49.43 22.05
C ASN B 236 4.89 -49.72 21.88
N ALA B 237 5.46 -50.48 22.82
CA ALA B 237 6.88 -50.86 22.69
C ALA B 237 7.05 -51.95 21.64
N VAL B 238 8.20 -51.91 20.93
CA VAL B 238 8.42 -52.76 19.76
C VAL B 238 9.80 -53.39 19.84
N ALA B 239 10.60 -52.99 20.82
CA ALA B 239 11.96 -53.47 20.95
C ALA B 239 12.54 -52.90 22.23
N SER B 240 13.57 -53.56 22.76
CA SER B 240 14.19 -53.10 23.99
C SER B 240 15.50 -53.84 24.19
N ALA B 241 16.27 -53.36 25.17
CA ALA B 241 17.52 -53.96 25.59
C ALA B 241 17.88 -53.36 26.93
N GLU B 242 18.60 -54.14 27.74
CA GLU B 242 18.92 -53.74 29.11
C GLU B 242 20.43 -53.50 29.23
N SER B 243 20.95 -52.66 28.32
CA SER B 243 22.32 -52.19 28.34
C SER B 243 22.29 -50.69 28.04
N ALA B 244 23.36 -49.98 28.44
CA ALA B 244 23.38 -48.52 28.29
C ALA B 244 23.89 -48.05 26.94
N GLU B 245 24.53 -48.91 26.16
CA GLU B 245 24.75 -48.63 24.74
C GLU B 245 24.92 -49.94 24.02
N GLY B 246 24.69 -49.89 22.71
CA GLY B 246 24.61 -51.10 21.89
C GLY B 246 23.72 -50.83 20.69
N THR B 247 23.28 -51.90 20.05
CA THR B 247 22.35 -51.76 18.94
C THR B 247 21.20 -52.74 19.15
N ILE B 248 19.98 -52.22 19.08
CA ILE B 248 18.77 -53.03 19.12
C ILE B 248 18.22 -53.10 17.71
N THR B 249 16.97 -53.55 17.54
CA THR B 249 16.42 -53.65 16.19
C THR B 249 14.89 -53.51 16.15
N ILE B 250 14.41 -52.58 15.33
CA ILE B 250 12.98 -52.42 15.05
C ILE B 250 12.57 -53.44 14.00
N PRO B 251 11.70 -54.40 14.33
CA PRO B 251 11.40 -55.50 13.40
C PRO B 251 11.05 -55.00 12.02
N GLU B 252 9.86 -54.46 11.82
CA GLU B 252 9.52 -53.85 10.55
C GLU B 252 9.43 -52.35 10.80
N VAL B 253 10.57 -51.68 10.62
CA VAL B 253 10.65 -50.25 10.85
C VAL B 253 9.89 -49.51 9.76
N HIS B 254 9.16 -48.47 10.15
CA HIS B 254 8.60 -47.50 9.21
C HIS B 254 9.59 -46.36 9.04
N LEU B 255 9.78 -45.92 7.80
CA LEU B 255 10.82 -44.95 7.47
C LEU B 255 10.32 -43.52 7.60
N TRP B 256 11.19 -42.63 8.07
CA TRP B 256 10.88 -41.20 8.14
C TRP B 256 11.05 -40.56 6.76
N GLU B 257 10.07 -39.72 6.36
CA GLU B 257 10.06 -39.13 5.02
C GLU B 257 9.18 -37.90 4.96
N PRO B 258 9.60 -36.84 4.27
CA PRO B 258 8.69 -35.74 3.98
C PRO B 258 7.54 -36.23 3.10
N ARG B 259 6.44 -35.45 3.09
CA ARG B 259 5.34 -35.73 2.16
C ARG B 259 5.87 -35.67 0.73
N PRO B 260 5.56 -36.67 -0.15
CA PRO B 260 4.58 -37.76 -0.20
C PRO B 260 4.55 -38.74 0.96
N GLY B 261 5.70 -39.21 1.43
CA GLY B 261 5.76 -40.17 2.51
C GLY B 261 5.31 -39.61 3.84
N THR B 262 5.59 -40.37 4.88
CA THR B 262 5.11 -39.93 6.18
C THR B 262 6.28 -39.81 7.16
N PRO B 263 6.20 -38.87 8.10
CA PRO B 263 7.32 -38.60 9.05
C PRO B 263 7.30 -39.47 10.31
N TYR B 264 7.54 -40.77 10.15
CA TYR B 264 7.37 -41.73 11.25
C TYR B 264 8.46 -41.56 12.31
N LEU B 265 8.03 -41.26 13.54
CA LEU B 265 8.94 -40.97 14.64
C LEU B 265 8.86 -42.06 15.71
N TYR B 266 10.01 -42.61 16.06
CA TYR B 266 10.15 -43.55 17.15
C TYR B 266 10.62 -42.81 18.39
N THR B 267 10.40 -43.42 19.56
CA THR B 267 10.91 -42.87 20.80
C THR B 267 11.86 -43.86 21.45
N LEU B 268 12.84 -43.32 22.17
CA LEU B 268 13.71 -44.13 23.00
C LEU B 268 13.35 -43.82 24.44
N HIS B 269 12.59 -44.74 25.05
CA HIS B 269 12.28 -44.68 26.47
C HIS B 269 13.49 -45.20 27.22
N ALA B 270 14.15 -44.31 27.97
CA ALA B 270 15.39 -44.63 28.67
C ALA B 270 15.16 -44.48 30.17
N THR B 271 15.44 -45.55 30.91
CA THR B 271 15.29 -45.62 32.37
C THR B 271 16.64 -45.96 32.98
N CYS B 272 17.01 -45.24 34.04
CA CYS B 272 18.24 -45.55 34.75
C CYS B 272 18.03 -45.13 36.20
N GLY B 273 17.81 -46.12 37.07
CA GLY B 273 17.58 -45.78 38.46
C GLY B 273 16.20 -45.20 38.65
N ALA B 274 16.13 -44.06 39.36
CA ALA B 274 14.90 -43.28 39.53
C ALA B 274 14.57 -42.38 38.33
N ASP B 275 15.37 -42.38 37.28
CA ASP B 275 15.24 -41.38 36.25
C ASP B 275 14.68 -41.97 34.96
N VAL B 276 14.06 -41.09 34.17
CA VAL B 276 13.51 -41.42 32.86
C VAL B 276 13.83 -40.29 31.88
N TYR B 277 14.05 -40.66 30.62
CA TYR B 277 14.12 -39.66 29.56
C TYR B 277 13.57 -40.29 28.28
N ASP B 278 12.74 -39.53 27.57
CA ASP B 278 12.23 -39.94 26.25
C ASP B 278 12.89 -39.07 25.18
N GLN B 279 13.57 -39.71 24.24
CA GLN B 279 14.32 -39.02 23.20
C GLN B 279 13.82 -39.57 21.88
N THR B 280 13.00 -38.79 21.20
CA THR B 280 12.45 -39.18 19.92
C THR B 280 13.54 -39.17 18.85
N PHE B 281 13.37 -40.03 17.85
CA PHE B 281 14.31 -40.11 16.73
C PHE B 281 13.53 -40.54 15.49
N GLY B 282 14.22 -40.64 14.37
CA GLY B 282 13.60 -41.09 13.13
C GLY B 282 14.62 -41.87 12.32
N VAL B 283 14.11 -42.66 11.37
CA VAL B 283 14.92 -43.62 10.64
C VAL B 283 14.92 -43.26 9.15
N ARG B 284 16.10 -42.94 8.62
CA ARG B 284 16.22 -42.57 7.21
C ARG B 284 17.68 -42.44 6.83
N SER B 285 18.00 -42.84 5.61
CA SER B 285 19.34 -42.68 5.04
C SER B 285 19.46 -41.38 4.24
N ILE B 286 20.65 -40.78 4.30
CA ILE B 286 21.06 -39.65 3.45
C ILE B 286 22.45 -39.99 2.94
N GLU B 287 22.60 -40.19 1.64
CA GLU B 287 23.95 -40.39 1.14
C GLU B 287 24.16 -39.60 -0.15
N VAL B 288 25.23 -38.83 -0.16
CA VAL B 288 25.71 -38.20 -1.39
C VAL B 288 26.40 -39.29 -2.21
N ARG B 289 25.81 -39.64 -3.35
CA ARG B 289 26.41 -40.54 -4.32
C ARG B 289 26.54 -39.79 -5.64
N GLY B 290 27.76 -39.51 -6.05
CA GLY B 290 27.98 -38.79 -7.29
C GLY B 290 27.45 -37.38 -7.16
N THR B 291 26.61 -36.99 -8.11
CA THR B 291 25.93 -35.71 -8.11
C THR B 291 24.46 -35.83 -7.71
N GLN B 292 24.12 -36.87 -6.95
CA GLN B 292 22.79 -37.08 -6.39
C GLN B 292 22.85 -36.99 -4.88
N VAL B 293 21.79 -36.47 -4.28
CA VAL B 293 21.54 -36.63 -2.84
C VAL B 293 20.36 -37.57 -2.70
N LEU B 294 20.60 -38.72 -2.10
CA LEU B 294 19.58 -39.75 -1.95
C LEU B 294 19.15 -39.83 -0.50
N LEU B 295 17.91 -39.42 -0.24
CA LEU B 295 17.21 -39.80 0.97
C LEU B 295 16.62 -41.19 0.74
N ASN B 296 16.94 -42.12 1.63
CA ASN B 296 16.40 -43.47 1.56
C ASN B 296 16.65 -44.08 0.19
N GLY B 297 17.81 -43.79 -0.38
CA GLY B 297 18.11 -44.29 -1.70
C GLY B 297 17.48 -43.48 -2.81
N LYS B 298 16.31 -42.88 -2.55
CA LYS B 298 15.76 -42.38 -3.81
C LYS B 298 16.13 -40.92 -4.04
N PRO B 299 16.48 -40.60 -5.29
CA PRO B 299 17.04 -39.28 -5.60
C PRO B 299 16.13 -38.15 -5.14
N LEU B 300 16.72 -37.23 -4.38
CA LEU B 300 16.00 -36.20 -3.64
C LEU B 300 16.19 -34.85 -4.31
N TYR B 301 15.09 -34.16 -4.61
CA TYR B 301 15.16 -32.77 -5.02
C TYR B 301 14.62 -31.87 -3.91
N PHE B 302 15.32 -30.77 -3.69
CA PHE B 302 15.09 -29.89 -2.55
C PHE B 302 14.29 -28.70 -3.01
N LYS B 303 13.11 -28.51 -2.44
CA LYS B 303 12.27 -27.35 -2.69
C LYS B 303 12.17 -26.59 -1.37
N GLY B 304 12.92 -25.49 -1.25
CA GLY B 304 13.21 -24.92 0.05
C GLY B 304 12.88 -23.45 0.16
N PHE B 305 12.83 -22.99 1.40
CA PHE B 305 12.82 -21.59 1.76
C PHE B 305 14.01 -21.34 2.68
N CYS B 306 14.64 -20.18 2.55
CA CYS B 306 15.41 -19.67 3.67
C CYS B 306 14.45 -18.86 4.49
N LYS B 307 14.63 -18.88 5.81
CA LYS B 307 13.73 -18.18 6.71
C LYS B 307 14.56 -17.32 7.66
N HIS B 308 13.94 -16.93 8.76
CA HIS B 308 14.54 -16.07 9.75
C HIS B 308 13.65 -16.12 10.98
N GLU B 309 14.25 -16.14 12.16
CA GLU B 309 13.45 -15.95 13.36
C GLU B 309 13.15 -14.45 13.46
N ASP B 310 12.12 -14.05 12.72
CA ASP B 310 11.67 -12.65 12.66
C ASP B 310 10.15 -12.58 12.62
N PHE B 311 9.61 -11.54 13.25
CA PHE B 311 8.18 -11.27 13.33
C PHE B 311 7.96 -9.98 14.12
N THR B 312 6.85 -9.30 13.79
CA THR B 312 6.35 -8.12 14.51
C THR B 312 6.35 -8.34 16.01
N ALA B 313 6.85 -7.34 16.74
CA ALA B 313 6.74 -7.27 18.20
C ALA B 313 7.58 -8.31 18.97
N HIS B 314 7.58 -9.57 18.53
CA HIS B 314 8.44 -10.59 19.10
C HIS B 314 9.91 -10.38 18.75
N GLY B 315 10.18 -9.65 17.66
CA GLY B 315 11.55 -9.44 17.21
C GLY B 315 12.11 -10.75 16.73
N ARG B 316 13.22 -11.17 17.32
CA ARG B 316 13.77 -12.50 17.08
C ARG B 316 13.26 -13.54 18.09
N GLY B 317 12.45 -13.14 19.07
CA GLY B 317 12.02 -14.07 20.10
C GLY B 317 11.24 -15.26 19.56
N PHE B 318 11.12 -16.28 20.41
CA PHE B 318 10.39 -17.49 20.02
C PHE B 318 8.91 -17.22 19.99
N ASP B 319 8.23 -17.97 19.13
CA ASP B 319 6.80 -17.79 18.89
C ASP B 319 6.30 -19.12 18.36
N PRO B 320 5.81 -19.99 19.23
CA PRO B 320 5.37 -21.32 18.79
C PRO B 320 4.11 -21.29 17.93
N VAL B 321 3.33 -20.23 17.99
CA VAL B 321 2.16 -20.10 17.10
C VAL B 321 2.62 -19.89 15.66
N LEU B 322 3.30 -18.78 15.42
CA LEU B 322 3.79 -18.49 14.07
C LEU B 322 4.52 -19.67 13.49
N ASN B 323 5.21 -20.45 14.34
CA ASN B 323 5.86 -21.67 13.88
C ASN B 323 4.89 -22.58 13.14
N VAL B 324 3.79 -22.95 13.80
CA VAL B 324 2.82 -23.83 13.18
C VAL B 324 2.35 -23.22 11.87
N LYS B 325 1.89 -21.97 11.93
CA LYS B 325 1.41 -21.30 10.72
C LYS B 325 2.46 -21.33 9.60
N ASP B 326 3.72 -20.96 9.91
CA ASP B 326 4.78 -21.00 8.91
C ASP B 326 4.94 -22.39 8.31
N VAL B 327 4.86 -23.42 9.16
CA VAL B 327 5.07 -24.78 8.67
C VAL B 327 3.87 -25.25 7.83
N ASN B 328 2.66 -24.76 8.10
CA ASN B 328 1.55 -25.11 7.22
C ASN B 328 1.57 -24.31 5.94
N LEU B 329 2.12 -23.09 5.98
CA LEU B 329 2.39 -22.38 4.74
C LEU B 329 3.38 -23.18 3.89
N ILE B 330 4.40 -23.77 4.53
CA ILE B 330 5.40 -24.54 3.78
C ILE B 330 4.77 -25.76 3.13
N HIS B 331 3.86 -26.45 3.83
CA HIS B 331 3.05 -27.48 3.16
C HIS B 331 2.23 -26.88 2.03
N TRP B 332 1.49 -25.80 2.32
CA TRP B 332 0.62 -25.18 1.32
C TRP B 332 1.40 -24.75 0.10
N ALA B 333 2.64 -24.30 0.31
CA ALA B 333 3.53 -23.89 -0.76
C ALA B 333 4.04 -25.05 -1.59
N ASN B 334 3.84 -26.29 -1.14
CA ASN B 334 4.40 -27.52 -1.72
C ASN B 334 5.91 -27.64 -1.54
N ALA B 335 6.50 -26.89 -0.62
CA ALA B 335 7.92 -27.02 -0.33
C ALA B 335 8.17 -28.21 0.64
N ASN B 336 9.45 -28.60 0.73
CA ASN B 336 9.82 -29.74 1.56
C ASN B 336 11.06 -29.50 2.42
N ALA B 337 11.63 -28.30 2.42
CA ALA B 337 12.94 -28.08 3.01
C ALA B 337 13.05 -26.65 3.53
N VAL B 338 13.75 -26.48 4.64
CA VAL B 338 13.95 -25.14 5.20
C VAL B 338 15.40 -25.00 5.64
N ARG B 339 15.95 -23.81 5.39
CA ARG B 339 17.32 -23.46 5.73
C ARG B 339 17.29 -22.51 6.93
N THR B 340 17.90 -22.93 8.04
CA THR B 340 17.93 -22.13 9.27
C THR B 340 19.08 -21.14 9.18
N SER B 341 18.76 -19.95 8.71
CA SER B 341 19.74 -18.93 8.39
C SER B 341 19.37 -17.66 9.15
N HIS B 342 20.36 -17.02 9.73
CA HIS B 342 21.74 -17.48 9.67
C HIS B 342 22.18 -17.82 11.08
N TYR B 343 21.54 -18.83 11.65
CA TYR B 343 21.80 -19.29 13.01
C TYR B 343 20.97 -20.54 13.28
N PRO B 344 21.21 -21.24 14.38
CA PRO B 344 20.30 -22.32 14.77
C PRO B 344 19.02 -21.75 15.37
N TYR B 345 17.91 -22.39 15.05
CA TYR B 345 16.60 -21.88 15.44
C TYR B 345 16.26 -22.45 16.81
N ALA B 346 15.08 -22.10 17.34
CA ALA B 346 14.64 -22.70 18.58
C ALA B 346 14.53 -24.21 18.42
N GLU B 347 14.80 -24.94 19.52
CA GLU B 347 14.78 -26.40 19.45
C GLU B 347 13.43 -26.92 19.04
N GLU B 348 12.37 -26.19 19.41
CA GLU B 348 11.01 -26.59 19.10
C GLU B 348 10.71 -26.48 17.61
N PHE B 349 11.43 -25.61 16.88
CA PHE B 349 11.29 -25.59 15.43
C PHE B 349 11.63 -26.95 14.85
N TYR B 350 12.73 -27.55 15.29
CA TYR B 350 13.17 -28.82 14.74
C TYR B 350 12.22 -29.95 15.11
N ASP B 351 11.69 -29.93 16.35
CA ASP B 351 10.62 -30.85 16.71
C ASP B 351 9.44 -30.68 15.78
N LEU B 352 8.99 -29.44 15.59
CA LEU B 352 7.90 -29.19 14.64
C LEU B 352 8.24 -29.72 13.26
N CYS B 353 9.50 -29.59 12.83
CA CYS B 353 9.86 -30.07 11.50
C CYS B 353 10.04 -31.57 11.48
N ASP B 354 10.56 -32.14 12.56
CA ASP B 354 10.55 -33.59 12.76
C ASP B 354 9.17 -34.15 12.46
N ARG B 355 8.17 -33.69 13.23
CA ARG B 355 6.80 -34.20 13.16
C ARG B 355 6.12 -33.86 11.86
N GLU B 356 6.51 -32.78 11.20
CA GLU B 356 5.79 -32.32 10.03
C GLU B 356 6.38 -32.81 8.71
N GLY B 357 7.60 -33.34 8.71
CA GLY B 357 8.14 -33.92 7.49
C GLY B 357 8.82 -32.92 6.58
N ILE B 358 9.84 -32.24 7.12
CA ILE B 358 10.43 -31.07 6.51
C ILE B 358 11.94 -31.15 6.68
N LEU B 359 12.66 -31.37 5.57
CA LEU B 359 14.12 -31.46 5.58
C LEU B 359 14.75 -30.14 6.00
N VAL B 360 15.61 -30.18 7.01
CA VAL B 360 16.20 -28.97 7.55
C VAL B 360 17.69 -28.96 7.25
N MET B 361 18.16 -27.84 6.71
CA MET B 361 19.57 -27.50 6.60
C MET B 361 19.88 -26.62 7.80
N ASP B 362 20.78 -27.11 8.65
CA ASP B 362 21.05 -26.52 9.96
C ASP B 362 22.35 -25.72 9.88
N GLU B 363 22.31 -24.46 10.29
CA GLU B 363 23.41 -23.54 10.05
C GLU B 363 23.80 -22.83 11.34
N THR B 364 25.11 -22.66 11.52
CA THR B 364 25.71 -21.86 12.59
C THR B 364 25.50 -20.37 12.39
N PRO B 365 25.81 -19.56 13.42
CA PRO B 365 25.78 -18.10 13.25
C PRO B 365 27.05 -17.52 12.67
N ALA B 366 27.77 -18.29 11.84
CA ALA B 366 29.02 -17.80 11.27
C ALA B 366 28.69 -16.98 10.02
N VAL B 367 28.51 -15.67 10.22
CA VAL B 367 28.08 -14.75 9.16
C VAL B 367 28.90 -13.48 9.25
N GLY B 368 29.37 -12.99 8.10
CA GLY B 368 30.19 -11.81 8.08
C GLY B 368 31.67 -12.02 8.26
N ILE B 369 32.22 -13.16 7.82
CA ILE B 369 33.67 -13.39 7.91
C ILE B 369 34.27 -12.88 6.61
N GLY B 370 34.46 -11.56 6.57
CA GLY B 370 34.95 -10.86 5.41
C GLY B 370 35.17 -9.41 5.76
N GLY B 371 36.07 -8.75 5.05
CA GLY B 371 36.37 -7.38 5.42
C GLY B 371 36.76 -6.52 4.25
N GLY B 372 36.66 -7.08 3.06
CA GLY B 372 37.15 -6.46 1.86
C GLY B 372 38.32 -7.24 1.29
N ALA B 373 38.87 -6.72 0.20
CA ALA B 373 40.05 -7.32 -0.40
C ALA B 373 41.31 -6.98 0.39
N ALA B 374 41.23 -6.03 1.32
CA ALA B 374 42.39 -5.52 2.02
C ALA B 374 42.36 -5.80 3.51
N VAL B 375 41.34 -6.51 3.99
CA VAL B 375 41.23 -6.85 5.40
C VAL B 375 40.99 -8.35 5.45
N ASN B 376 42.05 -9.10 5.75
CA ASN B 376 42.07 -10.54 5.85
C ASN B 376 41.44 -10.96 7.17
N PRO B 377 40.21 -11.49 7.12
CA PRO B 377 39.55 -11.89 8.37
C PRO B 377 40.25 -13.05 9.07
N TYR B 378 40.87 -13.95 8.30
CA TYR B 378 41.55 -15.09 8.88
C TYR B 378 42.78 -14.67 9.65
N LYS B 379 43.32 -13.50 9.35
CA LYS B 379 44.51 -13.02 10.04
C LYS B 379 44.21 -12.04 11.17
N GLU B 380 43.07 -11.33 11.12
CA GLU B 380 42.81 -10.20 12.02
C GLU B 380 41.53 -10.31 12.85
N TYR B 381 40.70 -11.34 12.62
CA TYR B 381 39.48 -11.47 13.41
C TYR B 381 39.65 -12.66 14.34
N PRO B 382 39.57 -12.46 15.65
CA PRO B 382 39.77 -13.58 16.59
C PRO B 382 38.54 -14.46 16.66
N LEU B 383 38.46 -15.49 15.80
CA LEU B 383 37.19 -16.16 15.58
C LEU B 383 37.23 -17.68 15.54
N ALA B 384 38.39 -18.32 15.34
CA ALA B 384 38.35 -19.74 14.98
C ALA B 384 37.87 -20.63 16.11
N GLU B 385 38.00 -20.20 17.36
CA GLU B 385 37.67 -21.19 18.37
C GLU B 385 36.25 -21.03 18.88
N HIS B 386 35.73 -19.80 18.96
CA HIS B 386 34.31 -19.65 19.17
C HIS B 386 33.55 -20.33 18.04
N HIS B 387 34.07 -20.23 16.83
CA HIS B 387 33.50 -20.95 15.71
C HIS B 387 33.48 -22.45 16.00
N ARG B 388 34.65 -23.04 16.23
CA ARG B 388 34.74 -24.43 16.66
C ARG B 388 33.65 -24.77 17.70
N GLN B 389 33.55 -23.94 18.73
CA GLN B 389 32.63 -24.21 19.83
C GLN B 389 31.18 -24.14 19.38
N VAL B 390 30.78 -22.99 18.83
CA VAL B 390 29.38 -22.81 18.43
C VAL B 390 28.93 -23.96 17.54
N LEU B 391 29.80 -24.44 16.64
CA LEU B 391 29.44 -25.56 15.79
C LEU B 391 29.25 -26.85 16.60
N ALA B 392 30.04 -27.04 17.65
CA ALA B 392 29.85 -28.19 18.55
C ALA B 392 28.56 -28.06 19.35
N GLU B 393 28.34 -26.89 19.95
CA GLU B 393 27.05 -26.61 20.58
C GLU B 393 25.90 -26.93 19.65
N MET B 394 26.03 -26.61 18.36
CA MET B 394 24.94 -26.83 17.41
C MET B 394 24.70 -28.32 17.16
N ILE B 395 25.77 -29.09 16.94
CA ILE B 395 25.57 -30.49 16.55
C ILE B 395 25.15 -31.33 17.75
N HIS B 396 25.70 -31.04 18.92
CA HIS B 396 25.27 -31.75 20.13
C HIS B 396 23.77 -31.60 20.34
N ARG B 397 23.25 -30.37 20.21
CA ARG B 397 21.86 -30.12 20.51
C ARG B 397 20.90 -30.60 19.42
N ASP B 398 21.36 -30.78 18.17
CA ASP B 398 20.48 -31.13 17.06
C ASP B 398 20.75 -32.51 16.48
N LYS B 399 21.66 -33.27 17.10
CA LYS B 399 22.14 -34.53 16.52
C LYS B 399 21.01 -35.52 16.23
N ASN B 400 19.96 -35.53 17.07
CA ASN B 400 18.97 -36.60 17.09
C ASN B 400 17.75 -36.34 16.21
N HIS B 401 17.69 -35.22 15.50
CA HIS B 401 16.52 -34.90 14.67
C HIS B 401 16.66 -35.57 13.30
N PRO B 402 15.66 -36.32 12.85
CA PRO B 402 15.70 -36.80 11.46
C PRO B 402 15.50 -35.69 10.43
N CYS B 403 14.88 -34.56 10.82
CA CYS B 403 14.69 -33.47 9.86
C CYS B 403 16.03 -32.90 9.39
N VAL B 404 17.01 -32.76 10.29
CA VAL B 404 18.30 -32.22 9.88
C VAL B 404 19.01 -33.26 9.02
N VAL B 405 19.17 -32.96 7.74
CA VAL B 405 19.84 -33.83 6.79
C VAL B 405 21.18 -33.29 6.36
N LEU B 406 21.61 -32.14 6.89
CA LEU B 406 22.67 -31.35 6.27
C LEU B 406 23.12 -30.22 7.18
N TRP B 407 24.43 -30.05 7.34
CA TRP B 407 24.98 -28.97 8.14
C TRP B 407 25.64 -27.94 7.24
N SER B 408 25.49 -26.66 7.59
CA SER B 408 26.16 -25.58 6.89
C SER B 408 27.03 -24.81 7.89
N LEU B 409 28.30 -24.62 7.55
CA LEU B 409 29.29 -24.10 8.48
C LEU B 409 29.27 -22.59 8.62
N GLY B 410 28.54 -21.88 7.78
CA GLY B 410 28.57 -20.42 7.81
C GLY B 410 28.04 -19.87 6.51
N ASN B 411 27.93 -18.54 6.48
CA ASN B 411 27.27 -17.88 5.37
C ASN B 411 28.10 -16.70 4.85
N GLU B 412 28.36 -16.73 3.54
CA GLU B 412 28.93 -15.61 2.80
C GLU B 412 30.21 -14.99 3.38
N PRO B 413 31.25 -15.80 3.63
CA PRO B 413 32.56 -15.26 3.99
C PRO B 413 33.35 -14.94 2.73
N ASN B 414 34.45 -14.20 2.92
CA ASN B 414 35.38 -13.94 1.83
C ASN B 414 36.14 -15.22 1.50
N LEU B 415 35.98 -15.70 0.28
CA LEU B 415 36.69 -16.89 -0.16
C LEU B 415 37.42 -16.69 -1.47
N GLU B 416 37.54 -15.47 -1.96
CA GLU B 416 38.30 -15.24 -3.17
C GLU B 416 39.50 -14.33 -2.98
N HIS B 417 39.45 -13.39 -2.03
CA HIS B 417 40.54 -12.43 -1.88
C HIS B 417 41.75 -13.02 -1.17
N PHE B 418 41.57 -14.06 -0.37
CA PHE B 418 42.67 -14.80 0.21
C PHE B 418 42.34 -16.28 0.08
N PRO B 419 42.48 -16.83 -1.13
CA PRO B 419 41.99 -18.20 -1.39
C PRO B 419 42.49 -19.25 -0.44
N GLN B 420 43.79 -19.39 -0.26
CA GLN B 420 44.27 -20.59 0.43
C GLN B 420 44.19 -20.46 1.95
N ASP B 421 44.24 -19.23 2.49
CA ASP B 421 43.90 -19.05 3.90
C ASP B 421 42.47 -19.42 4.21
N ALA B 422 41.60 -19.45 3.20
CA ALA B 422 40.20 -19.76 3.40
C ALA B 422 39.99 -21.26 3.52
N TYR B 423 40.67 -22.05 2.68
CA TYR B 423 40.76 -23.49 2.92
C TYR B 423 41.29 -23.76 4.32
N ASP B 424 42.42 -23.16 4.64
CA ASP B 424 43.07 -23.38 5.91
C ASP B 424 42.17 -23.07 7.10
N TYR B 425 41.16 -22.23 6.91
CA TYR B 425 40.24 -21.94 8.00
C TYR B 425 38.97 -22.79 7.96
N TRP B 426 38.44 -23.08 6.79
CA TRP B 426 37.16 -23.74 6.70
C TRP B 426 37.26 -25.26 6.61
N HIS B 427 38.34 -25.78 6.04
CA HIS B 427 38.44 -27.23 5.90
C HIS B 427 38.63 -27.94 7.23
N PRO B 428 39.39 -27.38 8.20
CA PRO B 428 39.36 -27.99 9.54
C PRO B 428 37.95 -28.08 10.10
N LEU B 429 37.11 -27.08 9.81
CA LEU B 429 35.73 -27.10 10.27
C LEU B 429 34.91 -28.15 9.52
N TYR B 430 35.21 -28.35 8.23
CA TYR B 430 34.53 -29.43 7.51
C TYR B 430 34.75 -30.77 8.21
N GLU B 431 36.01 -31.15 8.43
CA GLU B 431 36.25 -32.44 9.08
C GLU B 431 35.79 -32.43 10.53
N LEU B 432 35.88 -31.29 11.23
CA LEU B 432 35.37 -31.23 12.60
C LEU B 432 33.90 -31.63 12.65
N ALA B 433 33.07 -31.03 11.80
CA ALA B 433 31.66 -31.42 11.75
C ALA B 433 31.52 -32.92 11.58
N HIS B 434 32.23 -33.50 10.60
CA HIS B 434 32.11 -34.92 10.32
C HIS B 434 32.55 -35.78 11.49
N GLN B 435 33.44 -35.26 12.34
CA GLN B 435 33.86 -35.96 13.54
C GLN B 435 32.78 -35.91 14.61
N LEU B 436 32.23 -34.72 14.86
CA LEU B 436 31.27 -34.50 15.95
C LEU B 436 29.88 -35.05 15.67
N ASP B 437 29.61 -35.51 14.43
CA ASP B 437 28.24 -35.89 14.06
C ASP B 437 28.07 -37.40 14.03
N PRO B 438 27.46 -37.97 15.04
CA PRO B 438 27.10 -39.40 15.07
C PRO B 438 26.68 -40.02 13.75
N GLN B 439 25.90 -39.28 12.96
CA GLN B 439 25.32 -39.79 11.74
C GLN B 439 26.08 -39.38 10.48
N ASP B 440 27.15 -38.60 10.59
CA ASP B 440 28.01 -38.28 9.44
C ASP B 440 27.21 -37.67 8.28
N ARG B 441 26.25 -36.82 8.64
CA ARG B 441 25.45 -36.11 7.65
C ARG B 441 26.36 -35.26 6.75
N PRO B 442 25.93 -34.98 5.53
CA PRO B 442 26.72 -34.14 4.63
C PRO B 442 26.89 -32.73 5.18
N VAL B 443 27.97 -32.07 4.74
CA VAL B 443 28.36 -30.77 5.26
C VAL B 443 28.52 -29.84 4.07
N THR B 444 28.21 -28.56 4.30
CA THR B 444 28.34 -27.54 3.27
C THR B 444 28.77 -26.21 3.88
N LEU B 445 29.23 -25.33 2.99
CA LEU B 445 29.40 -23.91 3.20
C LEU B 445 28.52 -23.20 2.18
N VAL B 446 27.99 -22.04 2.54
CA VAL B 446 27.09 -21.26 1.69
C VAL B 446 27.86 -20.05 1.18
N CYS B 447 27.95 -19.94 -0.15
CA CYS B 447 28.86 -19.03 -0.83
C CYS B 447 28.14 -17.82 -1.42
N CYS B 448 28.66 -16.63 -1.15
CA CYS B 448 28.17 -15.41 -1.78
C CYS B 448 28.54 -15.38 -3.28
N GLN B 449 27.95 -14.42 -4.00
CA GLN B 449 28.36 -14.14 -5.37
C GLN B 449 29.86 -13.83 -5.42
N ASN B 450 30.56 -14.53 -6.30
CA ASN B 450 32.00 -14.76 -6.19
C ASN B 450 32.64 -14.64 -7.55
N ASP B 451 33.95 -14.37 -7.56
CA ASP B 451 34.74 -14.83 -8.70
C ASP B 451 34.94 -16.32 -8.45
N TYR B 452 34.01 -17.12 -8.97
CA TYR B 452 33.99 -18.56 -8.68
C TYR B 452 35.23 -19.29 -9.15
N THR B 453 36.07 -18.67 -9.99
CA THR B 453 37.35 -19.29 -10.33
C THR B 453 38.41 -19.02 -9.27
N LYS B 454 38.28 -17.91 -8.53
CA LYS B 454 39.27 -17.52 -7.53
C LYS B 454 39.06 -18.30 -6.23
N ASP B 455 37.81 -18.56 -5.88
CA ASP B 455 37.47 -19.37 -4.71
C ASP B 455 37.89 -20.81 -4.92
N ILE B 456 38.62 -21.35 -3.93
CA ILE B 456 39.15 -22.70 -4.04
C ILE B 456 38.62 -23.63 -2.95
N THR B 457 37.66 -23.17 -2.16
CA THR B 457 37.14 -24.02 -1.10
C THR B 457 35.66 -24.39 -1.25
N THR B 458 34.83 -23.56 -1.90
CA THR B 458 33.42 -23.91 -2.07
C THR B 458 33.24 -25.24 -2.80
N ARG B 459 34.05 -25.50 -3.83
CA ARG B 459 33.90 -26.74 -4.58
C ARG B 459 34.25 -28.00 -3.77
N THR B 460 34.89 -27.87 -2.61
CA THR B 460 35.36 -29.04 -1.88
C THR B 460 34.34 -29.64 -0.90
N MET B 461 33.18 -29.00 -0.74
CA MET B 461 32.18 -29.47 0.19
C MET B 461 31.38 -30.65 -0.40
N ASP B 462 30.63 -31.32 0.47
CA ASP B 462 29.87 -32.49 0.06
C ASP B 462 28.73 -32.10 -0.86
N ILE B 463 28.08 -30.97 -0.60
CA ILE B 463 27.10 -30.35 -1.49
C ILE B 463 27.49 -28.90 -1.71
N VAL B 464 27.59 -28.50 -2.97
CA VAL B 464 27.87 -27.10 -3.30
C VAL B 464 26.58 -26.30 -3.10
N CYS B 465 26.69 -25.24 -2.28
CA CYS B 465 25.60 -24.32 -1.98
C CYS B 465 26.06 -22.89 -2.30
N ILE B 466 25.38 -22.26 -3.28
CA ILE B 466 25.78 -20.97 -3.79
C ILE B 466 24.62 -19.98 -3.68
N ASN B 467 25.00 -18.71 -3.53
CA ASN B 467 24.07 -17.59 -3.34
C ASN B 467 24.24 -16.66 -4.54
N ARG B 468 23.36 -16.78 -5.54
CA ARG B 468 23.47 -15.95 -6.74
C ARG B 468 22.28 -14.99 -6.84
N TYR B 469 22.53 -13.83 -7.40
CA TYR B 469 21.50 -12.82 -7.54
C TYR B 469 21.51 -12.22 -8.93
N TYR B 470 21.77 -13.05 -9.94
CA TYR B 470 21.77 -12.55 -11.32
C TYR B 470 20.43 -11.89 -11.64
N GLY B 471 20.50 -10.68 -12.17
CA GLY B 471 19.33 -9.91 -12.47
C GLY B 471 18.88 -8.96 -11.38
N TRP B 472 19.41 -9.07 -10.17
CA TRP B 472 19.07 -8.15 -9.09
C TRP B 472 20.20 -7.16 -8.82
N TYR B 473 21.31 -7.63 -8.23
CA TYR B 473 22.44 -6.78 -7.89
C TYR B 473 23.44 -6.65 -9.03
N ASN B 474 23.32 -7.49 -10.06
CA ASN B 474 24.12 -7.39 -11.27
C ASN B 474 23.22 -7.72 -12.44
N LEU B 475 23.50 -7.10 -13.59
CA LEU B 475 22.62 -7.25 -14.73
C LEU B 475 21.20 -6.92 -14.31
N SER B 476 21.08 -5.91 -13.45
CA SER B 476 19.80 -5.56 -12.84
C SER B 476 18.73 -5.30 -13.88
N GLY B 477 17.66 -6.08 -13.85
CA GLY B 477 16.47 -5.79 -14.61
C GLY B 477 16.32 -6.55 -15.91
N ASP B 478 17.27 -7.42 -16.24
CA ASP B 478 17.33 -8.04 -17.57
C ASP B 478 17.56 -9.53 -17.35
N MET B 479 16.50 -10.32 -17.54
CA MET B 479 16.56 -11.75 -17.32
C MET B 479 17.15 -12.49 -18.50
N ASP B 480 17.08 -11.92 -19.70
CA ASP B 480 17.88 -12.46 -20.80
C ASP B 480 19.34 -12.55 -20.39
N ALA B 481 19.87 -11.44 -19.91
CA ALA B 481 21.30 -11.40 -19.63
C ALA B 481 21.64 -12.07 -18.31
N ALA B 482 20.69 -12.11 -17.36
CA ALA B 482 20.89 -12.86 -16.13
C ALA B 482 20.99 -14.35 -16.41
N CYS B 483 20.02 -14.89 -17.16
CA CYS B 483 20.02 -16.31 -17.49
C CYS B 483 21.32 -16.71 -18.18
N TYR B 484 21.73 -15.91 -19.18
CA TYR B 484 23.00 -16.13 -19.86
C TYR B 484 24.17 -16.17 -18.90
N GLY B 485 24.21 -15.22 -17.95
CA GLY B 485 25.27 -15.23 -16.97
C GLY B 485 25.17 -16.40 -16.01
N LEU B 486 23.95 -16.77 -15.61
CA LEU B 486 23.81 -17.94 -14.76
C LEU B 486 24.32 -19.18 -15.47
N ASN B 487 23.86 -19.42 -16.70
CA ASN B 487 24.30 -20.58 -17.48
C ASN B 487 25.82 -20.67 -17.55
N GLN B 488 26.51 -19.52 -17.59
CA GLN B 488 27.97 -19.53 -17.69
C GLN B 488 28.58 -20.16 -16.44
N GLU B 489 28.21 -19.64 -15.26
CA GLU B 489 28.72 -20.20 -14.02
C GLU B 489 28.36 -21.67 -13.89
N LEU B 490 27.15 -22.05 -14.33
CA LEU B 490 26.73 -23.45 -14.28
C LEU B 490 27.58 -24.33 -15.19
N ASP B 491 28.08 -23.79 -16.30
CA ASP B 491 29.02 -24.52 -17.13
C ASP B 491 30.27 -24.88 -16.34
N PHE B 492 30.59 -24.08 -15.33
CA PHE B 492 31.74 -24.31 -14.48
C PHE B 492 31.45 -25.39 -13.44
N TRP B 493 30.41 -25.16 -12.63
CA TRP B 493 29.97 -26.15 -11.66
C TRP B 493 29.69 -27.51 -12.29
N ALA B 494 29.36 -27.55 -13.58
CA ALA B 494 29.13 -28.83 -14.24
C ALA B 494 30.36 -29.73 -14.14
N GLU B 495 31.55 -29.15 -14.21
CA GLU B 495 32.77 -29.95 -14.31
C GLU B 495 33.40 -30.22 -12.96
N GLN B 496 32.81 -29.74 -11.87
CA GLN B 496 33.27 -30.10 -10.52
C GLN B 496 32.66 -31.41 -10.03
N HIS B 497 31.64 -31.94 -10.71
CA HIS B 497 31.12 -33.27 -10.47
C HIS B 497 30.66 -33.43 -9.03
N LYS B 498 29.70 -32.60 -8.65
CA LYS B 498 29.19 -32.49 -7.30
C LYS B 498 27.72 -32.14 -7.37
N PRO B 499 26.95 -32.44 -6.33
CA PRO B 499 25.58 -31.89 -6.25
C PRO B 499 25.62 -30.40 -5.95
N VAL B 500 24.76 -29.65 -6.65
CA VAL B 500 24.81 -28.20 -6.65
C VAL B 500 23.44 -27.64 -6.30
N MET B 501 23.41 -26.73 -5.33
CA MET B 501 22.19 -26.14 -4.80
C MET B 501 22.28 -24.62 -4.78
N MET B 502 21.29 -23.95 -5.36
CA MET B 502 21.12 -22.52 -5.13
C MET B 502 20.50 -22.29 -3.75
N SER B 503 21.21 -21.55 -2.90
CA SER B 503 20.82 -21.41 -1.50
C SER B 503 20.26 -20.05 -1.14
N GLU B 504 20.39 -19.07 -2.03
CA GLU B 504 19.81 -17.74 -1.87
C GLU B 504 19.60 -17.22 -3.29
N TYR B 505 18.41 -16.70 -3.56
CA TYR B 505 18.13 -15.89 -4.74
C TYR B 505 16.72 -15.34 -4.63
N GLY B 506 16.59 -14.04 -4.88
CA GLY B 506 15.37 -13.34 -4.54
C GLY B 506 15.45 -11.93 -5.07
N ALA B 507 14.41 -11.15 -4.80
CA ALA B 507 14.27 -9.85 -5.47
C ALA B 507 13.30 -9.01 -4.67
N ASP B 508 13.77 -7.89 -4.12
CA ASP B 508 12.90 -7.08 -3.29
C ASP B 508 11.61 -6.75 -4.02
N THR B 509 10.48 -7.17 -3.44
CA THR B 509 9.15 -6.99 -4.00
C THR B 509 8.29 -6.28 -2.97
N VAL B 510 7.89 -5.04 -3.25
CA VAL B 510 6.90 -4.40 -2.37
C VAL B 510 5.52 -4.96 -2.69
N ALA B 511 4.78 -5.36 -1.65
CA ALA B 511 3.44 -5.91 -1.82
C ALA B 511 2.52 -4.81 -2.32
N GLY B 512 1.94 -5.00 -3.50
CA GLY B 512 1.06 -4.03 -4.12
C GLY B 512 1.66 -3.30 -5.31
N LEU B 513 2.97 -3.09 -5.32
CA LEU B 513 3.62 -2.59 -6.52
C LEU B 513 3.43 -3.56 -7.68
N HIS B 514 2.49 -3.28 -8.57
CA HIS B 514 2.29 -4.05 -9.80
C HIS B 514 2.72 -3.20 -10.99
N THR B 515 3.31 -3.84 -12.00
CA THR B 515 3.62 -3.21 -13.28
C THR B 515 3.46 -4.24 -14.38
N ALA B 516 2.90 -3.86 -15.52
CA ALA B 516 2.74 -4.83 -16.61
C ALA B 516 4.07 -5.25 -17.18
N GLY B 517 5.10 -4.43 -17.01
CA GLY B 517 6.36 -4.76 -17.62
C GLY B 517 7.37 -5.49 -16.75
N ALA B 518 7.01 -5.87 -15.51
CA ALA B 518 7.85 -6.70 -14.63
C ALA B 518 9.15 -5.98 -14.31
N GLU B 519 9.01 -4.89 -13.59
CA GLU B 519 10.16 -4.06 -13.33
C GLU B 519 10.57 -4.25 -11.88
N MET B 520 11.86 -4.05 -11.62
CA MET B 520 12.37 -4.33 -10.28
C MET B 520 11.49 -3.67 -9.23
N PHE B 521 11.31 -4.36 -8.10
CA PHE B 521 10.54 -4.02 -6.91
C PHE B 521 9.04 -4.34 -7.05
N SER B 522 8.57 -4.81 -8.20
CA SER B 522 7.15 -5.06 -8.35
C SER B 522 6.86 -6.55 -8.20
N GLU B 523 5.59 -6.87 -8.01
CA GLU B 523 5.21 -8.26 -7.85
C GLU B 523 5.45 -9.09 -9.10
N GLU B 524 5.51 -8.45 -10.27
CA GLU B 524 5.63 -9.20 -11.52
C GLU B 524 7.08 -9.55 -11.81
N PHE B 525 8.03 -8.72 -11.36
CA PHE B 525 9.43 -9.06 -11.53
C PHE B 525 9.83 -10.27 -10.66
N GLN B 526 9.38 -10.32 -9.40
CA GLN B 526 9.65 -11.51 -8.61
C GLN B 526 9.27 -12.77 -9.38
N VAL B 527 8.09 -12.79 -9.98
CA VAL B 527 7.68 -13.95 -10.77
C VAL B 527 8.70 -14.25 -11.86
N GLU B 528 9.07 -13.24 -12.67
CA GLU B 528 10.05 -13.45 -13.73
C GLU B 528 11.40 -13.93 -13.17
N PHE B 529 11.87 -13.32 -12.09
CA PHE B 529 13.13 -13.74 -11.48
C PHE B 529 13.18 -15.24 -11.24
N TYR B 530 12.16 -15.79 -10.55
CA TYR B 530 12.20 -17.22 -10.31
C TYR B 530 11.83 -18.00 -11.57
N ARG B 531 10.85 -17.53 -12.34
CA ARG B 531 10.37 -18.35 -13.46
C ARG B 531 11.43 -18.53 -14.51
N ARG B 532 12.15 -17.44 -14.83
CA ARG B 532 13.20 -17.51 -15.83
C ARG B 532 14.40 -18.29 -15.32
N LEU B 533 14.93 -17.90 -14.15
CA LEU B 533 16.08 -18.61 -13.62
C LEU B 533 15.77 -20.09 -13.46
N ASP B 534 14.65 -20.42 -12.78
CA ASP B 534 14.31 -21.82 -12.48
C ASP B 534 14.28 -22.69 -13.72
N ALA B 535 13.97 -22.10 -14.87
CA ALA B 535 13.96 -22.83 -16.13
C ALA B 535 15.36 -23.23 -16.60
N GLU B 536 16.42 -22.58 -16.10
CA GLU B 536 17.80 -23.05 -16.37
C GLU B 536 18.25 -24.11 -15.34
N PHE B 537 17.83 -23.98 -14.08
CA PHE B 537 18.09 -25.02 -13.08
C PHE B 537 17.67 -26.40 -13.59
N ASP B 538 16.63 -26.44 -14.41
CA ASP B 538 16.01 -27.70 -14.75
C ASP B 538 16.71 -28.38 -15.92
N LYS B 539 17.49 -27.66 -16.71
CA LYS B 539 18.21 -28.30 -17.81
C LYS B 539 19.46 -29.04 -17.34
N ARG B 540 19.76 -29.06 -16.04
CA ARG B 540 21.02 -29.61 -15.59
C ARG B 540 20.83 -30.71 -14.55
N PRO B 541 21.25 -31.94 -14.88
CA PRO B 541 20.94 -33.10 -14.02
C PRO B 541 21.53 -33.05 -12.63
N TRP B 542 22.70 -32.43 -12.46
CA TRP B 542 23.39 -32.38 -11.18
C TRP B 542 22.94 -31.22 -10.32
N PHE B 543 21.90 -30.50 -10.72
CA PHE B 543 21.35 -29.40 -9.94
C PHE B 543 20.20 -29.98 -9.14
N VAL B 544 20.36 -30.01 -7.82
CA VAL B 544 19.56 -30.89 -6.97
C VAL B 544 18.65 -30.11 -6.04
N GLY B 545 18.69 -28.78 -6.06
CA GLY B 545 17.80 -28.09 -5.14
C GLY B 545 17.91 -26.58 -5.05
N GLU B 546 16.79 -25.94 -4.70
CA GLU B 546 16.65 -24.49 -4.66
C GLU B 546 16.14 -24.06 -3.29
N PHE B 547 16.66 -22.93 -2.80
CA PHE B 547 16.20 -22.33 -1.55
C PHE B 547 15.99 -20.85 -1.85
N VAL B 548 14.83 -20.31 -1.54
CA VAL B 548 14.53 -18.96 -2.00
C VAL B 548 14.66 -18.00 -0.82
N TRP B 549 15.32 -16.88 -1.08
CA TRP B 549 15.41 -15.76 -0.16
C TRP B 549 14.30 -14.77 -0.53
N ASN B 550 13.38 -14.54 0.40
CA ASN B 550 13.25 -15.21 1.70
C ASN B 550 11.84 -15.72 1.79
N PHE B 551 11.58 -16.57 2.77
CA PHE B 551 10.21 -16.95 3.07
C PHE B 551 9.36 -15.72 3.33
N ALA B 552 9.93 -14.72 3.99
CA ALA B 552 9.16 -13.63 4.54
C ALA B 552 10.03 -12.38 4.64
N ASP B 553 9.38 -11.22 4.51
CA ASP B 553 10.03 -9.97 4.84
C ASP B 553 10.55 -10.03 6.26
N TYR B 554 11.61 -9.26 6.54
CA TYR B 554 12.17 -9.23 7.88
C TYR B 554 12.90 -7.92 8.11
N ASP B 555 12.99 -7.53 9.38
CA ASP B 555 13.60 -6.25 9.71
C ASP B 555 15.10 -6.22 9.36
N THR B 556 15.63 -5.00 9.36
CA THR B 556 17.00 -4.70 8.96
C THR B 556 17.41 -3.38 9.59
N VAL B 557 18.70 -3.14 9.63
CA VAL B 557 19.17 -1.85 10.12
C VAL B 557 19.03 -0.80 9.02
N GLN B 558 18.68 0.43 9.40
CA GLN B 558 18.10 1.36 8.43
C GLN B 558 19.22 1.93 7.55
N GLY B 559 19.16 1.61 6.26
CA GLY B 559 20.08 2.08 5.26
C GLY B 559 19.37 2.22 3.93
N PRO B 560 19.87 3.08 3.08
CA PRO B 560 19.12 3.42 1.88
C PRO B 560 19.00 2.28 0.89
N MET B 561 19.37 1.04 1.23
CA MET B 561 19.17 -0.04 0.27
C MET B 561 18.13 -1.06 0.73
N ARG B 562 17.55 -0.87 1.90
CA ARG B 562 16.54 -1.75 2.48
C ARG B 562 15.29 -0.93 2.74
N VAL B 563 14.20 -1.22 2.01
CA VAL B 563 12.96 -0.45 2.19
C VAL B 563 12.29 -0.93 3.46
N ASP B 564 12.65 -0.34 4.60
CA ASP B 564 12.17 -0.80 5.92
C ASP B 564 12.33 -2.32 6.08
N GLY B 565 13.58 -2.78 5.99
CA GLY B 565 13.90 -4.19 6.04
C GLY B 565 14.08 -4.79 4.65
N ASN B 566 14.55 -6.03 4.64
CA ASN B 566 14.66 -6.77 3.40
C ASN B 566 13.28 -7.15 2.92
N LYS B 567 13.02 -6.94 1.63
CA LYS B 567 11.71 -7.14 1.05
C LYS B 567 11.71 -8.25 0.01
N LYS B 568 12.76 -9.09 0.01
CA LYS B 568 12.87 -10.18 -0.95
C LYS B 568 11.98 -11.36 -0.61
N GLY B 569 11.06 -11.18 0.35
CA GLY B 569 10.27 -12.28 0.82
C GLY B 569 9.21 -12.67 -0.18
N LEU B 570 8.91 -13.95 -0.23
CA LEU B 570 7.71 -14.42 -0.92
C LEU B 570 6.45 -14.12 -0.13
N PHE B 571 6.54 -14.16 1.20
CA PHE B 571 5.48 -13.72 2.09
C PHE B 571 5.84 -12.38 2.69
N THR B 572 4.84 -11.60 3.06
CA THR B 572 5.06 -10.37 3.82
C THR B 572 5.36 -10.74 5.27
N ARG B 573 5.50 -9.74 6.14
CA ARG B 573 5.85 -10.05 7.53
C ARG B 573 4.68 -10.69 8.28
N ASP B 574 3.44 -10.30 7.95
CA ASP B 574 2.24 -10.95 8.45
C ASP B 574 1.78 -12.10 7.53
N ARG B 575 2.70 -12.64 6.74
CA ARG B 575 2.57 -13.95 6.12
C ARG B 575 1.47 -14.00 5.06
N ARG B 576 1.26 -12.87 4.32
CA ARG B 576 0.36 -12.85 3.16
C ARG B 576 1.17 -13.12 1.91
N PRO B 577 0.71 -13.98 1.00
CA PRO B 577 1.54 -14.34 -0.16
C PRO B 577 1.63 -13.21 -1.18
N LYS B 578 2.83 -12.99 -1.70
CA LYS B 578 3.00 -12.16 -2.87
C LYS B 578 2.65 -12.97 -4.12
N LEU B 579 2.72 -12.33 -5.29
CA LEU B 579 2.47 -13.06 -6.52
C LEU B 579 3.61 -14.01 -6.85
N GLY B 580 4.84 -13.67 -6.42
CA GLY B 580 5.92 -14.62 -6.52
C GLY B 580 5.61 -15.93 -5.82
N MET B 581 4.88 -15.86 -4.71
CA MET B 581 4.50 -17.08 -4.02
C MET B 581 3.57 -17.95 -4.88
N HIS B 582 2.49 -17.35 -5.44
CA HIS B 582 1.51 -18.17 -6.16
C HIS B 582 2.15 -18.90 -7.31
N PHE B 583 3.18 -18.30 -7.90
CA PHE B 583 3.92 -18.94 -8.98
C PHE B 583 4.77 -20.10 -8.45
N LEU B 584 5.53 -19.86 -7.38
CA LEU B 584 6.35 -20.92 -6.79
C LEU B 584 5.49 -22.09 -6.33
N ARG B 585 4.37 -21.79 -5.69
CA ARG B 585 3.49 -22.84 -5.17
C ARG B 585 3.02 -23.75 -6.29
N GLN B 586 2.78 -23.17 -7.47
CA GLN B 586 2.28 -23.92 -8.61
C GLN B 586 3.38 -24.75 -9.26
N ARG B 587 4.57 -24.19 -9.38
CA ARG B 587 5.69 -24.97 -9.91
C ARG B 587 6.06 -26.11 -8.98
N TRP B 588 6.12 -25.86 -7.68
CA TRP B 588 6.42 -26.92 -6.72
C TRP B 588 5.32 -27.98 -6.64
N ALA B 589 4.11 -27.66 -7.12
CA ALA B 589 3.06 -28.65 -7.32
C ALA B 589 3.49 -29.77 -8.27
N GLU B 590 4.39 -29.48 -9.21
CA GLU B 590 4.63 -30.39 -10.32
C GLU B 590 5.96 -31.12 -10.24
N ILE B 591 6.75 -30.89 -9.21
CA ILE B 591 8.08 -31.48 -9.05
C ILE B 591 8.02 -32.50 -7.90
N PRO B 592 8.33 -33.77 -8.14
CA PRO B 592 8.29 -34.75 -7.05
C PRO B 592 9.47 -34.60 -6.11
N THR B 593 9.18 -34.77 -4.82
CA THR B 593 10.24 -34.81 -3.83
C THR B 593 11.24 -35.92 -4.11
N PHE B 594 10.82 -37.01 -4.73
CA PHE B 594 11.73 -38.07 -5.18
C PHE B 594 11.63 -38.24 -6.69
N GLY B 595 12.77 -38.32 -7.37
CA GLY B 595 12.80 -38.77 -8.75
C GLY B 595 12.81 -37.69 -9.80
N PHE B 596 12.72 -36.42 -9.41
CA PHE B 596 12.82 -35.34 -10.38
C PHE B 596 14.04 -35.53 -11.27
N LYS B 597 15.22 -35.55 -10.64
CA LYS B 597 16.51 -35.62 -11.31
C LYS B 597 16.65 -34.47 -12.31
N MET C 1 -24.56 16.22 -37.72
CA MET C 1 -23.47 16.30 -36.74
C MET C 1 -22.16 15.56 -37.12
N LEU C 2 -21.42 16.07 -38.11
CA LEU C 2 -20.19 15.43 -38.56
C LEU C 2 -18.98 15.90 -37.76
N TYR C 3 -18.09 14.96 -37.43
CA TYR C 3 -16.88 15.27 -36.68
C TYR C 3 -15.94 16.15 -37.51
N PRO C 4 -15.36 17.22 -36.94
CA PRO C 4 -14.63 18.20 -37.75
C PRO C 4 -13.36 17.64 -38.41
N GLU C 5 -13.05 18.17 -39.60
CA GLU C 5 -11.89 17.71 -40.36
C GLU C 5 -11.09 18.88 -40.94
N GLN C 6 -9.88 18.57 -41.42
CA GLN C 6 -8.97 19.54 -42.01
C GLN C 6 -8.51 19.05 -43.40
N ASN C 7 -8.95 19.74 -44.45
CA ASN C 7 -8.52 19.43 -45.83
C ASN C 7 -8.33 20.73 -46.60
N GLU C 8 -8.37 20.63 -47.93
CA GLU C 8 -8.21 21.81 -48.78
C GLU C 8 -9.39 22.77 -48.66
N ALA C 9 -10.52 22.32 -48.11
CA ALA C 9 -11.69 23.16 -47.95
C ALA C 9 -11.94 23.62 -46.51
N ARG C 10 -11.43 22.89 -45.52
CA ARG C 10 -11.86 23.06 -44.14
C ARG C 10 -10.66 23.25 -43.22
N LEU C 11 -10.76 24.25 -42.35
CA LEU C 11 -9.79 24.54 -41.30
C LEU C 11 -10.27 23.98 -39.96
N LYS C 12 -9.36 23.35 -39.21
CA LYS C 12 -9.67 22.83 -37.88
C LYS C 12 -8.84 23.60 -36.88
N LEU C 13 -9.50 24.33 -36.00
CA LEU C 13 -8.84 25.19 -35.03
C LEU C 13 -9.19 24.72 -33.64
N SER C 14 -8.16 24.32 -32.89
CA SER C 14 -8.35 23.88 -31.52
C SER C 14 -8.41 25.11 -30.61
N LEU C 15 -9.55 25.30 -29.96
CA LEU C 15 -9.66 26.34 -28.95
C LEU C 15 -9.27 25.84 -27.56
N ASP C 16 -8.70 24.64 -27.43
CA ASP C 16 -8.30 24.12 -26.11
C ASP C 16 -7.08 24.88 -25.60
N GLY C 17 -6.94 24.92 -24.29
CA GLY C 17 -5.79 25.58 -23.66
C GLY C 17 -6.12 25.81 -22.21
N THR C 18 -5.81 26.98 -21.67
CA THR C 18 -6.12 27.28 -20.27
C THR C 18 -6.90 28.60 -20.21
N TRP C 19 -8.22 28.49 -20.13
CA TRP C 19 -9.16 29.61 -20.08
C TRP C 19 -9.21 30.22 -18.68
N ALA C 20 -10.00 31.29 -18.56
CA ALA C 20 -10.30 31.89 -17.28
C ALA C 20 -11.60 31.30 -16.75
N PHE C 21 -11.69 31.17 -15.42
CA PHE C 21 -12.69 30.31 -14.80
C PHE C 21 -13.14 30.87 -13.46
N ALA C 22 -14.44 30.77 -13.20
CA ALA C 22 -15.02 31.35 -12.00
C ALA C 22 -16.18 30.51 -11.52
N LEU C 23 -16.18 30.21 -10.22
CA LEU C 23 -17.31 29.46 -9.67
C LEU C 23 -18.53 30.36 -9.64
N GLY C 24 -19.71 29.76 -9.75
CA GLY C 24 -20.91 30.51 -9.59
C GLY C 24 -21.79 29.94 -8.49
N SER C 25 -23.09 29.87 -8.74
CA SER C 25 -24.01 29.44 -7.72
C SER C 25 -25.13 28.67 -8.38
N CYS C 26 -26.33 28.81 -7.84
CA CYS C 26 -27.52 28.29 -8.50
C CYS C 26 -28.23 29.34 -9.34
N ALA C 27 -27.72 30.57 -9.33
CA ALA C 27 -28.25 31.68 -10.12
C ALA C 27 -27.65 31.63 -11.51
N GLU C 28 -28.52 31.43 -12.52
CA GLU C 28 -28.08 31.21 -13.90
C GLU C 28 -27.70 32.50 -14.63
N THR C 29 -27.97 33.67 -14.03
CA THR C 29 -27.65 34.94 -14.65
C THR C 29 -26.62 35.72 -13.83
N GLN C 30 -25.82 35.03 -13.01
CA GLN C 30 -25.03 35.69 -11.98
C GLN C 30 -23.86 36.50 -12.53
N PHE C 31 -23.41 36.21 -13.74
CA PHE C 31 -22.40 37.04 -14.38
C PHE C 31 -22.91 37.53 -15.75
N ASP C 32 -22.34 38.64 -16.20
CA ASP C 32 -22.66 39.26 -17.48
C ASP C 32 -21.71 38.68 -18.51
N PRO C 33 -22.17 37.77 -19.36
CA PRO C 33 -21.25 37.14 -20.33
C PRO C 33 -20.45 38.13 -21.16
N ALA C 34 -21.06 39.28 -21.53
CA ALA C 34 -20.37 40.26 -22.36
C ALA C 34 -19.15 40.86 -21.68
N LYS C 35 -19.10 40.86 -20.36
CA LYS C 35 -18.01 41.51 -19.66
C LYS C 35 -17.10 40.47 -19.02
N PRO C 36 -15.83 40.81 -18.74
CA PRO C 36 -14.88 39.78 -18.33
C PRO C 36 -15.34 39.09 -17.06
N LEU C 37 -14.70 37.97 -16.77
CA LEU C 37 -15.05 37.28 -15.54
C LEU C 37 -14.35 37.92 -14.35
N PRO C 38 -15.05 38.03 -13.21
CA PRO C 38 -14.40 38.63 -12.03
C PRO C 38 -13.61 37.62 -11.23
N ASP C 39 -12.39 37.97 -10.83
CA ASP C 39 -11.52 37.07 -10.04
C ASP C 39 -11.40 35.71 -10.70
N ALA C 40 -11.23 35.70 -12.01
CA ALA C 40 -11.06 34.43 -12.67
C ALA C 40 -9.81 33.72 -12.15
N GLN C 41 -9.66 32.46 -12.54
CA GLN C 41 -8.48 31.67 -12.22
C GLN C 41 -8.22 30.76 -13.40
N PRO C 42 -6.97 30.37 -13.65
CA PRO C 42 -6.69 29.53 -14.82
C PRO C 42 -7.30 28.15 -14.63
N ILE C 43 -7.80 27.57 -15.72
CA ILE C 43 -8.38 26.23 -15.69
C ILE C 43 -8.13 25.57 -17.04
N ALA C 44 -7.83 24.29 -17.01
CA ALA C 44 -7.38 23.59 -18.21
C ALA C 44 -8.58 23.02 -18.94
N VAL C 45 -8.73 23.36 -20.22
CA VAL C 45 -9.79 22.83 -21.08
C VAL C 45 -9.13 22.02 -22.20
N PRO C 46 -9.62 20.81 -22.52
CA PRO C 46 -10.62 19.93 -21.88
C PRO C 46 -10.14 19.11 -20.64
N ALA C 47 -10.94 19.15 -19.58
CA ALA C 47 -10.80 18.31 -18.41
C ALA C 47 -11.95 18.72 -17.50
N SER C 48 -12.24 17.88 -16.50
CA SER C 48 -13.17 18.33 -15.48
C SER C 48 -12.56 19.52 -14.75
N TYR C 49 -13.37 20.26 -13.99
CA TYR C 49 -12.75 21.30 -13.18
C TYR C 49 -12.41 20.82 -11.77
N ASN C 50 -12.80 19.59 -11.41
CA ASN C 50 -13.02 19.26 -10.00
C ASN C 50 -11.72 19.07 -9.26
N ASP C 51 -10.75 18.40 -9.89
CA ASP C 51 -9.47 18.08 -9.27
C ASP C 51 -8.38 19.02 -9.71
N GLN C 52 -8.71 20.26 -10.01
CA GLN C 52 -7.75 21.18 -10.60
C GLN C 52 -7.29 22.28 -9.64
N ASN C 53 -8.01 22.52 -8.55
CA ASN C 53 -7.56 23.53 -7.58
C ASN C 53 -7.78 22.95 -6.19
N ASP C 54 -6.71 22.42 -5.59
CA ASP C 54 -6.79 21.84 -4.27
C ASP C 54 -6.44 22.84 -3.18
N GLN C 55 -6.42 24.13 -3.51
CA GLN C 55 -6.24 25.15 -2.47
C GLN C 55 -7.35 25.07 -1.43
N THR C 56 -8.57 24.78 -1.87
CA THR C 56 -9.67 24.42 -1.00
C THR C 56 -10.42 23.31 -1.71
N THR C 57 -11.48 22.84 -1.07
CA THR C 57 -12.27 21.77 -1.62
C THR C 57 -13.50 22.31 -2.36
N ALA C 58 -13.51 23.62 -2.61
CA ALA C 58 -14.65 24.29 -3.22
C ALA C 58 -14.85 23.83 -4.66
N LEU C 59 -13.76 23.60 -5.39
CA LEU C 59 -13.92 23.12 -6.76
C LEU C 59 -14.39 21.67 -6.77
N ARG C 60 -13.82 20.84 -5.90
CA ARG C 60 -14.13 19.41 -5.93
C ARG C 60 -15.60 19.15 -5.62
N ARG C 61 -16.17 19.93 -4.70
CA ARG C 61 -17.50 19.63 -4.16
C ARG C 61 -18.55 20.63 -4.60
N HIS C 62 -18.24 21.43 -5.61
CA HIS C 62 -19.06 22.58 -5.94
C HIS C 62 -20.50 22.14 -6.27
N TYR C 63 -21.43 23.05 -6.02
CA TYR C 63 -22.83 22.82 -6.33
C TYR C 63 -23.37 24.00 -7.13
N GLY C 64 -23.72 23.75 -8.40
CA GLY C 64 -24.37 24.74 -9.23
C GLY C 64 -23.61 25.00 -10.53
N TRP C 65 -23.44 26.30 -10.84
CA TRP C 65 -22.91 26.77 -12.12
C TRP C 65 -21.43 27.18 -12.02
N VAL C 66 -20.67 26.87 -13.06
CA VAL C 66 -19.32 27.38 -13.20
C VAL C 66 -19.25 28.12 -14.55
N TRP C 67 -18.19 28.89 -14.73
CA TRP C 67 -18.14 29.88 -15.81
C TRP C 67 -16.78 29.87 -16.48
N TYR C 68 -16.76 29.59 -17.78
CA TYR C 68 -15.54 29.56 -18.57
C TYR C 68 -15.50 30.75 -19.52
N GLN C 69 -14.30 31.20 -19.84
CA GLN C 69 -14.18 32.35 -20.69
C GLN C 69 -12.80 32.34 -21.33
N ARG C 70 -12.75 32.72 -22.62
CA ARG C 70 -11.52 32.93 -23.37
C ARG C 70 -11.83 33.81 -24.57
N LYS C 71 -10.80 34.51 -25.07
CA LYS C 71 -10.94 35.31 -26.30
C LYS C 71 -10.66 34.43 -27.51
N VAL C 72 -11.42 34.62 -28.59
CA VAL C 72 -11.17 33.94 -29.85
C VAL C 72 -11.08 34.96 -30.98
N THR C 73 -10.14 34.73 -31.90
CA THR C 73 -9.84 35.65 -32.99
C THR C 73 -9.85 34.89 -34.30
N LEU C 74 -10.45 35.49 -35.32
CA LEU C 74 -10.30 34.99 -36.67
C LEU C 74 -9.32 35.87 -37.42
N PRO C 75 -8.17 35.35 -37.88
CA PRO C 75 -7.28 36.16 -38.69
C PRO C 75 -8.02 36.72 -39.89
N ALA C 76 -7.59 37.89 -40.34
CA ALA C 76 -8.33 38.62 -41.35
C ALA C 76 -8.27 37.95 -42.73
N PHE C 77 -7.29 37.07 -42.96
CA PHE C 77 -7.13 36.47 -44.28
C PHE C 77 -7.87 35.14 -44.41
N CYS C 78 -8.44 34.62 -43.33
CA CYS C 78 -9.28 33.43 -43.37
C CYS C 78 -10.66 33.84 -43.86
N ALA C 79 -10.72 34.13 -45.16
CA ALA C 79 -11.75 34.99 -45.74
C ALA C 79 -12.97 34.22 -46.20
N GLY C 80 -14.13 34.79 -45.98
CA GLY C 80 -15.37 34.24 -46.48
C GLY C 80 -15.60 32.75 -46.40
N GLN C 81 -15.33 32.15 -45.25
CA GLN C 81 -15.76 30.79 -45.02
C GLN C 81 -16.97 30.79 -44.10
N ARG C 82 -17.54 29.61 -43.91
CA ARG C 82 -18.60 29.42 -42.93
C ARG C 82 -17.98 28.83 -41.65
N VAL C 83 -18.10 29.57 -40.55
CA VAL C 83 -17.36 29.29 -39.32
C VAL C 83 -18.31 28.68 -38.28
N VAL C 84 -17.87 27.59 -37.65
CA VAL C 84 -18.69 26.84 -36.69
C VAL C 84 -17.92 26.62 -35.39
N LEU C 85 -18.57 26.97 -34.28
CA LEU C 85 -18.06 26.63 -32.95
C LEU C 85 -18.76 25.37 -32.48
N ARG C 86 -17.94 24.38 -32.13
CA ARG C 86 -18.38 23.02 -31.83
C ARG C 86 -17.82 22.59 -30.48
N PHE C 87 -18.66 22.03 -29.62
CA PHE C 87 -18.22 21.46 -28.34
C PHE C 87 -18.43 19.95 -28.35
N GLY C 88 -17.38 19.20 -28.07
CA GLY C 88 -17.52 17.75 -27.98
C GLY C 88 -18.47 17.31 -26.87
N SER C 89 -18.53 18.09 -25.78
CA SER C 89 -19.45 17.87 -24.67
C SER C 89 -19.31 19.00 -23.66
N VAL C 90 -20.37 19.29 -22.90
CA VAL C 90 -20.29 20.16 -21.73
C VAL C 90 -21.29 19.59 -20.71
N THR C 91 -20.82 19.37 -19.47
CA THR C 91 -21.45 18.44 -18.52
C THR C 91 -21.94 19.17 -17.27
N HIS C 92 -23.26 19.22 -17.05
CA HIS C 92 -24.29 18.55 -17.84
C HIS C 92 -25.11 19.47 -18.76
N THR C 93 -25.42 20.65 -18.26
CA THR C 93 -26.25 21.60 -18.99
C THR C 93 -25.39 22.82 -19.31
N ALA C 94 -25.42 23.27 -20.56
CA ALA C 94 -24.58 24.36 -21.02
C ALA C 94 -25.39 25.53 -21.59
N LYS C 95 -24.81 26.72 -21.43
CA LYS C 95 -25.22 27.96 -22.07
C LYS C 95 -23.97 28.63 -22.62
N VAL C 96 -24.09 29.28 -23.77
CA VAL C 96 -22.93 29.68 -24.55
C VAL C 96 -23.21 31.00 -25.26
N TRP C 97 -22.49 32.07 -24.87
CA TRP C 97 -22.57 33.36 -25.54
C TRP C 97 -21.28 33.69 -26.29
N LEU C 98 -21.43 34.66 -27.18
CA LEU C 98 -20.32 35.25 -27.92
C LEU C 98 -20.60 36.75 -27.98
N ASN C 99 -19.68 37.54 -27.43
CA ASN C 99 -19.83 38.98 -27.30
C ASN C 99 -21.09 39.38 -26.55
N GLY C 100 -21.66 38.46 -25.76
CA GLY C 100 -22.84 38.73 -24.99
C GLY C 100 -24.13 38.17 -25.57
N GLN C 101 -24.08 37.68 -26.81
CA GLN C 101 -25.27 37.17 -27.48
C GLN C 101 -25.34 35.66 -27.35
N LEU C 102 -26.49 35.17 -26.89
CA LEU C 102 -26.65 33.74 -26.70
C LEU C 102 -26.57 33.03 -28.04
N ILE C 103 -25.69 32.03 -28.14
CA ILE C 103 -25.54 31.27 -29.37
C ILE C 103 -25.73 29.78 -29.18
N ALA C 104 -25.96 29.30 -27.95
CA ALA C 104 -26.19 27.87 -27.76
C ALA C 104 -26.80 27.62 -26.39
N GLN C 105 -27.63 26.56 -26.31
CA GLN C 105 -28.09 26.00 -25.04
C GLN C 105 -28.15 24.49 -25.20
N HIS C 106 -27.44 23.74 -24.35
CA HIS C 106 -27.48 22.29 -24.46
C HIS C 106 -27.76 21.62 -23.13
N LYS C 107 -28.51 20.53 -23.19
CA LYS C 107 -28.74 19.64 -22.06
C LYS C 107 -28.15 18.28 -22.42
N GLY C 108 -27.53 17.63 -21.44
CA GLY C 108 -26.90 16.35 -21.71
C GLY C 108 -25.39 16.49 -21.71
N GLY C 109 -24.76 15.76 -20.80
CA GLY C 109 -23.36 15.98 -20.51
C GLY C 109 -22.38 15.25 -21.40
N PHE C 110 -22.85 14.49 -22.39
CA PHE C 110 -22.00 13.51 -23.03
C PHE C 110 -22.21 13.43 -24.52
N THR C 111 -22.95 14.37 -25.11
CA THR C 111 -23.11 14.43 -26.56
C THR C 111 -22.83 15.83 -27.10
N PRO C 112 -22.26 15.92 -28.29
CA PRO C 112 -21.76 17.20 -28.80
C PRO C 112 -22.84 18.14 -29.33
N PHE C 113 -22.46 19.42 -29.43
CA PHE C 113 -23.34 20.44 -30.00
C PHE C 113 -22.52 21.54 -30.65
N GLU C 114 -23.21 22.36 -31.45
CA GLU C 114 -22.57 23.30 -32.37
C GLU C 114 -23.31 24.63 -32.38
N ALA C 115 -22.65 25.64 -32.92
CA ALA C 115 -23.31 26.90 -33.22
C ALA C 115 -22.67 27.47 -34.47
N ASP C 116 -23.52 27.87 -35.44
CA ASP C 116 -23.07 28.46 -36.71
C ASP C 116 -22.81 29.96 -36.49
N VAL C 117 -21.54 30.33 -36.38
CA VAL C 117 -21.22 31.62 -35.78
C VAL C 117 -20.59 32.53 -36.83
N THR C 118 -20.93 32.26 -38.12
CA THR C 118 -20.34 33.03 -39.21
C THR C 118 -20.74 34.50 -39.14
N ALA C 119 -21.97 34.77 -38.69
CA ALA C 119 -22.43 36.15 -38.66
C ALA C 119 -21.88 36.93 -37.47
N LEU C 120 -21.20 36.28 -36.51
CA LEU C 120 -20.63 37.02 -35.40
C LEU C 120 -19.12 36.91 -35.28
N LEU C 121 -18.45 36.20 -36.21
CA LEU C 121 -16.99 36.09 -36.21
C LEU C 121 -16.44 36.29 -37.64
N GLN C 122 -16.28 37.55 -38.03
CA GLN C 122 -15.68 37.98 -39.30
C GLN C 122 -14.17 37.80 -39.24
N PRO C 123 -13.51 37.78 -40.40
CA PRO C 123 -12.05 37.85 -40.40
C PRO C 123 -11.55 39.16 -39.83
N GLY C 124 -10.58 39.05 -38.91
CA GLY C 124 -9.96 40.19 -38.26
C GLY C 124 -10.44 40.45 -36.84
N GLU C 125 -11.70 40.15 -36.55
CA GLU C 125 -12.26 40.56 -35.27
C GLU C 125 -11.95 39.54 -34.15
N THR C 126 -12.24 39.96 -32.92
CA THR C 126 -12.00 39.20 -31.71
C THR C 126 -13.29 39.19 -30.90
N ALA C 127 -13.67 38.01 -30.41
CA ALA C 127 -14.89 37.86 -29.63
C ALA C 127 -14.59 37.30 -28.24
N LEU C 128 -15.54 37.51 -27.34
CA LEU C 128 -15.49 36.99 -25.99
C LEU C 128 -16.41 35.78 -25.89
N LEU C 129 -15.81 34.58 -25.81
CA LEU C 129 -16.54 33.32 -25.67
C LEU C 129 -16.73 33.03 -24.20
N THR C 130 -17.98 33.01 -23.75
CA THR C 130 -18.35 32.67 -22.39
C THR C 130 -19.22 31.41 -22.41
N VAL C 131 -18.89 30.46 -21.54
CA VAL C 131 -19.63 29.19 -21.39
C VAL C 131 -20.02 29.05 -19.93
N ALA C 132 -21.31 28.82 -19.66
CA ALA C 132 -21.79 28.50 -18.33
C ALA C 132 -22.12 27.02 -18.26
N CYS C 133 -21.76 26.39 -17.16
CA CYS C 133 -21.80 24.93 -17.09
C CYS C 133 -22.41 24.53 -15.76
N ASP C 134 -23.58 23.89 -15.82
CA ASP C 134 -24.35 23.50 -14.63
C ASP C 134 -24.12 22.01 -14.37
N ASN C 135 -23.72 21.69 -13.14
CA ASN C 135 -23.39 20.32 -12.78
C ASN C 135 -24.55 19.58 -12.12
N ARG C 136 -25.71 20.20 -12.01
CA ARG C 136 -26.76 19.66 -11.19
C ARG C 136 -27.45 18.49 -11.86
N VAL C 137 -27.53 17.36 -11.13
CA VAL C 137 -28.29 16.18 -11.52
C VAL C 137 -29.50 16.06 -10.60
N ASN C 138 -30.58 15.53 -11.15
CA ASN C 138 -31.88 15.46 -10.47
C ASN C 138 -32.78 14.51 -11.27
N HIS C 139 -34.07 14.48 -10.93
CA HIS C 139 -35.00 13.56 -11.58
C HIS C 139 -35.21 13.83 -13.05
N SER C 140 -34.74 14.97 -13.58
CA SER C 140 -34.88 15.22 -15.02
C SER C 140 -33.60 14.89 -15.79
N THR C 141 -32.45 14.77 -15.13
CA THR C 141 -31.21 14.55 -15.84
C THR C 141 -30.99 13.08 -16.20
N LEU C 142 -30.11 12.88 -17.19
CA LEU C 142 -29.54 11.56 -17.48
C LEU C 142 -28.05 11.77 -17.54
N PRO C 143 -27.28 11.22 -16.59
CA PRO C 143 -27.70 10.29 -15.54
C PRO C 143 -28.54 10.95 -14.45
N VAL C 144 -29.46 10.15 -13.88
CA VAL C 144 -30.43 10.64 -12.90
C VAL C 144 -29.74 11.01 -11.60
N GLY C 145 -30.18 12.11 -10.99
CA GLY C 145 -29.80 12.45 -9.63
C GLY C 145 -31.00 12.33 -8.72
N ASN C 146 -30.81 12.17 -7.42
CA ASN C 146 -31.93 12.05 -6.50
C ASN C 146 -32.19 13.38 -5.80
N GLU C 147 -33.41 13.54 -5.31
CA GLU C 147 -33.84 14.81 -4.74
C GLU C 147 -34.21 14.61 -3.28
N ASP C 148 -34.58 15.72 -2.63
CA ASP C 148 -34.63 15.76 -1.17
C ASP C 148 -35.48 14.62 -0.63
N GLY C 149 -34.92 13.88 0.32
CA GLY C 149 -35.57 12.74 0.92
C GLY C 149 -34.91 11.40 0.61
N GLN C 150 -34.36 11.25 -0.59
CA GLN C 150 -33.57 10.09 -0.96
C GLN C 150 -32.10 10.41 -0.73
N LEU C 151 -31.26 9.39 -0.83
CA LEU C 151 -29.82 9.57 -0.67
C LEU C 151 -29.10 9.34 -1.99
N ALA C 152 -27.77 9.34 -1.94
CA ALA C 152 -27.00 8.91 -3.09
C ALA C 152 -26.90 7.39 -3.12
N PHE C 153 -26.55 6.87 -4.29
CA PHE C 153 -26.41 5.44 -4.47
C PHE C 153 -25.37 4.88 -3.52
N PHE C 154 -25.70 3.73 -2.91
CA PHE C 154 -24.90 3.12 -1.84
C PHE C 154 -24.76 4.05 -0.64
N GLY C 155 -25.75 4.91 -0.42
CA GLY C 155 -25.73 5.77 0.73
C GLY C 155 -25.89 4.99 2.02
N SER C 156 -25.53 5.66 3.11
CA SER C 156 -25.60 5.08 4.45
C SER C 156 -26.24 6.12 5.34
N ASP C 157 -27.36 5.80 5.98
CA ASP C 157 -27.99 6.75 6.87
C ASP C 157 -28.46 6.09 8.17
N ASN C 158 -28.55 6.90 9.22
CA ASN C 158 -29.30 6.54 10.41
C ASN C 158 -30.59 7.36 10.32
N ALA C 159 -31.62 6.74 9.74
CA ALA C 159 -32.69 7.54 9.13
C ALA C 159 -33.52 8.31 10.18
N GLY C 160 -33.96 7.64 11.24
CA GLY C 160 -34.98 8.29 12.06
C GLY C 160 -34.50 9.29 13.12
N ILE C 161 -33.20 9.37 13.35
CA ILE C 161 -32.67 10.04 14.54
C ILE C 161 -32.84 11.54 14.39
N PRO C 162 -33.38 12.25 15.38
CA PRO C 162 -33.50 13.72 15.27
C PRO C 162 -32.22 14.43 14.91
N SER C 163 -31.12 14.11 15.59
CA SER C 163 -29.88 14.86 15.36
C SER C 163 -29.45 14.79 13.91
N VAL C 164 -29.66 13.63 13.27
CA VAL C 164 -29.28 13.45 11.87
C VAL C 164 -30.24 14.17 10.95
N GLU C 165 -31.52 14.17 11.30
CA GLU C 165 -32.52 14.69 10.38
C GLU C 165 -32.44 16.20 10.32
N ALA C 166 -32.30 16.84 11.48
CA ALA C 166 -32.07 18.28 11.54
C ALA C 166 -30.78 18.64 10.81
N ALA C 167 -29.76 17.79 10.92
CA ALA C 167 -28.51 18.07 10.24
C ALA C 167 -28.71 18.02 8.73
N LYS C 168 -29.35 16.95 8.24
CA LYS C 168 -29.57 16.83 6.80
C LYS C 168 -30.25 18.08 6.26
N ARG C 169 -31.25 18.59 6.98
CA ARG C 169 -31.94 19.80 6.55
C ARG C 169 -31.04 21.02 6.68
N ALA C 170 -30.24 21.10 7.74
CA ALA C 170 -29.29 22.20 7.84
C ALA C 170 -28.06 22.02 6.96
N ALA C 171 -27.83 20.82 6.43
CA ALA C 171 -26.61 20.54 5.70
C ALA C 171 -26.53 21.34 4.40
N ALA C 172 -25.30 21.58 3.96
CA ALA C 172 -25.09 22.26 2.70
C ALA C 172 -25.54 21.38 1.54
N PRO C 173 -26.14 21.96 0.49
CA PRO C 173 -26.62 21.16 -0.63
C PRO C 173 -25.50 20.69 -1.53
N GLN C 174 -25.71 19.48 -2.07
CA GLN C 174 -24.73 18.81 -2.90
C GLN C 174 -25.48 17.77 -3.72
N ASN C 175 -25.02 17.54 -4.95
CA ASN C 175 -25.68 16.57 -5.80
C ASN C 175 -25.61 15.20 -5.13
N ARG C 176 -26.72 14.48 -5.15
CA ARG C 176 -26.80 13.17 -4.50
C ARG C 176 -27.17 12.16 -5.58
N PRO C 177 -26.17 11.58 -6.24
CA PRO C 177 -26.39 10.97 -7.54
C PRO C 177 -26.87 9.53 -7.46
N ASN C 178 -27.93 9.21 -8.23
CA ASN C 178 -28.47 7.86 -8.36
C ASN C 178 -27.64 6.99 -9.29
N PHE C 179 -26.31 7.10 -9.15
CA PHE C 179 -25.38 6.32 -9.95
C PHE C 179 -24.06 6.21 -9.18
N ASP C 180 -23.30 5.16 -9.48
CA ASP C 180 -22.06 4.89 -8.77
C ASP C 180 -20.89 5.28 -9.66
N PHE C 181 -20.65 6.59 -9.70
CA PHE C 181 -19.44 7.21 -10.22
C PHE C 181 -19.49 8.67 -9.84
N PHE C 182 -18.32 9.29 -9.69
CA PHE C 182 -18.26 10.69 -9.30
C PHE C 182 -18.86 11.63 -10.38
N ASN C 183 -19.54 12.69 -9.91
CA ASN C 183 -20.22 13.65 -10.79
C ASN C 183 -19.26 14.72 -11.30
N TYR C 184 -18.33 14.29 -12.15
CA TYR C 184 -17.43 15.24 -12.80
C TYR C 184 -18.19 16.09 -13.82
N ALA C 185 -17.75 17.35 -13.97
CA ALA C 185 -18.46 18.38 -14.72
C ALA C 185 -17.46 19.37 -15.30
N GLY C 186 -17.91 20.12 -16.30
CA GLY C 186 -17.05 21.04 -17.02
C GLY C 186 -16.97 20.65 -18.48
N ILE C 187 -16.10 21.36 -19.20
CA ILE C 187 -15.88 21.12 -20.62
C ILE C 187 -14.91 19.93 -20.71
N HIS C 188 -15.46 18.75 -21.03
CA HIS C 188 -14.69 17.52 -20.98
C HIS C 188 -14.00 17.19 -22.29
N ARG C 189 -14.46 17.75 -23.40
CA ARG C 189 -14.05 17.28 -24.71
C ARG C 189 -13.61 18.43 -25.60
N PRO C 190 -12.74 18.17 -26.57
CA PRO C 190 -12.06 19.27 -27.27
C PRO C 190 -13.04 20.23 -27.92
N VAL C 191 -12.83 21.52 -27.65
CA VAL C 191 -13.59 22.61 -28.23
C VAL C 191 -12.92 22.98 -29.55
N VAL C 192 -13.60 22.71 -30.64
CA VAL C 192 -13.09 22.96 -31.98
C VAL C 192 -13.72 24.24 -32.53
N LEU C 193 -13.00 24.91 -33.42
CA LEU C 193 -13.55 25.99 -34.25
C LEU C 193 -13.22 25.70 -35.71
N TYR C 194 -14.23 25.53 -36.55
CA TYR C 194 -13.91 25.11 -37.91
C TYR C 194 -14.76 25.81 -38.97
N THR C 195 -14.30 25.64 -40.20
CA THR C 195 -14.76 26.31 -41.40
C THR C 195 -15.19 25.24 -42.40
N THR C 196 -16.27 25.52 -43.12
CA THR C 196 -16.63 24.85 -44.36
C THR C 196 -16.95 25.87 -45.44
N PRO C 197 -17.01 25.44 -46.71
CA PRO C 197 -17.46 26.36 -47.77
C PRO C 197 -18.85 26.89 -47.46
N LYS C 198 -19.22 27.98 -48.16
CA LYS C 198 -20.53 28.58 -47.89
C LYS C 198 -21.64 27.58 -48.17
N GLU C 199 -21.45 26.66 -49.13
CA GLU C 199 -22.41 25.60 -49.44
C GLU C 199 -21.69 24.27 -49.28
N TYR C 200 -22.13 23.46 -48.30
CA TYR C 200 -21.28 22.41 -47.72
C TYR C 200 -22.00 21.06 -47.63
N ILE C 201 -21.21 20.00 -47.56
CA ILE C 201 -21.70 18.69 -47.13
C ILE C 201 -22.05 18.80 -45.65
N GLU C 202 -23.16 18.18 -45.22
CA GLU C 202 -23.52 18.27 -43.81
C GLU C 202 -23.87 16.95 -43.11
N ASP C 203 -24.00 15.83 -43.83
CA ASP C 203 -24.21 14.55 -43.18
C ASP C 203 -23.86 13.44 -44.16
N VAL C 204 -23.22 12.39 -43.65
CA VAL C 204 -22.85 11.23 -44.46
C VAL C 204 -23.29 9.99 -43.72
N THR C 205 -24.06 9.15 -44.40
CA THR C 205 -24.51 7.88 -43.90
C THR C 205 -23.93 6.80 -44.78
N ILE C 206 -23.54 5.69 -44.17
CA ILE C 206 -22.89 4.60 -44.89
C ILE C 206 -23.42 3.31 -44.30
N VAL C 207 -24.01 2.47 -45.14
CA VAL C 207 -24.49 1.16 -44.71
C VAL C 207 -23.83 0.12 -45.61
N PRO C 208 -22.86 -0.66 -45.09
CA PRO C 208 -22.11 -1.61 -45.95
C PRO C 208 -22.62 -3.04 -45.86
N ALA C 209 -22.06 -3.93 -46.70
CA ALA C 209 -22.50 -5.31 -46.77
C ALA C 209 -21.29 -6.21 -47.09
N VAL C 210 -21.32 -7.43 -46.55
CA VAL C 210 -20.16 -8.32 -46.54
C VAL C 210 -19.75 -8.76 -47.94
N ASP C 211 -20.66 -8.72 -48.93
CA ASP C 211 -20.25 -9.02 -50.29
C ASP C 211 -19.41 -7.91 -50.92
N GLY C 212 -19.41 -6.71 -50.35
CA GLY C 212 -18.70 -5.57 -50.94
C GLY C 212 -19.58 -4.44 -51.46
N THR C 213 -20.90 -4.52 -51.40
CA THR C 213 -21.78 -3.42 -51.75
C THR C 213 -21.95 -2.50 -50.56
N VAL C 214 -21.95 -1.19 -50.82
CA VAL C 214 -22.07 -0.18 -49.77
C VAL C 214 -23.15 0.81 -50.17
N GLN C 215 -24.15 0.98 -49.32
CA GLN C 215 -25.12 2.05 -49.53
C GLN C 215 -24.63 3.32 -48.85
N TYR C 216 -24.87 4.46 -49.50
CA TYR C 216 -24.36 5.73 -49.02
C TYR C 216 -25.37 6.84 -49.32
N ALA C 217 -25.20 7.95 -48.62
CA ALA C 217 -26.11 9.08 -48.75
C ALA C 217 -25.42 10.32 -48.17
N VAL C 218 -25.08 11.28 -49.03
CA VAL C 218 -24.30 12.46 -48.66
C VAL C 218 -25.24 13.68 -48.74
N LYS C 219 -25.57 14.30 -47.60
CA LYS C 219 -26.49 15.44 -47.56
C LYS C 219 -25.72 16.76 -47.68
N THR C 220 -26.31 17.71 -48.44
CA THR C 220 -25.64 18.93 -48.87
C THR C 220 -26.62 20.12 -48.78
N THR C 221 -26.06 21.32 -48.71
CA THR C 221 -26.82 22.56 -48.72
C THR C 221 -26.92 23.22 -50.10
N GLY C 222 -25.83 23.23 -50.86
CA GLY C 222 -25.80 23.93 -52.13
C GLY C 222 -26.34 23.09 -53.27
N SER C 223 -25.88 23.42 -54.48
CA SER C 223 -26.40 22.80 -55.69
C SER C 223 -25.31 22.12 -56.50
N ALA C 224 -24.20 21.82 -55.88
CA ALA C 224 -23.16 21.21 -56.69
C ALA C 224 -23.45 19.73 -56.92
N PRO C 225 -23.00 19.18 -58.04
CA PRO C 225 -23.00 17.72 -58.17
C PRO C 225 -22.07 17.15 -57.12
N VAL C 226 -22.57 16.15 -56.42
CA VAL C 226 -21.79 15.36 -55.47
C VAL C 226 -21.16 14.20 -56.25
N ARG C 227 -19.90 13.91 -55.93
CA ARG C 227 -19.19 12.74 -56.43
C ARG C 227 -18.47 12.08 -55.26
N VAL C 228 -18.54 10.76 -55.17
CA VAL C 228 -17.87 10.04 -54.09
C VAL C 228 -16.88 9.05 -54.69
N THR C 229 -16.00 8.59 -53.81
CA THR C 229 -14.91 7.69 -54.11
C THR C 229 -14.64 6.91 -52.85
N VAL C 230 -14.37 5.61 -52.99
CA VAL C 230 -13.96 4.79 -51.87
C VAL C 230 -12.46 4.53 -51.98
N LEU C 231 -11.74 4.80 -50.90
CA LEU C 231 -10.29 4.64 -50.81
C LEU C 231 -9.92 3.46 -49.91
N ASP C 232 -8.79 2.84 -50.22
CA ASP C 232 -8.26 1.73 -49.44
C ASP C 232 -7.37 2.26 -48.34
N ALA C 233 -6.81 1.34 -47.54
CA ALA C 233 -5.97 1.75 -46.42
C ALA C 233 -4.74 2.52 -46.90
N ASP C 234 -4.23 2.21 -48.10
CA ASP C 234 -3.06 2.92 -48.65
C ASP C 234 -3.39 4.30 -49.19
N GLY C 235 -4.65 4.56 -49.56
CA GLY C 235 -5.05 5.81 -50.15
C GLY C 235 -5.39 5.75 -51.63
N ASN C 236 -5.44 4.56 -52.21
CA ASN C 236 -5.78 4.35 -53.61
C ASN C 236 -7.28 4.21 -53.78
N ALA C 237 -7.82 4.85 -54.83
CA ALA C 237 -9.26 4.79 -55.12
C ALA C 237 -9.59 3.49 -55.84
N VAL C 238 -10.62 2.79 -55.37
CA VAL C 238 -10.95 1.45 -55.85
C VAL C 238 -12.37 1.34 -56.36
N ALA C 239 -13.21 2.36 -56.16
CA ALA C 239 -14.51 2.48 -56.78
C ALA C 239 -14.94 3.94 -56.68
N SER C 240 -16.00 4.29 -57.40
CA SER C 240 -16.45 5.68 -57.56
C SER C 240 -17.88 5.71 -58.07
N ALA C 241 -18.59 6.76 -57.68
CA ALA C 241 -19.98 6.95 -58.11
C ALA C 241 -20.29 8.43 -57.99
N GLU C 242 -21.20 8.90 -58.86
CA GLU C 242 -21.45 10.33 -59.05
C GLU C 242 -22.92 10.73 -58.84
N SER C 243 -23.49 10.39 -57.67
CA SER C 243 -24.74 10.94 -57.18
C SER C 243 -24.67 11.07 -55.65
N ALA C 244 -25.64 11.77 -55.08
CA ALA C 244 -25.65 11.99 -53.64
C ALA C 244 -26.20 10.77 -52.87
N GLU C 245 -27.14 10.04 -53.47
CA GLU C 245 -27.62 8.78 -52.95
C GLU C 245 -27.25 7.65 -53.91
N GLY C 246 -27.24 6.44 -53.41
CA GLY C 246 -26.96 5.31 -54.28
C GLY C 246 -26.14 4.25 -53.55
N THR C 247 -25.56 3.37 -54.35
CA THR C 247 -24.70 2.31 -53.84
C THR C 247 -23.40 2.29 -54.63
N ILE C 248 -22.33 1.91 -53.94
CA ILE C 248 -20.99 1.84 -54.49
C ILE C 248 -20.44 0.49 -54.06
N THR C 249 -19.63 -0.12 -54.92
CA THR C 249 -19.20 -1.50 -54.70
C THR C 249 -17.69 -1.59 -54.78
N ILE C 250 -17.10 -2.29 -53.82
CA ILE C 250 -15.66 -2.41 -53.63
C ILE C 250 -15.25 -3.81 -54.07
N PRO C 251 -14.52 -3.96 -55.17
CA PRO C 251 -14.11 -5.29 -55.61
C PRO C 251 -13.04 -5.80 -54.67
N GLU C 252 -13.04 -7.12 -54.47
CA GLU C 252 -12.32 -7.79 -53.39
C GLU C 252 -12.31 -6.93 -52.13
N VAL C 253 -13.41 -6.89 -51.41
CA VAL C 253 -13.49 -6.06 -50.22
C VAL C 253 -12.77 -6.74 -49.07
N HIS C 254 -12.03 -5.95 -48.30
CA HIS C 254 -11.41 -6.39 -47.05
C HIS C 254 -12.40 -6.17 -45.91
N LEU C 255 -12.72 -7.26 -45.21
CA LEU C 255 -13.66 -7.19 -44.10
C LEU C 255 -12.99 -6.73 -42.80
N TRP C 256 -13.77 -6.03 -41.99
CA TRP C 256 -13.30 -5.45 -40.73
C TRP C 256 -13.48 -6.48 -39.61
N GLU C 257 -12.38 -6.86 -38.96
CA GLU C 257 -12.44 -7.90 -37.94
C GLU C 257 -11.50 -7.57 -36.78
N PRO C 258 -11.95 -7.75 -35.54
CA PRO C 258 -11.03 -7.65 -34.41
C PRO C 258 -9.97 -8.74 -34.50
N ARG C 259 -8.83 -8.51 -33.82
CA ARG C 259 -7.74 -9.49 -33.88
C ARG C 259 -8.30 -10.86 -33.54
N PRO C 260 -7.87 -11.94 -34.22
CA PRO C 260 -6.81 -12.12 -35.20
C PRO C 260 -7.15 -11.61 -36.59
N GLY C 261 -8.35 -11.06 -36.73
CA GLY C 261 -8.72 -10.43 -37.97
C GLY C 261 -7.99 -9.13 -38.17
N THR C 262 -8.17 -8.56 -39.37
CA THR C 262 -7.60 -7.27 -39.67
C THR C 262 -8.66 -6.21 -39.56
N PRO C 263 -8.46 -5.19 -38.76
CA PRO C 263 -9.48 -4.15 -38.62
C PRO C 263 -9.37 -3.15 -39.78
N TYR C 264 -9.71 -3.63 -40.98
CA TYR C 264 -9.42 -2.90 -42.20
C TYR C 264 -10.42 -1.78 -42.39
N LEU C 265 -9.93 -0.55 -42.47
CA LEU C 265 -10.78 0.62 -42.60
C LEU C 265 -10.72 1.18 -44.02
N TYR C 266 -11.88 1.53 -44.56
CA TYR C 266 -12.01 2.24 -45.83
C TYR C 266 -12.35 3.71 -45.58
N THR C 267 -12.15 4.54 -46.60
CA THR C 267 -12.62 5.92 -46.54
C THR C 267 -13.57 6.20 -47.69
N LEU C 268 -14.69 6.84 -47.38
CA LEU C 268 -15.54 7.43 -48.39
C LEU C 268 -15.12 8.87 -48.56
N HIS C 269 -14.78 9.25 -49.79
CA HIS C 269 -14.25 10.57 -50.11
C HIS C 269 -15.33 11.32 -50.89
N ALA C 270 -15.99 12.28 -50.24
CA ALA C 270 -17.08 12.99 -50.86
C ALA C 270 -16.63 14.40 -51.22
N THR C 271 -16.63 14.69 -52.52
CA THR C 271 -16.45 16.05 -53.02
C THR C 271 -17.80 16.56 -53.50
N CYS C 272 -17.96 17.87 -53.45
CA CYS C 272 -19.18 18.52 -53.91
C CYS C 272 -18.95 20.03 -53.95
N GLY C 273 -18.79 20.56 -55.17
CA GLY C 273 -18.34 21.92 -55.28
C GLY C 273 -16.95 22.05 -54.68
N ALA C 274 -16.73 23.17 -54.00
CA ALA C 274 -15.43 23.37 -53.34
C ALA C 274 -15.24 22.51 -52.11
N ASP C 275 -16.27 21.77 -51.67
CA ASP C 275 -16.23 21.07 -50.39
C ASP C 275 -15.70 19.64 -50.53
N VAL C 276 -15.19 19.12 -49.40
CA VAL C 276 -14.60 17.79 -49.31
C VAL C 276 -14.82 17.25 -47.89
N TYR C 277 -15.09 15.96 -47.78
CA TYR C 277 -15.20 15.35 -46.47
C TYR C 277 -14.96 13.86 -46.57
N ASP C 278 -14.20 13.34 -45.62
CA ASP C 278 -13.70 11.96 -45.66
C ASP C 278 -14.37 11.18 -44.53
N GLN C 279 -15.34 10.34 -44.88
CA GLN C 279 -15.98 9.51 -43.88
C GLN C 279 -15.30 8.15 -43.81
N THR C 280 -14.94 7.75 -42.61
CA THR C 280 -14.29 6.46 -42.43
C THR C 280 -15.32 5.39 -42.12
N PHE C 281 -14.98 4.13 -42.43
CA PHE C 281 -15.92 3.04 -42.24
C PHE C 281 -15.25 1.69 -42.44
N GLY C 282 -15.98 0.62 -42.08
CA GLY C 282 -15.49 -0.72 -42.25
C GLY C 282 -16.61 -1.66 -42.67
N VAL C 283 -16.23 -2.74 -43.33
CA VAL C 283 -17.20 -3.60 -43.98
C VAL C 283 -17.28 -4.90 -43.19
N ARG C 284 -18.40 -5.09 -42.48
CA ARG C 284 -18.59 -6.20 -41.53
C ARG C 284 -20.07 -6.32 -41.23
N SER C 285 -20.59 -7.54 -41.27
CA SER C 285 -21.98 -7.74 -40.88
C SER C 285 -22.09 -8.20 -39.43
N ILE C 286 -23.26 -7.94 -38.84
CA ILE C 286 -23.67 -8.52 -37.58
C ILE C 286 -25.10 -9.00 -37.71
N GLU C 287 -25.31 -10.28 -37.40
CA GLU C 287 -26.63 -10.86 -37.34
C GLU C 287 -26.74 -11.61 -36.03
N VAL C 288 -27.79 -11.34 -35.25
CA VAL C 288 -28.17 -12.26 -34.17
C VAL C 288 -28.93 -13.41 -34.81
N ARG C 289 -28.41 -14.63 -34.64
CA ARG C 289 -29.08 -15.82 -35.15
C ARG C 289 -29.39 -16.74 -33.97
N GLY C 290 -30.66 -16.81 -33.61
CA GLY C 290 -31.08 -17.64 -32.51
C GLY C 290 -30.44 -17.19 -31.22
N THR C 291 -29.62 -18.05 -30.62
CA THR C 291 -28.85 -17.70 -29.43
C THR C 291 -27.38 -17.45 -29.73
N GLN C 292 -27.08 -17.08 -30.97
CA GLN C 292 -25.73 -16.70 -31.39
C GLN C 292 -25.72 -15.22 -31.74
N VAL C 293 -24.52 -14.67 -31.92
CA VAL C 293 -24.34 -13.33 -32.48
C VAL C 293 -23.21 -13.43 -33.49
N LEU C 294 -23.53 -13.27 -34.78
CA LEU C 294 -22.62 -13.59 -35.87
C LEU C 294 -21.94 -12.33 -36.40
N LEU C 295 -20.62 -12.43 -36.56
CA LEU C 295 -19.82 -11.38 -37.19
C LEU C 295 -19.21 -11.94 -38.45
N ASN C 296 -19.66 -11.44 -39.61
CA ASN C 296 -19.31 -12.02 -40.91
C ASN C 296 -19.68 -13.49 -40.93
N GLY C 297 -20.83 -13.82 -40.35
CA GLY C 297 -21.27 -15.21 -40.24
C GLY C 297 -20.57 -16.03 -39.17
N LYS C 298 -19.47 -15.55 -38.60
CA LYS C 298 -18.82 -16.32 -37.54
C LYS C 298 -19.45 -15.97 -36.17
N PRO C 299 -19.69 -17.00 -35.33
CA PRO C 299 -20.26 -16.76 -33.99
C PRO C 299 -19.25 -16.09 -33.05
N LEU C 300 -19.71 -15.02 -32.40
CA LEU C 300 -18.87 -14.16 -31.58
C LEU C 300 -18.91 -14.55 -30.10
N TYR C 301 -17.77 -14.35 -29.43
CA TYR C 301 -17.74 -14.39 -27.97
C TYR C 301 -17.09 -13.11 -27.45
N PHE C 302 -17.84 -12.33 -26.69
CA PHE C 302 -17.31 -11.06 -26.18
C PHE C 302 -16.41 -11.31 -24.96
N LYS C 303 -15.14 -10.87 -25.06
CA LYS C 303 -14.17 -10.84 -23.96
C LYS C 303 -13.86 -9.37 -23.73
N GLY C 304 -14.60 -8.75 -22.81
CA GLY C 304 -14.65 -7.31 -22.76
C GLY C 304 -14.51 -6.76 -21.35
N PHE C 305 -14.06 -5.50 -21.30
CA PHE C 305 -14.09 -4.70 -20.08
C PHE C 305 -15.27 -3.74 -20.14
N CYS C 306 -15.85 -3.46 -18.98
CA CYS C 306 -16.58 -2.22 -18.76
C CYS C 306 -15.57 -1.14 -18.40
N LYS C 307 -15.68 0.04 -19.02
CA LYS C 307 -14.68 1.08 -18.79
C LYS C 307 -15.33 2.29 -18.15
N HIS C 308 -14.55 3.35 -18.00
CA HIS C 308 -15.05 4.66 -17.59
C HIS C 308 -14.09 5.68 -18.14
N GLU C 309 -14.60 6.89 -18.37
CA GLU C 309 -13.71 8.02 -18.62
C GLU C 309 -13.36 8.57 -17.24
N ASP C 310 -12.17 8.27 -16.78
CA ASP C 310 -11.79 8.59 -15.40
C ASP C 310 -10.27 8.49 -15.25
N PHE C 311 -9.65 9.54 -14.72
CA PHE C 311 -8.21 9.54 -14.55
C PHE C 311 -7.81 10.66 -13.62
N THR C 312 -6.65 10.48 -12.96
CA THR C 312 -5.99 11.42 -12.06
C THR C 312 -5.91 12.79 -12.71
N ALA C 313 -6.51 13.82 -12.07
CA ALA C 313 -6.47 15.22 -12.52
C ALA C 313 -7.35 15.49 -13.75
N HIS C 314 -7.30 14.62 -14.76
CA HIS C 314 -8.15 14.83 -15.92
C HIS C 314 -9.62 14.58 -15.59
N GLY C 315 -9.89 13.85 -14.48
CA GLY C 315 -11.20 13.34 -14.18
C GLY C 315 -11.85 12.65 -15.36
N ARG C 316 -13.03 13.15 -15.75
CA ARG C 316 -13.80 12.67 -16.89
C ARG C 316 -13.41 13.39 -18.18
N GLY C 317 -12.41 14.25 -18.11
CA GLY C 317 -11.94 14.90 -19.29
C GLY C 317 -11.21 13.93 -20.22
N PHE C 318 -11.10 14.38 -21.47
CA PHE C 318 -10.56 13.56 -22.53
C PHE C 318 -9.05 13.50 -22.39
N ASP C 319 -8.46 12.37 -22.82
CA ASP C 319 -7.02 12.16 -22.78
C ASP C 319 -6.62 11.16 -23.87
N PRO C 320 -6.05 11.62 -24.98
CA PRO C 320 -5.66 10.67 -26.03
C PRO C 320 -4.55 9.71 -25.62
N VAL C 321 -3.59 10.16 -24.79
CA VAL C 321 -2.51 9.31 -24.28
C VAL C 321 -3.08 8.17 -23.46
N LEU C 322 -4.00 8.49 -22.54
CA LEU C 322 -4.69 7.44 -21.81
C LEU C 322 -5.39 6.49 -22.76
N ASN C 323 -6.01 7.03 -23.83
CA ASN C 323 -6.76 6.19 -24.75
C ASN C 323 -5.87 5.17 -25.44
N VAL C 324 -4.73 5.61 -25.97
CA VAL C 324 -3.80 4.68 -26.59
C VAL C 324 -3.29 3.65 -25.57
N LYS C 325 -2.87 4.10 -24.38
CA LYS C 325 -2.37 3.16 -23.38
C LYS C 325 -3.42 2.11 -23.05
N ASP C 326 -4.65 2.57 -22.76
CA ASP C 326 -5.75 1.68 -22.40
C ASP C 326 -6.04 0.66 -23.50
N VAL C 327 -6.09 1.06 -24.77
CA VAL C 327 -6.43 0.10 -25.82
C VAL C 327 -5.35 -0.96 -25.92
N ASN C 328 -4.11 -0.58 -25.74
CA ASN C 328 -3.02 -1.54 -25.86
C ASN C 328 -3.04 -2.56 -24.73
N LEU C 329 -3.50 -2.17 -23.54
CA LEU C 329 -3.65 -3.12 -22.45
C LEU C 329 -4.83 -4.05 -22.67
N ILE C 330 -5.84 -3.59 -23.43
CA ILE C 330 -6.92 -4.46 -23.87
C ILE C 330 -6.39 -5.49 -24.85
N HIS C 331 -5.55 -5.07 -25.78
CA HIS C 331 -4.83 -6.01 -26.65
C HIS C 331 -3.89 -6.90 -25.83
N TRP C 332 -3.24 -6.32 -24.81
CA TRP C 332 -2.40 -7.09 -23.88
C TRP C 332 -3.20 -8.15 -23.15
N ALA C 333 -4.44 -7.81 -22.78
CA ALA C 333 -5.30 -8.70 -22.01
C ALA C 333 -5.82 -9.87 -22.81
N ASN C 334 -5.73 -9.81 -24.15
CA ASN C 334 -6.39 -10.74 -25.07
C ASN C 334 -7.89 -10.55 -25.04
N ALA C 335 -8.32 -9.34 -24.67
CA ALA C 335 -9.72 -8.97 -24.78
C ALA C 335 -10.03 -8.46 -26.19
N ASN C 336 -11.31 -8.45 -26.55
CA ASN C 336 -11.70 -7.93 -27.85
C ASN C 336 -12.84 -6.92 -27.85
N ALA C 337 -13.38 -6.53 -26.69
CA ALA C 337 -14.53 -5.64 -26.72
C ALA C 337 -14.53 -4.72 -25.50
N VAL C 338 -15.38 -3.69 -25.57
CA VAL C 338 -15.52 -2.70 -24.51
C VAL C 338 -16.97 -2.24 -24.45
N ARG C 339 -17.47 -2.06 -23.22
CA ARG C 339 -18.76 -1.42 -23.01
C ARG C 339 -18.54 0.01 -22.51
N THR C 340 -19.30 0.96 -23.05
CA THR C 340 -19.09 2.39 -22.75
C THR C 340 -20.01 2.86 -21.63
N SER C 341 -20.08 2.09 -20.57
CA SER C 341 -20.77 2.55 -19.37
C SER C 341 -20.17 3.87 -18.89
N HIS C 342 -21.02 4.82 -18.48
CA HIS C 342 -22.48 4.76 -18.58
C HIS C 342 -22.91 6.01 -19.31
N TYR C 343 -22.23 6.29 -20.39
CA TYR C 343 -22.41 7.50 -21.18
C TYR C 343 -21.64 7.29 -22.46
N PRO C 344 -22.07 7.87 -23.56
CA PRO C 344 -21.25 7.85 -24.75
C PRO C 344 -19.92 8.51 -24.46
N TYR C 345 -18.85 7.91 -24.99
CA TYR C 345 -17.49 8.37 -24.81
C TYR C 345 -17.15 9.41 -25.88
N ALA C 346 -16.06 10.13 -25.63
CA ALA C 346 -15.46 10.98 -26.65
C ALA C 346 -15.33 10.27 -27.98
N GLU C 347 -15.65 11.04 -29.05
CA GLU C 347 -15.53 10.62 -30.46
C GLU C 347 -14.26 9.86 -30.78
N GLU C 348 -13.14 10.39 -30.30
CA GLU C 348 -11.82 9.83 -30.57
C GLU C 348 -11.64 8.43 -30.00
N PHE C 349 -12.42 8.04 -29.00
CA PHE C 349 -12.33 6.68 -28.48
C PHE C 349 -12.72 5.67 -29.55
N TYR C 350 -13.84 5.92 -30.24
CA TYR C 350 -14.35 5.04 -31.29
C TYR C 350 -13.48 5.07 -32.55
N ASP C 351 -12.83 6.18 -32.85
CA ASP C 351 -11.88 6.12 -33.94
C ASP C 351 -10.74 5.17 -33.60
N LEU C 352 -10.33 5.17 -32.34
CA LEU C 352 -9.21 4.31 -31.99
C LEU C 352 -9.62 2.85 -32.07
N CYS C 353 -10.83 2.50 -31.57
CA CYS C 353 -11.28 1.13 -31.66
C CYS C 353 -11.47 0.70 -33.12
N ASP C 354 -12.02 1.58 -33.96
CA ASP C 354 -12.04 1.38 -35.41
C ASP C 354 -10.68 0.93 -35.89
N ARG C 355 -9.68 1.80 -35.65
CA ARG C 355 -8.31 1.56 -36.08
C ARG C 355 -7.74 0.30 -35.47
N GLU C 356 -8.17 -0.04 -34.25
CA GLU C 356 -7.51 -1.08 -33.45
C GLU C 356 -8.33 -2.36 -33.31
N GLY C 357 -9.48 -2.44 -33.96
CA GLY C 357 -10.27 -3.66 -33.98
C GLY C 357 -10.81 -4.09 -32.64
N ILE C 358 -11.63 -3.25 -32.02
CA ILE C 358 -12.16 -3.55 -30.71
C ILE C 358 -13.66 -3.31 -30.75
N LEU C 359 -14.44 -4.36 -30.52
CA LEU C 359 -15.89 -4.25 -30.52
C LEU C 359 -16.34 -3.36 -29.38
N VAL C 360 -17.41 -2.61 -29.61
CA VAL C 360 -17.89 -1.64 -28.64
C VAL C 360 -19.41 -1.77 -28.51
N MET C 361 -19.90 -1.58 -27.29
CA MET C 361 -21.31 -1.55 -26.94
C MET C 361 -21.61 -0.10 -26.52
N ASP C 362 -22.16 0.68 -27.44
CA ASP C 362 -22.35 2.10 -27.20
C ASP C 362 -23.57 2.31 -26.31
N GLU C 363 -23.38 3.01 -25.20
CA GLU C 363 -24.43 3.17 -24.20
C GLU C 363 -24.82 4.64 -24.00
N THR C 364 -26.13 4.90 -23.90
CA THR C 364 -26.64 6.21 -23.58
C THR C 364 -26.36 6.51 -22.11
N PRO C 365 -26.47 7.80 -21.70
CA PRO C 365 -26.20 8.14 -20.29
C PRO C 365 -27.40 7.93 -19.39
N ALA C 366 -28.22 6.93 -19.69
CA ALA C 366 -29.49 6.75 -19.00
C ALA C 366 -29.32 5.73 -17.87
N VAL C 367 -28.58 6.15 -16.85
CA VAL C 367 -28.34 5.34 -15.67
C VAL C 367 -29.02 6.01 -14.48
N GLY C 368 -29.77 5.21 -13.71
CA GLY C 368 -30.43 5.70 -12.52
C GLY C 368 -31.93 5.93 -12.62
N ILE C 369 -32.60 5.39 -13.64
CA ILE C 369 -34.05 5.51 -13.74
C ILE C 369 -34.68 4.52 -12.77
N GLY C 370 -34.73 4.91 -11.48
CA GLY C 370 -35.23 4.03 -10.42
C GLY C 370 -35.34 4.72 -9.06
N GLY C 371 -36.44 4.47 -8.34
CA GLY C 371 -36.68 5.16 -7.09
C GLY C 371 -37.05 4.29 -5.89
N GLY C 372 -36.90 2.97 -6.00
CA GLY C 372 -37.40 2.08 -4.99
C GLY C 372 -38.81 1.63 -5.28
N ALA C 373 -39.32 0.77 -4.39
CA ALA C 373 -40.60 0.13 -4.64
C ALA C 373 -41.79 1.06 -4.44
N ALA C 374 -41.62 2.17 -3.74
CA ALA C 374 -42.68 3.13 -3.52
C ALA C 374 -42.60 4.33 -4.43
N VAL C 375 -41.67 4.34 -5.38
CA VAL C 375 -41.51 5.45 -6.30
C VAL C 375 -41.38 4.87 -7.71
N ASN C 376 -42.42 5.07 -8.50
CA ASN C 376 -42.49 4.74 -9.91
C ASN C 376 -41.87 5.88 -10.72
N PRO C 377 -40.63 5.73 -11.22
CA PRO C 377 -40.02 6.84 -11.96
C PRO C 377 -40.67 7.09 -13.31
N TYR C 378 -41.26 6.05 -13.91
CA TYR C 378 -41.85 6.21 -15.24
C TYR C 378 -43.03 7.17 -15.20
N LYS C 379 -43.75 7.20 -14.07
CA LYS C 379 -44.82 8.14 -13.83
C LYS C 379 -44.33 9.44 -13.20
N GLU C 380 -43.30 9.39 -12.36
CA GLU C 380 -42.96 10.54 -11.52
C GLU C 380 -41.65 11.24 -11.91
N TYR C 381 -40.92 10.74 -12.91
CA TYR C 381 -39.64 11.32 -13.33
C TYR C 381 -39.69 11.83 -14.76
N PRO C 382 -39.55 13.13 -15.02
CA PRO C 382 -39.73 13.65 -16.39
C PRO C 382 -38.54 13.42 -17.31
N LEU C 383 -38.41 12.19 -17.82
CA LEU C 383 -37.21 11.80 -18.55
C LEU C 383 -37.40 11.42 -20.02
N ALA C 384 -38.63 11.10 -20.47
CA ALA C 384 -38.77 10.43 -21.76
C ALA C 384 -38.33 11.31 -22.94
N GLU C 385 -38.53 12.63 -22.85
CA GLU C 385 -38.13 13.39 -24.04
C GLU C 385 -36.62 13.64 -24.07
N HIS C 386 -36.01 13.92 -22.91
CA HIS C 386 -34.55 13.95 -22.85
C HIS C 386 -33.95 12.62 -23.26
N HIS C 387 -34.58 11.50 -22.85
CA HIS C 387 -34.08 10.20 -23.28
C HIS C 387 -34.08 10.08 -24.79
N ARG C 388 -35.18 10.51 -25.43
CA ARG C 388 -35.31 10.34 -26.87
C ARG C 388 -34.33 11.23 -27.63
N GLN C 389 -34.17 12.49 -27.21
CA GLN C 389 -33.20 13.33 -27.88
C GLN C 389 -31.78 12.78 -27.74
N VAL C 390 -31.40 12.35 -26.53
CA VAL C 390 -30.04 11.86 -26.33
C VAL C 390 -29.85 10.46 -26.93
N LEU C 391 -30.88 9.62 -26.94
CA LEU C 391 -30.75 8.37 -27.69
C LEU C 391 -30.46 8.65 -29.16
N ALA C 392 -31.18 9.61 -29.75
CA ALA C 392 -30.94 10.03 -31.12
C ALA C 392 -29.53 10.62 -31.26
N GLU C 393 -29.15 11.54 -30.37
CA GLU C 393 -27.84 12.18 -30.45
C GLU C 393 -26.73 11.16 -30.58
N MET C 394 -26.82 10.08 -29.84
CA MET C 394 -25.74 9.09 -29.86
C MET C 394 -25.72 8.36 -31.19
N ILE C 395 -26.86 7.86 -31.62
CA ILE C 395 -26.89 7.08 -32.85
C ILE C 395 -26.44 7.95 -34.03
N HIS C 396 -26.98 9.17 -34.12
CA HIS C 396 -26.55 10.09 -35.17
C HIS C 396 -25.05 10.34 -35.12
N ARG C 397 -24.45 10.28 -33.94
CA ARG C 397 -23.04 10.61 -33.83
C ARG C 397 -22.11 9.45 -34.16
N ASP C 398 -22.49 8.20 -33.87
CA ASP C 398 -21.58 7.09 -34.13
C ASP C 398 -22.10 6.17 -35.22
N LYS C 399 -23.11 6.60 -35.99
CA LYS C 399 -23.75 5.73 -36.97
C LYS C 399 -22.76 5.08 -37.93
N ASN C 400 -21.59 5.65 -38.11
CA ASN C 400 -20.69 5.21 -39.16
C ASN C 400 -19.51 4.38 -38.68
N HIS C 401 -19.42 4.04 -37.32
CA HIS C 401 -18.27 3.26 -36.82
C HIS C 401 -18.53 1.77 -37.02
N PRO C 402 -17.60 1.04 -37.61
CA PRO C 402 -17.70 -0.42 -37.54
C PRO C 402 -17.50 -0.98 -36.14
N CYS C 403 -16.77 -0.28 -35.27
CA CYS C 403 -16.50 -0.84 -33.94
C CYS C 403 -17.76 -0.95 -33.09
N VAL C 404 -18.78 -0.11 -33.34
CA VAL C 404 -20.06 -0.29 -32.65
C VAL C 404 -20.83 -1.43 -33.29
N VAL C 405 -21.36 -2.32 -32.46
CA VAL C 405 -22.03 -3.53 -32.92
C VAL C 405 -23.27 -3.76 -32.08
N LEU C 406 -23.37 -3.08 -30.94
CA LEU C 406 -24.45 -3.28 -29.99
C LEU C 406 -24.84 -1.93 -29.39
N TRP C 407 -26.11 -1.55 -29.51
CA TRP C 407 -26.63 -0.39 -28.80
C TRP C 407 -27.18 -0.79 -27.43
N SER C 408 -26.92 0.05 -26.44
CA SER C 408 -27.47 -0.11 -25.11
C SER C 408 -28.25 1.15 -24.75
N LEU C 409 -29.53 0.97 -24.44
CA LEU C 409 -30.37 2.14 -24.18
C LEU C 409 -30.02 2.80 -22.84
N GLY C 410 -29.57 2.01 -21.88
CA GLY C 410 -29.47 2.51 -20.52
C GLY C 410 -29.09 1.39 -19.57
N ASN C 411 -29.13 1.70 -18.29
CA ASN C 411 -28.42 0.87 -17.33
C ASN C 411 -29.20 0.82 -16.04
N GLU C 412 -29.41 -0.40 -15.54
CA GLU C 412 -29.96 -0.70 -14.23
C GLU C 412 -31.17 0.15 -13.87
N PRO C 413 -32.24 0.10 -14.68
CA PRO C 413 -33.49 0.74 -14.27
C PRO C 413 -34.33 -0.23 -13.46
N ASN C 414 -35.24 0.34 -12.68
CA ASN C 414 -36.20 -0.44 -11.93
C ASN C 414 -37.13 -1.20 -12.86
N LEU C 415 -36.75 -2.42 -13.22
CA LEU C 415 -37.59 -3.25 -14.08
C LEU C 415 -38.47 -4.24 -13.33
N GLU C 416 -38.41 -4.30 -11.99
CA GLU C 416 -39.14 -5.32 -11.26
C GLU C 416 -40.35 -4.81 -10.48
N HIS C 417 -40.28 -3.62 -9.90
CA HIS C 417 -41.34 -3.15 -9.01
C HIS C 417 -42.57 -2.62 -9.73
N PHE C 418 -42.44 -2.22 -11.00
CA PHE C 418 -43.58 -1.82 -11.84
C PHE C 418 -43.33 -2.33 -13.25
N PRO C 419 -43.50 -3.63 -13.46
CA PRO C 419 -43.06 -4.24 -14.72
C PRO C 419 -43.65 -3.64 -15.98
N GLN C 420 -44.98 -3.54 -16.08
CA GLN C 420 -45.61 -3.12 -17.34
C GLN C 420 -45.30 -1.65 -17.65
N ASP C 421 -45.22 -0.80 -16.63
CA ASP C 421 -44.79 0.57 -16.84
C ASP C 421 -43.39 0.61 -17.44
N ALA C 422 -42.48 -0.23 -16.93
CA ALA C 422 -41.12 -0.28 -17.44
C ALA C 422 -41.10 -0.76 -18.88
N TYR C 423 -41.92 -1.76 -19.22
CA TYR C 423 -42.00 -2.17 -20.61
C TYR C 423 -42.54 -1.05 -21.50
N ASP C 424 -43.58 -0.36 -21.02
CA ASP C 424 -44.19 0.72 -21.80
C ASP C 424 -43.22 1.88 -22.03
N TYR C 425 -42.24 2.05 -21.14
CA TYR C 425 -41.23 3.08 -21.32
C TYR C 425 -40.08 2.60 -22.19
N TRP C 426 -39.52 1.43 -21.89
CA TRP C 426 -38.29 1.05 -22.54
C TRP C 426 -38.50 0.50 -23.95
N HIS C 427 -39.68 -0.09 -24.24
CA HIS C 427 -39.88 -0.66 -25.57
C HIS C 427 -40.00 0.41 -26.65
N PRO C 428 -40.73 1.50 -26.41
CA PRO C 428 -40.69 2.63 -27.35
C PRO C 428 -39.29 3.10 -27.73
N LEU C 429 -38.32 2.91 -26.84
CA LEU C 429 -36.95 3.29 -27.15
C LEU C 429 -36.19 2.15 -27.80
N TYR C 430 -36.58 0.89 -27.55
CA TYR C 430 -36.02 -0.21 -28.33
C TYR C 430 -36.43 -0.10 -29.80
N GLU C 431 -37.69 0.23 -30.06
CA GLU C 431 -38.14 0.44 -31.43
C GLU C 431 -37.43 1.64 -32.05
N LEU C 432 -37.43 2.75 -31.32
CA LEU C 432 -36.79 3.98 -31.79
C LEU C 432 -35.39 3.71 -32.30
N ALA C 433 -34.53 3.19 -31.43
CA ALA C 433 -33.17 2.83 -31.79
C ALA C 433 -33.10 1.89 -32.99
N HIS C 434 -34.17 1.17 -33.30
CA HIS C 434 -34.09 0.39 -34.53
C HIS C 434 -34.48 1.22 -35.72
N GLN C 435 -35.43 2.16 -35.54
CA GLN C 435 -35.70 3.11 -36.61
C GLN C 435 -34.51 4.03 -36.86
N LEU C 436 -33.73 4.35 -35.82
CA LEU C 436 -32.74 5.40 -35.96
C LEU C 436 -31.42 4.91 -36.54
N ASP C 437 -31.13 3.62 -36.44
CA ASP C 437 -29.83 3.12 -36.89
C ASP C 437 -29.93 2.67 -38.33
N PRO C 438 -29.20 3.32 -39.26
CA PRO C 438 -29.22 2.86 -40.66
C PRO C 438 -28.65 1.47 -40.87
N GLN C 439 -27.86 0.94 -39.93
CA GLN C 439 -27.30 -0.42 -40.00
C GLN C 439 -28.11 -1.47 -39.22
N ASP C 440 -29.16 -1.06 -38.50
CA ASP C 440 -30.06 -1.98 -37.79
C ASP C 440 -29.39 -2.85 -36.72
N ARG C 441 -28.32 -2.35 -36.09
CA ARG C 441 -27.58 -3.14 -35.11
C ARG C 441 -28.47 -3.60 -33.95
N PRO C 442 -28.10 -4.69 -33.27
CA PRO C 442 -28.89 -5.17 -32.13
C PRO C 442 -28.96 -4.17 -30.99
N VAL C 443 -30.09 -4.18 -30.28
CA VAL C 443 -30.29 -3.29 -29.13
C VAL C 443 -30.36 -4.11 -27.86
N THR C 444 -29.90 -3.52 -26.75
CA THR C 444 -30.03 -4.16 -25.47
C THR C 444 -30.43 -3.13 -24.42
N LEU C 445 -30.68 -3.64 -23.22
CA LEU C 445 -30.88 -2.87 -22.00
C LEU C 445 -30.20 -3.66 -20.89
N VAL C 446 -29.30 -3.01 -20.17
CA VAL C 446 -28.50 -3.67 -19.15
C VAL C 446 -29.24 -3.60 -17.82
N CYS C 447 -29.33 -4.72 -17.14
CA CYS C 447 -30.25 -4.85 -16.03
C CYS C 447 -29.55 -5.20 -14.72
N CYS C 448 -29.93 -4.47 -13.65
CA CYS C 448 -29.82 -4.80 -12.22
C CYS C 448 -29.80 -6.28 -11.90
N GLN C 449 -29.08 -6.66 -10.85
CA GLN C 449 -29.51 -7.83 -10.08
C GLN C 449 -30.90 -7.56 -9.53
N ASN C 450 -31.87 -8.40 -9.88
CA ASN C 450 -33.26 -8.17 -9.49
C ASN C 450 -34.01 -9.49 -9.55
N ASP C 451 -35.26 -9.45 -9.16
CA ASP C 451 -36.13 -10.61 -9.26
C ASP C 451 -36.45 -10.80 -10.74
N TYR C 452 -35.72 -11.70 -11.40
CA TYR C 452 -35.83 -11.82 -12.85
C TYR C 452 -37.16 -12.37 -13.32
N THR C 453 -38.01 -12.81 -12.40
CA THR C 453 -39.33 -13.35 -12.72
C THR C 453 -40.40 -12.27 -12.67
N LYS C 454 -40.19 -11.26 -11.84
CA LYS C 454 -41.03 -10.08 -11.86
C LYS C 454 -40.69 -9.19 -13.06
N ASP C 455 -39.43 -9.24 -13.52
CA ASP C 455 -38.95 -8.45 -14.65
C ASP C 455 -39.49 -9.03 -15.96
N ILE C 456 -40.05 -8.15 -16.80
CA ILE C 456 -40.66 -8.56 -18.05
C ILE C 456 -40.03 -7.89 -19.26
N THR C 457 -39.02 -7.03 -19.06
CA THR C 457 -38.45 -6.18 -20.11
C THR C 457 -37.09 -6.62 -20.61
N THR C 458 -36.27 -7.17 -19.72
CA THR C 458 -34.91 -7.54 -20.08
C THR C 458 -34.92 -8.58 -21.19
N ARG C 459 -35.71 -9.65 -21.01
CA ARG C 459 -35.69 -10.78 -21.92
C ARG C 459 -36.17 -10.43 -23.32
N THR C 460 -36.72 -9.23 -23.52
CA THR C 460 -37.31 -8.85 -24.79
C THR C 460 -36.35 -8.05 -25.67
N MET C 461 -35.11 -7.88 -25.24
CA MET C 461 -34.11 -7.20 -26.04
C MET C 461 -33.51 -8.18 -27.05
N ASP C 462 -32.67 -7.66 -27.95
CA ASP C 462 -32.06 -8.51 -28.98
C ASP C 462 -30.97 -9.40 -28.39
N ILE C 463 -30.24 -8.88 -27.41
CA ILE C 463 -29.24 -9.61 -26.65
C ILE C 463 -29.41 -9.21 -25.19
N VAL C 464 -29.60 -10.20 -24.30
CA VAL C 464 -29.84 -9.96 -22.88
C VAL C 464 -28.52 -9.68 -22.16
N CYS C 465 -28.50 -8.61 -21.34
CA CYS C 465 -27.33 -8.22 -20.58
C CYS C 465 -27.71 -8.04 -19.11
N ILE C 466 -27.06 -8.80 -18.26
CA ILE C 466 -27.42 -8.90 -16.85
C ILE C 466 -26.22 -8.52 -15.99
N ASN C 467 -26.51 -7.93 -14.84
CA ASN C 467 -25.49 -7.53 -13.89
C ASN C 467 -25.70 -8.34 -12.61
N ARG C 468 -24.70 -9.14 -12.24
CA ARG C 468 -24.87 -10.19 -11.24
C ARG C 468 -23.66 -10.19 -10.31
N TYR C 469 -23.89 -9.82 -9.04
CA TYR C 469 -22.75 -9.75 -8.14
C TYR C 469 -22.85 -10.88 -7.14
N TYR C 470 -23.10 -12.07 -7.68
CA TYR C 470 -23.20 -13.27 -6.86
C TYR C 470 -21.90 -13.53 -6.09
N GLY C 471 -22.02 -13.65 -4.77
CA GLY C 471 -20.85 -13.84 -3.95
C GLY C 471 -20.13 -12.58 -3.59
N TRP C 472 -20.59 -11.43 -4.04
CA TRP C 472 -20.09 -10.17 -3.51
C TRP C 472 -21.20 -9.49 -2.71
N TYR C 473 -22.18 -8.89 -3.38
CA TYR C 473 -23.21 -8.16 -2.66
C TYR C 473 -24.22 -9.10 -1.97
N ASN C 474 -24.28 -10.36 -2.39
CA ASN C 474 -25.12 -11.34 -1.74
C ASN C 474 -24.32 -12.63 -1.61
N LEU C 475 -24.65 -13.42 -0.59
CA LEU C 475 -23.88 -14.62 -0.24
C LEU C 475 -22.38 -14.33 -0.20
N SER C 476 -22.01 -13.33 0.57
CA SER C 476 -20.70 -12.73 0.45
C SER C 476 -19.61 -13.70 0.90
N GLY C 477 -18.54 -13.82 0.11
CA GLY C 477 -17.38 -14.60 0.51
C GLY C 477 -17.40 -16.07 0.14
N ASP C 478 -18.51 -16.58 -0.40
CA ASP C 478 -18.69 -18.01 -0.60
C ASP C 478 -18.99 -18.30 -2.07
N MET C 479 -17.96 -18.67 -2.83
CA MET C 479 -18.13 -18.98 -4.25
C MET C 479 -18.77 -20.35 -4.47
N ASP C 480 -18.80 -21.22 -3.48
CA ASP C 480 -19.62 -22.42 -3.61
C ASP C 480 -21.08 -22.02 -3.83
N ALA C 481 -21.66 -21.25 -2.90
CA ALA C 481 -23.08 -20.93 -3.00
C ALA C 481 -23.33 -19.84 -4.01
N ALA C 482 -22.35 -18.96 -4.23
CA ALA C 482 -22.43 -17.98 -5.30
C ALA C 482 -22.63 -18.66 -6.64
N CYS C 483 -21.89 -19.74 -6.87
CA CYS C 483 -21.99 -20.49 -8.11
C CYS C 483 -23.33 -21.21 -8.20
N TYR C 484 -23.81 -21.75 -7.07
CA TYR C 484 -25.12 -22.36 -7.02
C TYR C 484 -26.20 -21.37 -7.48
N GLY C 485 -26.26 -20.22 -6.83
CA GLY C 485 -27.31 -19.26 -7.13
C GLY C 485 -27.23 -18.76 -8.55
N LEU C 486 -26.02 -18.53 -9.06
CA LEU C 486 -25.90 -18.11 -10.46
C LEU C 486 -26.51 -19.14 -11.39
N ASN C 487 -26.29 -20.42 -11.10
CA ASN C 487 -26.74 -21.45 -12.03
C ASN C 487 -28.26 -21.56 -12.04
N GLN C 488 -28.91 -21.41 -10.88
CA GLN C 488 -30.37 -21.29 -10.87
C GLN C 488 -30.83 -20.26 -11.89
N GLU C 489 -30.36 -19.02 -11.74
CA GLU C 489 -30.78 -17.97 -12.66
C GLU C 489 -30.36 -18.28 -14.09
N LEU C 490 -29.26 -19.01 -14.27
CA LEU C 490 -28.86 -19.36 -15.62
C LEU C 490 -29.80 -20.40 -16.23
N ASP C 491 -30.43 -21.22 -15.41
CA ASP C 491 -31.43 -22.15 -15.93
C ASP C 491 -32.68 -21.42 -16.39
N PHE C 492 -33.08 -20.39 -15.66
CA PHE C 492 -34.16 -19.52 -16.09
C PHE C 492 -33.85 -18.86 -17.44
N TRP C 493 -32.60 -18.44 -17.63
CA TRP C 493 -32.24 -17.76 -18.86
C TRP C 493 -32.14 -18.74 -20.02
N ALA C 494 -31.85 -20.00 -19.72
CA ALA C 494 -31.83 -21.03 -20.76
C ALA C 494 -33.18 -21.17 -21.43
N GLU C 495 -34.26 -20.86 -20.72
CA GLU C 495 -35.64 -21.00 -21.17
C GLU C 495 -36.08 -19.90 -22.13
N GLN C 496 -35.29 -18.85 -22.28
CA GLN C 496 -35.71 -17.67 -23.02
C GLN C 496 -35.17 -17.62 -24.43
N HIS C 497 -34.34 -18.58 -24.85
CA HIS C 497 -33.94 -18.76 -26.25
C HIS C 497 -33.34 -17.48 -26.89
N LYS C 498 -32.83 -16.53 -26.08
CA LYS C 498 -32.04 -15.37 -26.48
C LYS C 498 -30.57 -15.62 -26.23
N PRO C 499 -29.66 -14.89 -26.89
CA PRO C 499 -28.26 -14.89 -26.45
C PRO C 499 -28.11 -13.94 -25.27
N VAL C 500 -27.31 -14.38 -24.29
CA VAL C 500 -27.16 -13.68 -23.01
C VAL C 500 -25.70 -13.35 -22.79
N MET C 501 -25.44 -12.16 -22.22
CA MET C 501 -24.11 -11.78 -21.75
C MET C 501 -24.17 -11.29 -20.31
N MET C 502 -23.17 -11.67 -19.51
CA MET C 502 -22.94 -11.07 -18.21
C MET C 502 -22.29 -9.73 -18.44
N SER C 503 -22.98 -8.65 -18.09
CA SER C 503 -22.53 -7.35 -18.59
C SER C 503 -21.91 -6.45 -17.53
N GLU C 504 -22.06 -6.76 -16.24
CA GLU C 504 -21.15 -6.36 -15.16
C GLU C 504 -20.97 -7.53 -14.21
N TYR C 505 -19.76 -7.70 -13.66
CA TYR C 505 -19.53 -8.47 -12.45
C TYR C 505 -18.11 -8.24 -11.95
N GLY C 506 -17.96 -8.18 -10.63
CA GLY C 506 -16.67 -7.83 -10.06
C GLY C 506 -16.69 -7.74 -8.56
N ALA C 507 -15.48 -7.58 -8.01
CA ALA C 507 -15.20 -7.69 -6.58
C ALA C 507 -14.18 -6.63 -6.21
N ASP C 508 -14.57 -5.67 -5.37
CA ASP C 508 -13.64 -4.63 -4.94
C ASP C 508 -12.35 -5.27 -4.42
N THR C 509 -11.22 -4.78 -4.92
CA THR C 509 -9.91 -5.34 -4.64
C THR C 509 -8.96 -4.19 -4.41
N VAL C 510 -8.32 -4.19 -3.24
CA VAL C 510 -7.29 -3.22 -2.93
C VAL C 510 -5.94 -3.81 -3.29
N ALA C 511 -5.24 -3.16 -4.24
CA ALA C 511 -3.90 -3.56 -4.62
C ALA C 511 -3.00 -3.57 -3.41
N GLY C 512 -2.49 -4.75 -3.07
CA GLY C 512 -1.62 -4.95 -1.92
C GLY C 512 -2.14 -5.98 -0.94
N LEU C 513 -3.46 -6.07 -0.79
CA LEU C 513 -4.08 -6.97 0.16
C LEU C 513 -4.08 -8.39 -0.41
N HIS C 514 -3.22 -9.25 0.14
CA HIS C 514 -3.22 -10.66 -0.20
C HIS C 514 -3.67 -11.47 1.02
N THR C 515 -4.19 -12.67 0.77
CA THR C 515 -4.56 -13.58 1.86
C THR C 515 -4.50 -14.99 1.32
N ALA C 516 -3.84 -15.88 2.07
CA ALA C 516 -3.77 -17.28 1.67
C ALA C 516 -5.15 -17.80 1.27
N GLY C 517 -6.16 -17.46 2.05
CA GLY C 517 -7.47 -18.05 1.87
C GLY C 517 -8.45 -17.32 0.99
N ALA C 518 -8.03 -16.27 0.28
CA ALA C 518 -8.83 -15.66 -0.80
C ALA C 518 -10.10 -14.99 -0.27
N GLU C 519 -9.93 -14.13 0.74
CA GLU C 519 -11.05 -13.45 1.36
C GLU C 519 -11.38 -12.13 0.66
N MET C 520 -12.56 -11.60 0.97
CA MET C 520 -13.08 -10.43 0.27
C MET C 520 -12.11 -9.25 0.34
N PHE C 521 -11.94 -8.52 -0.78
CA PHE C 521 -11.08 -7.36 -0.98
C PHE C 521 -9.63 -7.71 -1.26
N SER C 522 -9.22 -8.94 -1.03
CA SER C 522 -7.85 -9.32 -1.32
C SER C 522 -7.74 -9.58 -2.81
N GLU C 523 -6.51 -9.53 -3.31
CA GLU C 523 -6.30 -9.84 -4.72
C GLU C 523 -6.70 -11.28 -5.03
N GLU C 524 -6.43 -12.20 -4.12
CA GLU C 524 -6.74 -13.60 -4.42
C GLU C 524 -8.23 -13.86 -4.46
N PHE C 525 -9.04 -13.03 -3.81
CA PHE C 525 -10.48 -13.22 -3.93
C PHE C 525 -10.98 -12.90 -5.33
N GLN C 526 -10.41 -11.86 -5.96
CA GLN C 526 -10.81 -11.49 -7.31
C GLN C 526 -10.53 -12.61 -8.29
N VAL C 527 -9.44 -13.35 -8.08
CA VAL C 527 -9.13 -14.47 -8.96
C VAL C 527 -10.16 -15.58 -8.77
N GLU C 528 -10.50 -15.91 -7.52
CA GLU C 528 -11.54 -16.89 -7.25
C GLU C 528 -12.85 -16.47 -7.91
N PHE C 529 -13.37 -15.30 -7.55
CA PHE C 529 -14.60 -14.75 -8.10
C PHE C 529 -14.76 -14.99 -9.61
N TYR C 530 -13.84 -14.47 -10.43
CA TYR C 530 -13.95 -14.67 -11.88
C TYR C 530 -13.78 -16.15 -12.23
N ARG C 531 -12.72 -16.78 -11.73
CA ARG C 531 -12.44 -18.17 -12.11
C ARG C 531 -13.63 -19.08 -11.81
N ARG C 532 -14.26 -18.91 -10.65
CA ARG C 532 -15.38 -19.75 -10.26
C ARG C 532 -16.60 -19.51 -11.11
N LEU C 533 -17.03 -18.25 -11.23
CA LEU C 533 -18.18 -17.91 -12.07
C LEU C 533 -17.91 -18.16 -13.55
N ASP C 534 -16.68 -17.94 -14.02
CA ASP C 534 -16.40 -18.13 -15.44
C ASP C 534 -16.57 -19.59 -15.85
N ALA C 535 -16.35 -20.53 -14.93
CA ALA C 535 -16.39 -21.93 -15.32
C ALA C 535 -17.82 -22.44 -15.47
N GLU C 536 -18.77 -21.72 -14.91
CA GLU C 536 -20.17 -22.01 -15.13
C GLU C 536 -20.70 -21.37 -16.43
N PHE C 537 -20.20 -20.19 -16.78
CA PHE C 537 -20.45 -19.61 -18.10
C PHE C 537 -20.19 -20.62 -19.21
N ASP C 538 -19.04 -21.32 -19.13
CA ASP C 538 -18.64 -22.17 -20.24
C ASP C 538 -19.49 -23.43 -20.37
N LYS C 539 -20.32 -23.73 -19.38
CA LYS C 539 -21.22 -24.87 -19.48
C LYS C 539 -22.46 -24.56 -20.32
N ARG C 540 -22.70 -23.29 -20.66
CA ARG C 540 -23.92 -22.86 -21.36
C ARG C 540 -23.60 -22.33 -22.75
N PRO C 541 -24.12 -22.93 -23.83
CA PRO C 541 -23.76 -22.49 -25.18
C PRO C 541 -24.45 -21.23 -25.61
N TRP C 542 -25.50 -20.82 -24.90
CA TRP C 542 -26.24 -19.60 -25.22
C TRP C 542 -25.73 -18.40 -24.44
N PHE C 543 -24.70 -18.59 -23.63
CA PHE C 543 -23.94 -17.49 -23.03
C PHE C 543 -22.84 -17.10 -24.02
N VAL C 544 -22.88 -15.87 -24.55
CA VAL C 544 -21.98 -15.49 -25.62
C VAL C 544 -21.07 -14.32 -25.27
N GLY C 545 -21.04 -13.89 -24.02
CA GLY C 545 -20.20 -12.75 -23.71
C GLY C 545 -19.98 -12.49 -22.23
N GLU C 546 -18.83 -11.93 -21.88
CA GLU C 546 -18.60 -11.53 -20.50
C GLU C 546 -17.92 -10.16 -20.48
N PHE C 547 -18.51 -9.22 -19.74
CA PHE C 547 -18.00 -7.87 -19.54
C PHE C 547 -17.67 -7.67 -18.05
N VAL C 548 -16.38 -7.61 -17.70
CA VAL C 548 -15.95 -7.50 -16.31
C VAL C 548 -16.13 -6.07 -15.81
N TRP C 549 -16.49 -5.92 -14.55
CA TRP C 549 -16.49 -4.61 -13.92
C TRP C 549 -15.37 -4.56 -12.89
N ASN C 550 -14.37 -3.71 -13.10
CA ASN C 550 -14.31 -2.73 -14.19
C ASN C 550 -12.93 -2.79 -14.83
N PHE C 551 -12.72 -2.07 -15.94
CA PHE C 551 -11.37 -1.96 -16.50
C PHE C 551 -10.37 -1.49 -15.45
N ALA C 552 -10.71 -0.46 -14.67
CA ALA C 552 -9.76 0.20 -13.79
C ALA C 552 -10.50 0.86 -12.63
N ASP C 553 -9.73 1.31 -11.64
CA ASP C 553 -10.32 1.91 -10.45
C ASP C 553 -10.67 3.36 -10.75
N TYR C 554 -11.90 3.75 -10.47
CA TYR C 554 -12.35 5.12 -10.70
C TYR C 554 -12.90 5.73 -9.41
N ASP C 555 -12.95 7.06 -9.40
CA ASP C 555 -13.47 7.86 -8.28
C ASP C 555 -14.98 7.70 -8.12
N THR C 556 -15.49 8.18 -6.99
CA THR C 556 -16.89 8.00 -6.66
C THR C 556 -17.29 9.01 -5.58
N VAL C 557 -18.56 8.99 -5.20
CA VAL C 557 -19.06 9.76 -4.06
C VAL C 557 -18.45 9.24 -2.77
N GLN C 558 -18.35 10.09 -1.77
CA GLN C 558 -17.92 9.61 -0.46
C GLN C 558 -19.01 8.74 0.17
N GLY C 559 -18.61 7.67 0.83
CA GLY C 559 -19.54 6.81 1.51
C GLY C 559 -18.94 5.50 1.98
N PRO C 560 -19.47 4.96 3.04
CA PRO C 560 -18.81 3.85 3.71
C PRO C 560 -18.69 2.60 2.86
N MET C 561 -19.21 2.66 1.64
CA MET C 561 -19.21 1.50 0.77
C MET C 561 -18.08 1.52 -0.25
N ARG C 562 -17.41 2.66 -0.40
CA ARG C 562 -16.53 2.93 -1.55
C ARG C 562 -15.19 3.45 -1.04
N VAL C 563 -14.15 2.62 -1.14
CA VAL C 563 -12.89 2.92 -0.47
C VAL C 563 -12.14 3.95 -1.30
N ASP C 564 -12.58 5.21 -1.21
CA ASP C 564 -12.08 6.32 -2.03
C ASP C 564 -12.19 5.97 -3.51
N GLY C 565 -13.44 5.89 -3.96
CA GLY C 565 -13.72 5.43 -5.30
C GLY C 565 -14.13 3.97 -5.32
N ASN C 566 -14.70 3.55 -6.44
CA ASN C 566 -14.91 2.14 -6.71
C ASN C 566 -13.57 1.44 -6.80
N LYS C 567 -13.52 0.16 -6.42
CA LYS C 567 -12.26 -0.54 -6.43
C LYS C 567 -12.33 -1.90 -7.11
N LYS C 568 -13.39 -2.19 -7.86
CA LYS C 568 -13.48 -3.46 -8.58
C LYS C 568 -12.62 -3.50 -9.83
N GLY C 569 -11.78 -2.49 -10.06
CA GLY C 569 -11.01 -2.48 -11.28
C GLY C 569 -10.13 -3.69 -11.39
N LEU C 570 -9.93 -4.15 -12.63
CA LEU C 570 -8.86 -5.13 -12.84
C LEU C 570 -7.50 -4.45 -12.90
N PHE C 571 -7.46 -3.14 -13.20
CA PHE C 571 -6.30 -2.29 -12.99
C PHE C 571 -6.61 -1.23 -11.93
N THR C 572 -5.55 -0.77 -11.25
CA THR C 572 -5.61 0.46 -10.49
C THR C 572 -5.76 1.67 -11.43
N ARG C 573 -6.03 2.83 -10.81
CA ARG C 573 -6.32 4.05 -11.57
C ARG C 573 -5.16 4.45 -12.48
N ASP C 574 -3.91 4.15 -12.08
CA ASP C 574 -2.76 4.35 -12.96
C ASP C 574 -2.48 3.11 -13.83
N ARG C 575 -3.49 2.30 -14.09
CA ARG C 575 -3.43 1.30 -15.15
C ARG C 575 -2.34 0.28 -14.89
N ARG C 576 -2.29 -0.19 -13.62
CA ARG C 576 -1.36 -1.20 -13.12
C ARG C 576 -2.10 -2.49 -12.79
N PRO C 577 -1.69 -3.64 -13.32
CA PRO C 577 -2.53 -4.85 -13.24
C PRO C 577 -2.50 -5.51 -11.87
N LYS C 578 -3.69 -5.74 -11.32
CA LYS C 578 -3.83 -6.56 -10.13
C LYS C 578 -3.70 -8.03 -10.51
N LEU C 579 -3.66 -8.87 -9.48
CA LEU C 579 -3.57 -10.31 -9.67
C LEU C 579 -4.69 -10.83 -10.57
N GLY C 580 -5.89 -10.27 -10.44
CA GLY C 580 -7.01 -10.78 -11.19
C GLY C 580 -6.89 -10.53 -12.68
N MET C 581 -6.08 -9.55 -13.06
CA MET C 581 -5.91 -9.28 -14.47
C MET C 581 -5.05 -10.36 -15.12
N HIS C 582 -4.00 -10.82 -14.41
CA HIS C 582 -3.16 -11.87 -14.97
C HIS C 582 -3.95 -13.15 -15.16
N PHE C 583 -4.93 -13.41 -14.30
CA PHE C 583 -5.81 -14.55 -14.50
C PHE C 583 -6.66 -14.37 -15.74
N LEU C 584 -7.36 -13.23 -15.82
CA LEU C 584 -8.16 -12.95 -17.00
C LEU C 584 -7.34 -13.09 -18.28
N ARG C 585 -6.14 -12.50 -18.30
CA ARG C 585 -5.29 -12.59 -19.48
C ARG C 585 -5.12 -14.03 -19.97
N GLN C 586 -4.85 -14.96 -19.04
CA GLN C 586 -4.61 -16.34 -19.42
C GLN C 586 -5.88 -16.99 -19.94
N ARG C 587 -7.02 -16.64 -19.34
CA ARG C 587 -8.29 -17.20 -19.77
C ARG C 587 -8.61 -16.76 -21.19
N TRP C 588 -8.50 -15.46 -21.45
CA TRP C 588 -8.68 -14.95 -22.80
C TRP C 588 -7.51 -15.31 -23.71
N ALA C 589 -6.39 -15.79 -23.16
CA ALA C 589 -5.37 -16.41 -24.00
C ALA C 589 -5.88 -17.69 -24.67
N GLU C 590 -6.92 -18.32 -24.13
CA GLU C 590 -7.37 -19.62 -24.60
C GLU C 590 -8.81 -19.62 -25.10
N ILE C 591 -9.48 -18.48 -25.12
CA ILE C 591 -10.84 -18.36 -25.67
C ILE C 591 -10.75 -17.54 -26.95
N PRO C 592 -11.06 -18.13 -28.11
CA PRO C 592 -10.89 -17.41 -29.38
C PRO C 592 -12.06 -16.48 -29.64
N THR C 593 -11.76 -15.32 -30.25
CA THR C 593 -12.80 -14.37 -30.64
C THR C 593 -13.92 -15.08 -31.38
N PHE C 594 -13.58 -15.80 -32.45
CA PHE C 594 -14.56 -16.55 -33.23
C PHE C 594 -14.54 -18.03 -32.87
N GLY C 595 -15.74 -18.64 -32.93
CA GLY C 595 -15.86 -20.09 -32.90
C GLY C 595 -15.75 -20.73 -31.54
N PHE C 596 -16.05 -19.99 -30.49
CA PHE C 596 -16.08 -20.59 -29.16
C PHE C 596 -17.37 -21.37 -28.94
N LYS C 597 -18.48 -20.80 -29.39
CA LYS C 597 -19.85 -21.32 -29.22
C LYS C 597 -20.16 -21.84 -27.80
N LEU D 2 10.28 33.14 -30.68
CA LEU D 2 9.05 33.65 -30.09
C LEU D 2 7.95 32.59 -30.05
N TYR D 3 7.02 32.69 -29.07
CA TYR D 3 5.95 31.71 -28.85
C TYR D 3 4.77 31.98 -29.78
N PRO D 4 4.26 30.95 -30.48
CA PRO D 4 3.20 31.17 -31.48
C PRO D 4 1.95 31.80 -30.91
N GLU D 5 1.31 32.64 -31.72
CA GLU D 5 0.21 33.47 -31.30
C GLU D 5 -0.93 33.37 -32.32
N GLN D 6 -2.11 33.86 -31.95
CA GLN D 6 -3.20 34.01 -32.91
C GLN D 6 -3.83 35.38 -32.74
N ASN D 7 -3.94 36.13 -33.84
CA ASN D 7 -4.58 37.45 -33.85
C ASN D 7 -5.19 37.68 -35.22
N GLU D 8 -5.60 38.93 -35.49
CA GLU D 8 -6.07 39.28 -36.83
C GLU D 8 -5.01 39.02 -37.89
N ALA D 9 -3.76 38.83 -37.47
CA ALA D 9 -2.62 38.66 -38.35
C ALA D 9 -2.13 37.23 -38.47
N ARG D 10 -2.09 36.49 -37.38
CA ARG D 10 -1.48 35.16 -37.38
C ARG D 10 -2.50 34.10 -37.02
N LEU D 11 -2.39 32.97 -37.73
CA LEU D 11 -3.16 31.77 -37.45
C LEU D 11 -2.25 30.80 -36.69
N LYS D 12 -2.86 30.03 -35.77
CA LYS D 12 -2.15 29.02 -34.96
C LYS D 12 -2.98 27.74 -34.99
N LEU D 13 -2.49 26.74 -35.73
CA LEU D 13 -3.11 25.42 -35.84
C LEU D 13 -2.39 24.41 -34.96
N SER D 14 -3.13 23.44 -34.45
CA SER D 14 -2.54 22.36 -33.71
C SER D 14 -2.39 21.14 -34.59
N LEU D 15 -1.17 20.63 -34.69
CA LEU D 15 -0.91 19.30 -35.24
C LEU D 15 -0.78 18.24 -34.14
N ASP D 16 -1.18 18.55 -32.91
CA ASP D 16 -1.31 17.49 -31.91
C ASP D 16 -2.39 16.48 -32.35
N GLY D 17 -2.38 15.33 -31.70
CA GLY D 17 -3.28 14.25 -32.07
C GLY D 17 -2.53 12.94 -32.15
N THR D 18 -3.25 11.92 -32.62
CA THR D 18 -2.70 10.57 -32.67
C THR D 18 -2.12 10.33 -34.06
N TRP D 19 -0.82 10.08 -34.13
CA TRP D 19 -0.07 9.90 -35.36
C TRP D 19 0.18 8.42 -35.62
N ALA D 20 0.89 8.13 -36.71
CA ALA D 20 1.37 6.79 -37.02
C ALA D 20 2.81 6.68 -36.54
N PHE D 21 3.19 5.51 -36.04
CA PHE D 21 4.44 5.39 -35.30
C PHE D 21 5.04 4.00 -35.50
N ALA D 22 6.29 3.94 -35.93
CA ALA D 22 7.01 2.68 -36.03
C ALA D 22 8.28 2.76 -35.21
N LEU D 23 8.73 1.61 -34.71
CA LEU D 23 10.03 1.52 -34.04
C LEU D 23 11.13 1.35 -35.09
N GLY D 24 12.20 2.11 -34.93
CA GLY D 24 13.34 1.90 -35.79
C GLY D 24 14.46 1.16 -35.09
N SER D 25 15.70 1.50 -35.45
CA SER D 25 16.83 0.88 -34.79
C SER D 25 17.93 1.92 -34.61
N CYS D 26 19.17 1.47 -34.76
CA CYS D 26 20.31 2.36 -34.80
C CYS D 26 20.65 2.82 -36.22
N ALA D 27 19.72 2.64 -37.17
CA ALA D 27 19.88 3.09 -38.55
C ALA D 27 19.16 4.43 -38.71
N GLU D 28 19.93 5.49 -38.97
CA GLU D 28 19.39 6.77 -39.40
C GLU D 28 18.79 6.69 -40.78
N THR D 29 18.87 5.50 -41.39
CA THR D 29 18.70 5.28 -42.82
C THR D 29 17.59 4.27 -43.13
N GLN D 30 16.84 3.82 -42.11
CA GLN D 30 16.08 2.58 -42.20
C GLN D 30 14.83 2.72 -43.07
N PHE D 31 13.94 3.65 -42.72
CA PHE D 31 12.69 3.83 -43.45
C PHE D 31 12.78 5.07 -44.35
N ASP D 32 12.07 5.03 -45.47
CA ASP D 32 12.08 6.15 -46.40
C ASP D 32 11.22 7.29 -45.83
N PRO D 33 11.77 8.49 -45.68
CA PRO D 33 10.97 9.61 -45.14
C PRO D 33 9.76 10.02 -45.97
N ALA D 34 9.63 9.56 -47.21
CA ALA D 34 8.46 9.93 -47.97
C ALA D 34 7.41 8.85 -48.03
N LYS D 35 7.80 7.59 -47.95
CA LYS D 35 6.73 6.61 -48.00
C LYS D 35 6.14 6.38 -46.61
N PRO D 36 4.86 5.96 -46.53
CA PRO D 36 4.24 5.69 -45.22
C PRO D 36 4.96 4.62 -44.41
N LEU D 37 4.83 4.70 -43.09
CA LEU D 37 5.57 3.77 -42.23
C LEU D 37 5.00 2.36 -42.33
N PRO D 38 5.85 1.33 -42.33
CA PRO D 38 5.36 -0.05 -42.43
C PRO D 38 5.10 -0.71 -41.08
N ASP D 39 3.93 -1.34 -40.95
CA ASP D 39 3.47 -1.93 -39.69
C ASP D 39 3.39 -0.85 -38.61
N ALA D 40 2.79 0.28 -38.98
CA ALA D 40 2.66 1.35 -38.01
C ALA D 40 1.55 1.03 -37.00
N GLN D 41 1.60 1.75 -35.88
CA GLN D 41 0.67 1.68 -34.76
C GLN D 41 0.31 3.10 -34.35
N PRO D 42 -0.87 3.30 -33.79
CA PRO D 42 -1.24 4.63 -33.30
C PRO D 42 -0.50 5.03 -32.03
N ILE D 43 -0.17 6.32 -31.93
CA ILE D 43 0.55 6.88 -30.78
C ILE D 43 0.11 8.31 -30.55
N ALA D 44 -0.01 8.69 -29.28
CA ALA D 44 -0.51 10.01 -28.92
C ALA D 44 0.60 11.06 -28.89
N VAL D 45 0.39 12.19 -29.57
CA VAL D 45 1.30 13.33 -29.59
C VAL D 45 0.55 14.61 -29.20
N PRO D 46 1.11 15.46 -28.32
CA PRO D 46 2.37 15.24 -27.60
C PRO D 46 2.23 14.28 -26.38
N ALA D 47 3.32 13.56 -26.07
CA ALA D 47 3.51 12.70 -24.91
C ALA D 47 4.77 11.90 -25.18
N SER D 48 5.33 11.25 -24.17
CA SER D 48 6.37 10.27 -24.44
C SER D 48 5.73 9.08 -25.12
N TYR D 49 6.53 8.36 -25.91
CA TYR D 49 6.02 7.12 -26.47
C TYR D 49 6.23 5.91 -25.56
N ASN D 50 7.13 6.00 -24.57
CA ASN D 50 7.61 4.81 -23.85
C ASN D 50 6.56 4.09 -23.01
N ASP D 51 5.45 4.74 -22.63
CA ASP D 51 4.43 4.09 -21.80
C ASP D 51 3.10 3.89 -22.51
N GLN D 52 3.12 3.67 -23.82
CA GLN D 52 1.91 3.74 -24.59
C GLN D 52 1.52 2.43 -25.27
N ASN D 53 2.41 1.44 -25.33
CA ASN D 53 2.06 0.11 -25.83
C ASN D 53 2.70 -0.92 -24.89
N ASP D 54 1.95 -1.34 -23.86
CA ASP D 54 2.32 -2.38 -22.92
C ASP D 54 2.02 -3.79 -23.42
N GLN D 55 1.65 -3.97 -24.68
CA GLN D 55 1.58 -5.30 -25.28
C GLN D 55 2.91 -6.01 -25.22
N THR D 56 3.97 -5.29 -24.87
CA THR D 56 5.37 -5.62 -25.03
C THR D 56 6.15 -4.57 -24.24
N THR D 57 7.40 -4.85 -23.97
CA THR D 57 8.25 -3.83 -23.39
C THR D 57 9.12 -3.14 -24.43
N ALA D 58 8.89 -3.40 -25.72
CA ALA D 58 9.71 -2.79 -26.76
C ALA D 58 9.68 -1.27 -26.68
N LEU D 59 8.51 -0.68 -26.41
CA LEU D 59 8.44 0.78 -26.43
C LEU D 59 9.10 1.37 -25.19
N ARG D 60 8.79 0.81 -24.01
CA ARG D 60 9.41 1.29 -22.77
C ARG D 60 10.93 1.26 -22.85
N ARG D 61 11.50 0.18 -23.38
CA ARG D 61 12.91 -0.12 -23.23
C ARG D 61 13.67 -0.01 -24.54
N HIS D 62 13.17 0.79 -25.48
CA HIS D 62 13.76 0.84 -26.81
C HIS D 62 15.10 1.54 -26.76
N TYR D 63 16.04 1.09 -27.59
CA TYR D 63 17.34 1.72 -27.75
C TYR D 63 17.45 2.15 -29.20
N GLY D 64 17.54 3.47 -29.44
CA GLY D 64 17.67 3.98 -30.80
C GLY D 64 16.63 4.94 -31.33
N TRP D 65 16.29 4.76 -32.61
CA TRP D 65 15.42 5.67 -33.35
C TRP D 65 13.99 5.16 -33.34
N VAL D 66 13.04 6.07 -33.21
CA VAL D 66 11.63 5.78 -33.48
C VAL D 66 11.20 6.71 -34.60
N TRP D 67 10.07 6.38 -35.24
CA TRP D 67 9.58 7.13 -36.39
C TRP D 67 8.13 7.52 -36.18
N TYR D 68 7.83 8.79 -36.46
CA TYR D 68 6.52 9.41 -36.32
C TYR D 68 6.02 9.89 -37.69
N GLN D 69 4.70 9.82 -37.92
CA GLN D 69 4.19 10.31 -39.20
C GLN D 69 2.73 10.73 -39.13
N ARG D 70 2.38 11.73 -39.95
CA ARG D 70 1.02 12.17 -40.26
C ARG D 70 1.06 13.12 -41.46
N LYS D 71 -0.13 13.36 -42.04
CA LYS D 71 -0.35 14.19 -43.22
C LYS D 71 -0.83 15.59 -42.83
N VAL D 72 -0.34 16.60 -43.54
CA VAL D 72 -0.59 18.01 -43.20
C VAL D 72 -1.19 18.72 -44.40
N THR D 73 -2.43 19.18 -44.27
CA THR D 73 -3.15 19.92 -45.29
C THR D 73 -3.37 21.34 -44.80
N LEU D 74 -2.91 22.31 -45.61
CA LEU D 74 -3.22 23.71 -45.40
C LEU D 74 -4.35 24.10 -46.33
N PRO D 75 -5.50 24.55 -45.84
CA PRO D 75 -6.67 24.71 -46.72
C PRO D 75 -6.38 25.71 -47.83
N ALA D 76 -7.18 25.62 -48.88
CA ALA D 76 -7.01 26.50 -50.03
C ALA D 76 -7.23 27.95 -49.67
N PHE D 77 -8.20 28.24 -48.81
CA PHE D 77 -8.48 29.65 -48.54
C PHE D 77 -7.49 30.31 -47.58
N CYS D 78 -6.54 29.57 -46.99
CA CYS D 78 -5.58 30.14 -46.04
C CYS D 78 -4.33 30.57 -46.80
N ALA D 79 -4.48 31.65 -47.56
CA ALA D 79 -3.54 31.90 -48.64
C ALA D 79 -2.61 33.10 -48.37
N GLY D 80 -1.47 33.07 -49.07
CA GLY D 80 -0.58 34.22 -49.13
C GLY D 80 0.08 34.63 -47.84
N GLN D 81 0.35 33.67 -46.95
CA GLN D 81 1.03 33.95 -45.70
C GLN D 81 2.29 33.10 -45.57
N ARG D 82 3.19 33.56 -44.70
CA ARG D 82 4.34 32.75 -44.29
C ARG D 82 3.89 31.70 -43.28
N VAL D 83 4.08 30.42 -43.62
CA VAL D 83 3.65 29.30 -42.79
C VAL D 83 4.86 28.62 -42.15
N VAL D 84 4.89 28.57 -40.83
CA VAL D 84 5.99 27.98 -40.08
C VAL D 84 5.50 26.74 -39.33
N LEU D 85 6.35 25.73 -39.28
CA LEU D 85 6.14 24.51 -38.53
C LEU D 85 7.05 24.50 -37.31
N ARG D 86 6.48 24.27 -36.13
CA ARG D 86 7.20 24.44 -34.89
C ARG D 86 7.05 23.23 -33.98
N PHE D 87 8.16 22.74 -33.48
CA PHE D 87 8.18 21.66 -32.52
C PHE D 87 8.48 22.24 -31.14
N GLY D 88 7.53 22.10 -30.20
CA GLY D 88 7.78 22.50 -28.84
C GLY D 88 9.00 21.81 -28.27
N SER D 89 9.28 20.60 -28.73
CA SER D 89 10.46 19.82 -28.40
C SER D 89 10.38 18.50 -29.15
N VAL D 90 11.54 17.86 -29.29
CA VAL D 90 11.71 16.45 -29.62
C VAL D 90 12.95 15.98 -28.88
N THR D 91 12.84 14.86 -28.16
CA THR D 91 13.85 14.38 -27.20
C THR D 91 14.44 13.09 -27.75
N HIS D 92 15.73 13.08 -28.12
CA HIS D 92 16.70 14.15 -27.89
C HIS D 92 17.22 14.77 -29.20
N THR D 93 17.20 13.98 -30.27
CA THR D 93 17.67 14.42 -31.57
C THR D 93 16.64 14.12 -32.65
N ALA D 94 16.42 15.10 -33.54
CA ALA D 94 15.43 14.93 -34.60
C ALA D 94 16.03 15.13 -35.98
N LYS D 95 15.47 14.39 -36.93
CA LYS D 95 15.46 14.73 -38.34
C LYS D 95 13.99 14.78 -38.77
N VAL D 96 13.62 15.83 -39.48
CA VAL D 96 12.23 16.03 -39.90
C VAL D 96 12.21 16.19 -41.40
N TRP D 97 11.39 15.40 -42.08
CA TRP D 97 11.23 15.52 -43.53
C TRP D 97 9.82 15.98 -43.89
N LEU D 98 9.72 16.78 -44.95
CA LEU D 98 8.45 17.13 -45.56
C LEU D 98 8.45 16.66 -47.02
N ASN D 99 7.45 15.87 -47.38
CA ASN D 99 7.40 15.27 -48.71
C ASN D 99 8.76 14.70 -49.12
N GLY D 100 9.47 14.09 -48.18
CA GLY D 100 10.77 13.53 -48.47
C GLY D 100 11.94 14.47 -48.31
N GLN D 101 11.70 15.78 -48.27
CA GLN D 101 12.77 16.77 -48.20
C GLN D 101 13.07 17.12 -46.74
N LEU D 102 14.32 16.96 -46.32
CA LEU D 102 14.70 17.38 -44.98
C LEU D 102 14.48 18.87 -44.80
N ILE D 103 14.06 19.27 -43.58
CA ILE D 103 13.72 20.66 -43.29
C ILE D 103 14.14 21.07 -41.89
N ALA D 104 14.53 20.11 -41.05
CA ALA D 104 15.08 20.46 -39.75
C ALA D 104 15.96 19.34 -39.24
N GLN D 105 16.97 19.72 -38.47
CA GLN D 105 17.75 18.80 -37.65
C GLN D 105 17.92 19.49 -36.30
N HIS D 106 17.92 18.70 -35.23
CA HIS D 106 18.09 19.31 -33.92
C HIS D 106 18.70 18.29 -32.97
N LYS D 107 19.69 18.73 -32.20
CA LYS D 107 20.23 18.02 -31.06
C LYS D 107 19.88 18.84 -29.83
N GLY D 108 19.20 18.22 -28.87
CA GLY D 108 18.66 18.95 -27.74
C GLY D 108 17.21 18.62 -27.48
N GLY D 109 16.92 18.08 -26.30
CA GLY D 109 15.66 17.39 -26.10
C GLY D 109 14.58 18.20 -25.41
N PHE D 110 14.91 19.42 -24.96
CA PHE D 110 14.02 20.19 -24.11
C PHE D 110 13.88 21.64 -24.57
N THR D 111 14.30 21.93 -25.80
CA THR D 111 14.24 23.27 -26.36
C THR D 111 13.63 23.23 -27.75
N PRO D 112 12.82 24.24 -28.08
CA PRO D 112 12.05 24.20 -29.33
C PRO D 112 12.90 24.45 -30.56
N PHE D 113 12.40 23.97 -31.70
CA PHE D 113 13.05 24.26 -32.97
C PHE D 113 11.99 24.42 -34.07
N GLU D 114 12.41 25.05 -35.18
CA GLU D 114 11.49 25.57 -36.20
C GLU D 114 12.01 25.31 -37.62
N ALA D 115 11.06 25.29 -38.57
CA ALA D 115 11.36 25.22 -40.00
C ALA D 115 10.34 26.03 -40.80
N ASP D 116 10.80 27.07 -41.49
CA ASP D 116 9.93 27.88 -42.34
C ASP D 116 9.67 27.11 -43.63
N VAL D 117 8.38 26.98 -43.98
CA VAL D 117 7.90 25.88 -44.80
C VAL D 117 6.96 26.34 -45.91
N THR D 118 6.70 27.65 -46.03
CA THR D 118 5.71 28.16 -46.98
C THR D 118 6.02 27.73 -48.41
N ALA D 119 7.32 27.68 -48.76
CA ALA D 119 7.80 27.23 -50.06
C ALA D 119 7.46 25.79 -50.38
N LEU D 120 6.92 25.01 -49.42
CA LEU D 120 6.69 23.57 -49.59
C LEU D 120 5.35 23.07 -49.07
N LEU D 121 4.58 23.92 -48.40
CA LEU D 121 3.19 23.66 -48.06
C LEU D 121 2.35 24.79 -48.65
N GLN D 122 1.95 24.63 -49.91
CA GLN D 122 1.12 25.60 -50.60
C GLN D 122 -0.29 25.48 -50.07
N PRO D 123 -1.10 26.52 -50.22
CA PRO D 123 -2.51 26.39 -49.87
C PRO D 123 -3.18 25.33 -50.73
N GLY D 124 -3.88 24.40 -50.08
CA GLY D 124 -4.73 23.44 -50.74
C GLY D 124 -4.19 22.02 -50.78
N GLU D 125 -2.90 21.84 -50.52
CA GLU D 125 -2.27 20.53 -50.67
C GLU D 125 -1.97 19.89 -49.32
N THR D 126 -1.46 18.65 -49.38
CA THR D 126 -1.21 17.82 -48.20
C THR D 126 0.19 17.23 -48.28
N ALA D 127 1.04 17.59 -47.33
CA ALA D 127 2.39 17.03 -47.25
C ALA D 127 2.44 15.88 -46.25
N LEU D 128 3.32 14.92 -46.53
CA LEU D 128 3.65 13.86 -45.60
C LEU D 128 4.77 14.33 -44.67
N LEU D 129 4.48 14.46 -43.38
CA LEU D 129 5.45 14.96 -42.40
C LEU D 129 5.98 13.79 -41.57
N THR D 130 7.26 13.47 -41.74
CA THR D 130 7.91 12.41 -41.01
C THR D 130 8.86 13.02 -39.99
N VAL D 131 8.82 12.51 -38.76
CA VAL D 131 9.76 12.89 -37.71
C VAL D 131 10.44 11.61 -37.22
N ALA D 132 11.76 11.60 -37.28
CA ALA D 132 12.54 10.55 -36.65
C ALA D 132 13.18 11.11 -35.40
N CYS D 133 13.05 10.38 -34.30
CA CYS D 133 13.51 10.80 -32.98
C CYS D 133 14.39 9.71 -32.39
N ASP D 134 15.64 10.09 -32.07
CA ASP D 134 16.66 9.23 -31.50
C ASP D 134 16.69 9.44 -29.98
N ASN D 135 16.58 8.36 -29.21
CA ASN D 135 16.56 8.46 -27.74
C ASN D 135 17.92 8.26 -27.08
N ARG D 136 18.99 8.06 -27.84
CA ARG D 136 20.26 7.64 -27.26
C ARG D 136 20.99 8.80 -26.59
N VAL D 137 21.50 8.56 -25.37
CA VAL D 137 22.32 9.54 -24.67
C VAL D 137 23.70 8.93 -24.43
N ASN D 138 24.71 9.78 -24.48
CA ASN D 138 26.09 9.37 -24.38
C ASN D 138 26.89 10.58 -23.92
N HIS D 139 28.22 10.52 -24.08
CA HIS D 139 29.13 11.57 -23.62
C HIS D 139 29.04 12.86 -24.44
N SER D 140 28.20 12.92 -25.46
CA SER D 140 28.07 14.13 -26.26
C SER D 140 26.71 14.77 -26.11
N THR D 141 25.78 14.14 -25.38
CA THR D 141 24.44 14.65 -25.15
C THR D 141 24.35 15.46 -23.87
N LEU D 142 23.28 16.24 -23.77
CA LEU D 142 22.90 16.91 -22.52
C LEU D 142 21.41 16.67 -22.37
N PRO D 143 20.97 15.86 -21.39
CA PRO D 143 21.69 15.16 -20.32
C PRO D 143 22.65 14.08 -20.79
N VAL D 144 23.60 13.75 -19.94
CA VAL D 144 24.74 12.92 -20.32
C VAL D 144 24.39 11.43 -20.19
N GLY D 145 24.86 10.63 -21.13
CA GLY D 145 24.70 9.20 -21.10
C GLY D 145 26.06 8.58 -20.89
N ASN D 146 26.08 7.39 -20.31
CA ASN D 146 27.33 6.69 -20.07
C ASN D 146 27.56 5.72 -21.23
N GLU D 147 28.83 5.48 -21.51
CA GLU D 147 29.27 4.66 -22.63
C GLU D 147 30.00 3.45 -22.08
N ASP D 148 30.51 2.63 -23.00
CA ASP D 148 31.02 1.29 -22.68
C ASP D 148 31.82 1.25 -21.38
N GLY D 149 31.48 0.26 -20.55
CA GLY D 149 32.21 -0.01 -19.33
C GLY D 149 31.89 0.89 -18.15
N GLN D 150 30.85 1.72 -18.25
CA GLN D 150 30.32 2.40 -17.08
C GLN D 150 28.87 1.98 -16.92
N LEU D 151 28.44 1.96 -15.66
CA LEU D 151 27.08 1.59 -15.29
C LEU D 151 26.15 2.80 -15.38
N ALA D 152 24.86 2.54 -15.35
CA ALA D 152 23.95 3.65 -15.15
C ALA D 152 24.14 4.23 -13.75
N PHE D 153 24.08 5.56 -13.65
CA PHE D 153 24.06 6.27 -12.37
C PHE D 153 23.05 5.63 -11.42
N PHE D 154 23.55 5.23 -10.24
CA PHE D 154 22.88 4.45 -9.18
C PHE D 154 22.71 2.98 -9.58
N GLY D 155 23.23 2.55 -10.72
CA GLY D 155 23.23 1.14 -11.04
C GLY D 155 24.17 0.34 -10.16
N SER D 156 23.94 -0.97 -10.13
CA SER D 156 24.74 -1.88 -9.33
C SER D 156 25.36 -2.94 -10.22
N ASP D 157 26.40 -3.58 -9.70
CA ASP D 157 27.09 -4.61 -10.44
C ASP D 157 27.93 -5.45 -9.50
N ASN D 158 28.21 -6.66 -9.94
CA ASN D 158 29.29 -7.44 -9.36
C ASN D 158 30.42 -7.44 -10.39
N ALA D 159 31.28 -6.42 -10.30
CA ALA D 159 32.35 -6.27 -11.27
C ALA D 159 33.43 -7.33 -11.08
N GLY D 160 33.85 -7.92 -12.19
CA GLY D 160 34.94 -8.83 -12.22
C GLY D 160 34.57 -10.29 -12.32
N ILE D 161 33.32 -10.63 -12.07
CA ILE D 161 32.95 -12.05 -12.15
C ILE D 161 32.86 -12.43 -13.63
N PRO D 162 33.51 -13.53 -14.05
CA PRO D 162 33.51 -13.89 -15.48
C PRO D 162 32.14 -14.03 -16.09
N SER D 163 31.22 -14.75 -15.43
CA SER D 163 29.89 -14.87 -15.98
C SER D 163 29.21 -13.52 -16.09
N VAL D 164 29.47 -12.62 -15.16
CA VAL D 164 28.88 -11.29 -15.20
C VAL D 164 29.45 -10.45 -16.34
N GLU D 165 30.78 -10.37 -16.41
CA GLU D 165 31.44 -9.54 -17.42
C GLU D 165 31.14 -10.01 -18.83
N ALA D 166 30.96 -11.32 -19.01
CA ALA D 166 30.56 -11.88 -20.30
C ALA D 166 29.10 -11.54 -20.63
N ALA D 167 28.23 -11.52 -19.62
CA ALA D 167 26.83 -11.20 -19.89
C ALA D 167 26.64 -9.72 -20.16
N LYS D 168 27.42 -8.87 -19.49
CA LYS D 168 27.35 -7.44 -19.76
C LYS D 168 27.72 -7.13 -21.20
N ARG D 169 28.53 -7.97 -21.82
CA ARG D 169 28.89 -7.72 -23.21
C ARG D 169 27.84 -8.24 -24.18
N ALA D 170 27.35 -9.47 -23.95
CA ALA D 170 26.34 -10.06 -24.83
C ALA D 170 24.97 -9.44 -24.66
N ALA D 171 24.77 -8.61 -23.64
CA ALA D 171 23.44 -8.10 -23.33
C ALA D 171 23.00 -7.13 -24.40
N ALA D 172 21.69 -7.09 -24.61
CA ALA D 172 21.14 -6.18 -25.59
C ALA D 172 21.43 -4.73 -25.17
N PRO D 173 21.74 -3.87 -26.12
CA PRO D 173 22.18 -2.51 -25.76
C PRO D 173 21.05 -1.71 -25.14
N GLN D 174 21.33 -1.08 -24.02
CA GLN D 174 20.40 -0.16 -23.40
C GLN D 174 21.13 1.15 -23.17
N ASN D 175 20.37 2.24 -23.07
CA ASN D 175 20.98 3.47 -22.59
C ASN D 175 21.35 3.29 -21.13
N ARG D 176 22.45 3.90 -20.72
CA ARG D 176 22.83 3.95 -19.31
C ARG D 176 22.88 5.44 -18.93
N PRO D 177 21.74 6.02 -18.54
CA PRO D 177 21.72 7.45 -18.21
C PRO D 177 22.69 7.79 -17.08
N ASN D 178 23.38 8.91 -17.26
CA ASN D 178 24.14 9.48 -16.16
C ASN D 178 23.31 10.46 -15.35
N PHE D 179 22.05 10.14 -15.09
CA PHE D 179 21.15 11.00 -14.34
C PHE D 179 20.11 10.13 -13.67
N ASP D 180 19.39 10.71 -12.72
CA ASP D 180 18.41 9.97 -11.92
C ASP D 180 17.00 10.37 -12.33
N PHE D 181 16.63 9.94 -13.53
CA PHE D 181 15.29 10.10 -14.05
C PHE D 181 15.19 9.36 -15.35
N PHE D 182 14.04 8.74 -15.59
CA PHE D 182 13.88 7.84 -16.71
C PHE D 182 14.02 8.58 -18.05
N ASN D 183 14.57 7.88 -19.04
CA ASN D 183 14.88 8.44 -20.36
C ASN D 183 13.64 8.47 -21.26
N TYR D 184 12.67 9.26 -20.85
CA TYR D 184 11.53 9.47 -21.70
C TYR D 184 11.94 10.20 -22.98
N ALA D 185 11.30 9.83 -24.08
CA ALA D 185 11.62 10.32 -25.40
C ALA D 185 10.37 10.30 -26.24
N GLY D 186 10.40 11.00 -27.37
CA GLY D 186 9.25 11.24 -28.20
C GLY D 186 8.96 12.74 -28.30
N ILE D 187 7.97 13.07 -29.12
CA ILE D 187 7.56 14.46 -29.28
C ILE D 187 6.76 14.90 -28.06
N HIS D 188 7.41 15.62 -27.13
CA HIS D 188 6.84 15.84 -25.79
C HIS D 188 6.01 17.10 -25.69
N ARG D 189 6.24 18.08 -26.56
CA ARG D 189 5.58 19.37 -26.42
C ARG D 189 4.68 19.62 -27.61
N PRO D 190 3.69 20.53 -27.49
CA PRO D 190 2.74 20.73 -28.59
C PRO D 190 3.43 21.12 -29.90
N VAL D 191 2.97 20.51 -30.98
CA VAL D 191 3.48 20.73 -32.33
C VAL D 191 2.54 21.69 -33.05
N VAL D 192 3.09 22.82 -33.51
CA VAL D 192 2.31 23.96 -33.99
C VAL D 192 2.59 24.21 -35.48
N LEU D 193 1.56 24.62 -36.19
CA LEU D 193 1.70 25.17 -37.55
C LEU D 193 1.07 26.55 -37.55
N TYR D 194 1.87 27.59 -37.72
CA TYR D 194 1.34 28.95 -37.63
C TYR D 194 1.73 29.78 -38.84
N THR D 195 1.15 30.99 -38.91
CA THR D 195 1.35 31.88 -40.05
C THR D 195 1.79 33.27 -39.59
N THR D 196 2.48 33.96 -40.48
CA THR D 196 2.79 35.39 -40.36
C THR D 196 2.67 36.07 -41.71
N PRO D 197 2.37 37.36 -41.72
CA PRO D 197 2.57 38.16 -42.93
C PRO D 197 3.99 37.95 -43.45
N LYS D 198 4.16 38.07 -44.77
CA LYS D 198 5.41 37.60 -45.35
C LYS D 198 6.60 38.45 -44.94
N GLU D 199 6.35 39.60 -44.30
CA GLU D 199 7.38 40.38 -43.60
C GLU D 199 6.86 40.64 -42.18
N TYR D 200 7.56 40.10 -41.18
CA TYR D 200 6.96 39.78 -39.88
C TYR D 200 7.84 40.21 -38.70
N ILE D 201 7.21 40.31 -37.53
CA ILE D 201 7.94 40.57 -36.29
C ILE D 201 8.77 39.34 -35.93
N GLU D 202 10.07 39.57 -35.69
CA GLU D 202 11.02 38.49 -35.45
C GLU D 202 11.23 38.19 -33.99
N ASP D 203 11.41 39.23 -33.17
CA ASP D 203 11.89 39.02 -31.83
C ASP D 203 11.50 40.20 -30.97
N VAL D 204 11.25 39.94 -29.68
CA VAL D 204 10.85 40.98 -28.74
C VAL D 204 11.71 40.84 -27.49
N THR D 205 12.13 41.99 -26.95
CA THR D 205 13.07 42.03 -25.83
C THR D 205 12.67 43.19 -24.91
N ILE D 206 12.09 42.86 -23.76
CA ILE D 206 11.52 43.85 -22.86
C ILE D 206 12.27 43.78 -21.54
N VAL D 207 12.94 44.88 -21.16
CA VAL D 207 13.62 45.03 -19.87
C VAL D 207 12.90 46.13 -19.08
N PRO D 208 12.16 45.77 -17.99
CA PRO D 208 11.52 46.79 -17.16
C PRO D 208 12.27 47.12 -15.88
N ALA D 209 12.01 48.32 -15.35
CA ALA D 209 12.61 48.81 -14.12
C ALA D 209 11.51 49.37 -13.24
N VAL D 210 11.70 49.27 -11.91
CA VAL D 210 10.61 49.54 -10.97
C VAL D 210 10.03 50.96 -11.14
N ASP D 211 10.82 51.90 -11.66
CA ASP D 211 10.39 53.30 -11.75
C ASP D 211 9.34 53.57 -12.84
N GLY D 212 8.89 52.55 -13.58
CA GLY D 212 7.97 52.72 -14.68
C GLY D 212 8.61 52.56 -16.05
N THR D 213 9.87 52.97 -16.19
CA THR D 213 10.54 52.90 -17.49
C THR D 213 10.75 51.46 -17.93
N VAL D 214 10.51 51.20 -19.20
CA VAL D 214 10.64 49.87 -19.79
C VAL D 214 11.46 50.03 -21.06
N GLN D 215 12.68 49.52 -21.07
CA GLN D 215 13.45 49.42 -22.31
C GLN D 215 12.93 48.26 -23.14
N TYR D 216 12.84 48.47 -24.44
CA TYR D 216 12.20 47.49 -25.30
C TYR D 216 12.88 47.49 -26.65
N ALA D 217 12.66 46.41 -27.41
CA ALA D 217 13.25 46.28 -28.74
C ALA D 217 12.50 45.22 -29.53
N VAL D 218 12.12 45.56 -30.77
CA VAL D 218 11.37 44.67 -31.65
C VAL D 218 12.14 44.55 -32.97
N LYS D 219 12.73 43.37 -33.22
CA LYS D 219 13.33 43.06 -34.52
C LYS D 219 12.28 42.67 -35.55
N THR D 220 12.45 43.15 -36.80
CA THR D 220 11.51 42.93 -37.90
C THR D 220 12.25 42.65 -39.20
N THR D 221 11.57 42.02 -40.15
CA THR D 221 12.12 41.79 -41.47
C THR D 221 11.69 42.81 -42.50
N GLY D 222 10.47 43.33 -42.42
CA GLY D 222 10.00 44.36 -43.35
C GLY D 222 10.63 45.72 -43.12
N SER D 223 10.02 46.77 -43.69
CA SER D 223 10.52 48.12 -43.51
C SER D 223 9.46 49.09 -43.02
N ALA D 224 8.29 48.62 -42.59
CA ALA D 224 7.27 49.50 -42.05
C ALA D 224 7.78 50.13 -40.76
N PRO D 225 7.11 51.17 -40.25
CA PRO D 225 7.39 51.65 -38.90
C PRO D 225 6.56 50.94 -37.84
N VAL D 226 7.07 50.97 -36.62
CA VAL D 226 6.70 50.04 -35.58
C VAL D 226 6.10 50.79 -34.40
N ARG D 227 4.87 50.42 -34.02
CA ARG D 227 4.14 51.02 -32.90
C ARG D 227 4.12 50.06 -31.73
N VAL D 228 4.26 50.58 -30.51
CA VAL D 228 4.11 49.81 -29.28
C VAL D 228 3.12 50.49 -28.36
N THR D 229 2.42 49.70 -27.54
CA THR D 229 1.46 50.25 -26.57
C THR D 229 1.38 49.30 -25.38
N VAL D 230 1.89 49.75 -24.23
CA VAL D 230 1.75 48.97 -23.01
C VAL D 230 0.26 48.86 -22.67
N LEU D 231 -0.22 47.62 -22.51
CA LEU D 231 -1.59 47.32 -22.10
C LEU D 231 -1.59 46.79 -20.67
N ASP D 232 -2.63 47.14 -19.90
CA ASP D 232 -2.70 46.80 -18.49
C ASP D 232 -3.41 45.45 -18.28
N ALA D 233 -3.69 45.11 -17.00
CA ALA D 233 -4.32 43.83 -16.70
C ALA D 233 -5.72 43.75 -17.28
N ASP D 234 -6.38 44.89 -17.47
CA ASP D 234 -7.70 44.95 -18.07
C ASP D 234 -7.65 45.25 -19.57
N GLY D 235 -6.47 45.55 -20.11
CA GLY D 235 -6.31 45.75 -21.53
C GLY D 235 -6.35 47.18 -22.02
N ASN D 236 -6.37 48.16 -21.11
CA ASN D 236 -6.33 49.55 -21.53
C ASN D 236 -4.89 49.98 -21.81
N ALA D 237 -4.74 50.95 -22.72
CA ALA D 237 -3.41 51.38 -23.17
C ALA D 237 -2.91 52.50 -22.27
N VAL D 238 -1.76 52.30 -21.62
CA VAL D 238 -1.24 53.25 -20.65
C VAL D 238 0.02 53.97 -21.13
N ALA D 239 0.76 53.42 -22.10
CA ALA D 239 1.91 54.12 -22.69
C ALA D 239 1.98 53.78 -24.16
N SER D 240 2.84 54.51 -24.89
CA SER D 240 2.92 54.39 -26.34
C SER D 240 4.25 54.94 -26.84
N ALA D 241 4.73 54.34 -27.93
CA ALA D 241 5.88 54.85 -28.65
C ALA D 241 5.75 54.51 -30.13
N GLU D 242 6.52 55.22 -30.95
CA GLU D 242 6.47 55.07 -32.39
C GLU D 242 7.81 54.61 -32.94
N SER D 243 8.50 53.74 -32.20
CA SER D 243 9.86 53.36 -32.56
C SER D 243 10.12 51.93 -32.09
N ALA D 244 10.94 51.21 -32.87
CA ALA D 244 11.17 49.79 -32.68
C ALA D 244 12.14 49.50 -31.53
N GLU D 245 13.06 50.41 -31.23
CA GLU D 245 13.75 50.43 -29.96
C GLU D 245 13.41 51.74 -29.25
N GLY D 246 14.06 51.97 -28.12
CA GLY D 246 13.72 53.07 -27.23
C GLY D 246 13.12 52.57 -25.93
N THR D 247 12.74 53.52 -25.08
CA THR D 247 12.12 53.18 -23.80
C THR D 247 10.84 53.99 -23.62
N ILE D 248 9.89 53.40 -22.90
CA ILE D 248 8.62 54.04 -22.61
C ILE D 248 8.35 53.98 -21.11
N THR D 249 7.57 54.95 -20.64
CA THR D 249 7.33 55.17 -19.22
C THR D 249 5.88 54.83 -18.85
N ILE D 250 5.70 54.09 -17.76
CA ILE D 250 4.39 53.64 -17.30
C ILE D 250 4.04 54.42 -16.04
N PRO D 251 2.84 55.00 -15.95
CA PRO D 251 2.44 55.74 -14.75
C PRO D 251 1.82 54.84 -13.71
N GLU D 252 2.09 55.17 -12.43
CA GLU D 252 1.90 54.26 -11.29
C GLU D 252 1.99 52.83 -11.76
N VAL D 253 3.21 52.39 -12.10
CA VAL D 253 3.38 51.03 -12.57
C VAL D 253 3.04 50.09 -11.43
N HIS D 254 2.20 49.10 -11.70
CA HIS D 254 1.93 48.04 -10.74
C HIS D 254 2.98 46.96 -10.91
N LEU D 255 3.63 46.59 -9.80
CA LEU D 255 4.73 45.65 -9.93
C LEU D 255 4.24 44.21 -9.85
N TRP D 256 5.11 43.29 -10.28
CA TRP D 256 4.87 41.86 -10.23
C TRP D 256 5.48 41.26 -8.96
N GLU D 257 4.69 40.51 -8.20
CA GLU D 257 5.22 39.96 -6.95
C GLU D 257 4.57 38.61 -6.64
N PRO D 258 5.32 37.65 -6.13
CA PRO D 258 4.69 36.42 -5.62
C PRO D 258 3.83 36.74 -4.41
N ARG D 259 2.96 35.79 -4.06
CA ARG D 259 2.05 36.04 -2.94
C ARG D 259 2.86 36.20 -1.65
N PRO D 260 2.48 37.15 -0.77
CA PRO D 260 1.19 37.86 -0.70
C PRO D 260 1.03 39.01 -1.69
N GLY D 261 2.02 39.24 -2.54
CA GLY D 261 1.92 40.33 -3.49
C GLY D 261 0.91 40.03 -4.58
N THR D 262 0.71 41.01 -5.43
CA THR D 262 -0.10 40.62 -6.57
C THR D 262 0.77 40.46 -7.79
N PRO D 263 0.55 39.44 -8.60
CA PRO D 263 1.46 39.20 -9.74
C PRO D 263 1.01 39.97 -10.98
N TYR D 264 1.09 41.30 -10.94
CA TYR D 264 0.55 42.12 -12.03
C TYR D 264 1.34 41.93 -13.32
N LEU D 265 0.61 41.83 -14.44
CA LEU D 265 1.19 41.51 -15.73
C LEU D 265 0.70 42.50 -16.78
N TYR D 266 1.66 43.10 -17.48
CA TYR D 266 1.36 43.97 -18.60
C TYR D 266 1.63 43.25 -19.92
N THR D 267 1.10 43.84 -21.01
CA THR D 267 1.38 43.40 -22.36
C THR D 267 2.00 44.52 -23.18
N LEU D 268 3.01 44.19 -23.96
CA LEU D 268 3.45 45.06 -25.02
C LEU D 268 2.76 44.62 -26.30
N HIS D 269 1.86 45.46 -26.79
CA HIS D 269 1.18 45.24 -28.06
C HIS D 269 1.98 45.92 -29.16
N ALA D 270 2.48 45.15 -30.12
CA ALA D 270 3.35 45.68 -31.16
C ALA D 270 2.75 45.41 -32.53
N THR D 271 2.55 46.47 -33.31
CA THR D 271 2.16 46.35 -34.71
C THR D 271 3.29 46.84 -35.62
N CYS D 272 3.41 46.19 -36.76
CA CYS D 272 4.39 46.60 -37.76
C CYS D 272 3.85 46.13 -39.10
N GLY D 273 3.38 47.07 -39.92
CA GLY D 273 2.83 46.68 -41.19
C GLY D 273 1.48 46.05 -40.99
N ALA D 274 1.29 44.82 -41.48
CA ALA D 274 0.07 44.07 -41.22
C ALA D 274 0.25 43.05 -40.11
N ASP D 275 1.36 43.10 -39.39
CA ASP D 275 1.69 42.07 -38.42
C ASP D 275 1.46 42.59 -37.00
N VAL D 276 1.06 41.65 -36.12
CA VAL D 276 0.79 41.93 -34.71
C VAL D 276 1.45 40.85 -33.85
N TYR D 277 1.86 41.24 -32.65
CA TYR D 277 2.35 40.30 -31.65
C TYR D 277 2.14 40.94 -30.29
N ASP D 278 1.91 40.10 -29.27
CA ASP D 278 1.74 40.53 -27.87
C ASP D 278 2.70 39.79 -26.97
N GLN D 279 3.51 40.54 -26.23
CA GLN D 279 4.51 39.94 -25.34
C GLN D 279 4.20 40.43 -23.94
N THR D 280 3.64 39.52 -23.13
CA THR D 280 3.46 39.75 -21.71
C THR D 280 4.80 40.08 -21.05
N PHE D 281 4.71 40.83 -19.95
CA PHE D 281 5.94 41.13 -19.21
C PHE D 281 5.59 41.61 -17.80
N GLY D 282 6.56 41.50 -16.90
CA GLY D 282 6.36 41.85 -15.51
C GLY D 282 7.41 42.80 -15.01
N VAL D 283 6.97 43.82 -14.28
CA VAL D 283 7.82 44.89 -13.80
C VAL D 283 8.25 44.56 -12.38
N ARG D 284 9.49 44.08 -12.20
CA ARG D 284 10.00 43.76 -10.87
C ARG D 284 11.52 43.68 -10.90
N SER D 285 12.17 44.14 -9.82
CA SER D 285 13.62 44.21 -9.73
C SER D 285 14.20 43.03 -8.93
N ILE D 286 15.33 42.53 -9.41
CA ILE D 286 16.03 41.39 -8.85
C ILE D 286 17.48 41.78 -8.61
N GLU D 287 17.91 41.75 -7.35
CA GLU D 287 19.25 42.22 -7.02
C GLU D 287 19.84 41.35 -5.91
N VAL D 288 20.94 40.65 -6.21
CA VAL D 288 21.74 40.03 -5.17
C VAL D 288 22.59 41.12 -4.55
N ARG D 289 22.37 41.38 -3.28
CA ARG D 289 22.97 42.52 -2.61
C ARG D 289 23.53 42.03 -1.28
N GLY D 290 24.76 41.57 -1.29
CA GLY D 290 25.43 41.04 -0.11
C GLY D 290 25.17 39.54 0.05
N THR D 291 24.44 39.18 1.11
CA THR D 291 23.96 37.81 1.30
C THR D 291 22.44 37.78 1.30
N GLN D 292 21.84 38.81 0.73
CA GLN D 292 20.41 38.90 0.54
C GLN D 292 20.12 38.80 -0.95
N VAL D 293 18.92 38.33 -1.27
CA VAL D 293 18.40 38.41 -2.62
C VAL D 293 17.16 39.27 -2.56
N LEU D 294 17.12 40.31 -3.38
CA LEU D 294 16.12 41.36 -3.27
C LEU D 294 15.16 41.28 -4.45
N LEU D 295 13.86 41.30 -4.14
CA LEU D 295 12.76 41.39 -5.11
C LEU D 295 12.04 42.68 -4.83
N ASN D 296 12.20 43.67 -5.70
CA ASN D 296 11.68 45.01 -5.42
C ASN D 296 12.21 45.48 -4.06
N GLY D 297 13.52 45.40 -3.88
CA GLY D 297 14.16 45.76 -2.62
C GLY D 297 13.83 44.89 -1.43
N LYS D 298 13.07 43.80 -1.62
CA LYS D 298 12.72 43.17 -0.35
C LYS D 298 13.52 41.90 -0.15
N PRO D 299 13.97 41.61 1.07
CA PRO D 299 14.64 40.34 1.31
C PRO D 299 13.65 39.21 1.06
N LEU D 300 14.13 38.20 0.35
CA LEU D 300 13.30 37.12 -0.17
C LEU D 300 13.80 35.81 0.40
N TYR D 301 12.86 34.90 0.71
CA TYR D 301 13.20 33.55 1.15
C TYR D 301 12.45 32.54 0.31
N PHE D 302 13.18 31.73 -0.45
CA PHE D 302 12.58 30.76 -1.35
C PHE D 302 11.98 29.59 -0.57
N LYS D 303 10.70 29.33 -0.81
CA LYS D 303 10.05 28.11 -0.35
C LYS D 303 9.67 27.28 -1.58
N GLY D 304 10.68 26.65 -2.18
CA GLY D 304 10.49 26.01 -3.47
C GLY D 304 10.34 24.49 -3.43
N PHE D 305 9.84 23.97 -4.54
CA PHE D 305 9.96 22.58 -4.90
C PHE D 305 10.99 22.42 -6.02
N CYS D 306 11.65 21.27 -6.06
CA CYS D 306 12.19 20.80 -7.32
C CYS D 306 11.11 19.99 -8.03
N LYS D 307 11.01 20.15 -9.34
CA LYS D 307 9.94 19.42 -10.02
C LYS D 307 10.55 18.45 -11.04
N HIS D 308 9.67 17.81 -11.80
CA HIS D 308 10.03 17.06 -12.98
C HIS D 308 8.86 17.12 -13.93
N GLU D 309 9.13 16.92 -15.21
CA GLU D 309 8.04 16.70 -16.14
C GLU D 309 7.85 15.19 -16.22
N ASP D 310 6.87 14.68 -15.49
CA ASP D 310 6.76 13.26 -15.21
C ASP D 310 5.34 12.95 -14.81
N PHE D 311 4.74 11.93 -15.41
CA PHE D 311 3.37 11.58 -15.05
C PHE D 311 3.00 10.24 -15.66
N THR D 312 1.96 9.64 -15.09
CA THR D 312 1.40 8.41 -15.65
C THR D 312 0.94 8.65 -17.08
N ALA D 313 1.30 7.71 -17.98
CA ALA D 313 0.95 7.72 -19.42
C ALA D 313 1.65 8.82 -20.19
N HIS D 314 1.66 10.04 -19.66
CA HIS D 314 2.25 11.15 -20.36
C HIS D 314 3.76 11.08 -20.40
N GLY D 315 4.39 10.39 -19.46
CA GLY D 315 5.85 10.33 -19.40
C GLY D 315 6.40 11.71 -19.09
N ARG D 316 7.35 12.17 -19.91
CA ARG D 316 7.79 13.56 -19.88
C ARG D 316 6.96 14.44 -20.80
N GLY D 317 5.92 13.90 -21.42
CA GLY D 317 5.02 14.73 -22.18
C GLY D 317 4.41 15.85 -21.35
N PHE D 318 3.87 16.81 -22.07
CA PHE D 318 3.32 18.02 -21.49
C PHE D 318 1.85 17.78 -21.18
N ASP D 319 1.40 18.24 -20.00
CA ASP D 319 0.01 18.05 -19.58
C ASP D 319 -0.55 19.36 -19.02
N PRO D 320 -1.30 20.12 -19.82
CA PRO D 320 -1.82 21.42 -19.34
C PRO D 320 -2.64 21.33 -18.07
N VAL D 321 -3.27 20.18 -17.83
CA VAL D 321 -4.12 19.94 -16.67
C VAL D 321 -3.28 19.67 -15.43
N LEU D 322 -2.37 18.70 -15.52
CA LEU D 322 -1.47 18.47 -14.39
C LEU D 322 -0.73 19.74 -14.02
N ASN D 323 -0.53 20.64 -14.98
CA ASN D 323 0.17 21.89 -14.68
C ASN D 323 -0.66 22.78 -13.76
N VAL D 324 -1.95 22.89 -14.02
CA VAL D 324 -2.75 23.80 -13.20
C VAL D 324 -2.99 23.18 -11.85
N LYS D 325 -3.03 21.85 -11.77
CA LYS D 325 -3.23 21.19 -10.49
C LYS D 325 -2.02 21.34 -9.59
N ASP D 326 -0.79 21.22 -10.16
CA ASP D 326 0.43 21.37 -9.39
C ASP D 326 0.56 22.78 -8.82
N VAL D 327 0.47 23.80 -9.68
CA VAL D 327 0.54 25.20 -9.24
C VAL D 327 -0.47 25.51 -8.15
N ASN D 328 -1.60 24.84 -8.18
CA ASN D 328 -2.57 25.04 -7.10
C ASN D 328 -2.15 24.26 -5.86
N LEU D 329 -1.57 23.07 -6.03
CA LEU D 329 -0.93 22.40 -4.88
C LEU D 329 0.28 23.20 -4.39
N ILE D 330 0.92 23.96 -5.27
CA ILE D 330 2.03 24.77 -4.84
C ILE D 330 1.54 25.94 -3.98
N HIS D 331 0.38 26.51 -4.31
CA HIS D 331 -0.21 27.53 -3.43
C HIS D 331 -0.69 26.92 -2.11
N TRP D 332 -1.47 25.84 -2.21
CA TRP D 332 -1.96 25.13 -1.03
C TRP D 332 -0.85 24.81 -0.05
N ALA D 333 0.37 24.59 -0.54
CA ALA D 333 1.54 24.26 0.29
C ALA D 333 2.15 25.46 0.98
N ASN D 334 1.72 26.68 0.63
CA ASN D 334 2.33 27.94 1.09
C ASN D 334 3.72 28.15 0.54
N ALA D 335 4.02 27.49 -0.59
CA ALA D 335 5.26 27.57 -1.34
C ALA D 335 5.20 28.72 -2.36
N ASN D 336 6.38 29.23 -2.73
CA ASN D 336 6.43 30.34 -3.67
C ASN D 336 7.46 30.17 -4.78
N ALA D 337 8.13 29.02 -4.87
CA ALA D 337 9.22 28.88 -5.83
C ALA D 337 9.20 27.50 -6.47
N VAL D 338 9.77 27.39 -7.66
CA VAL D 338 9.90 26.12 -8.37
C VAL D 338 11.23 26.09 -9.13
N ARG D 339 11.88 24.94 -9.12
CA ARG D 339 13.13 24.71 -9.84
C ARG D 339 12.83 23.79 -11.02
N THR D 340 13.30 24.13 -12.20
CA THR D 340 12.99 23.28 -13.36
C THR D 340 14.04 22.18 -13.54
N SER D 341 14.18 21.38 -12.50
CA SER D 341 15.01 20.18 -12.56
C SER D 341 14.44 19.23 -13.60
N HIS D 342 15.32 18.64 -14.45
CA HIS D 342 16.68 19.09 -14.73
C HIS D 342 16.78 19.52 -16.22
N TYR D 343 15.92 20.43 -16.65
CA TYR D 343 15.76 20.79 -18.06
C TYR D 343 14.75 21.94 -18.13
N PRO D 344 14.77 22.73 -19.21
CA PRO D 344 13.70 23.71 -19.37
C PRO D 344 12.37 23.00 -19.58
N TYR D 345 11.32 23.57 -19.05
CA TYR D 345 10.01 22.95 -19.14
C TYR D 345 9.31 23.42 -20.42
N ALA D 346 8.08 22.99 -20.62
CA ALA D 346 7.29 23.60 -21.67
C ALA D 346 7.15 25.08 -21.39
N GLU D 347 6.92 25.86 -22.46
CA GLU D 347 6.70 27.29 -22.30
C GLU D 347 5.44 27.59 -21.48
N GLU D 348 4.42 26.73 -21.58
CA GLU D 348 3.14 26.98 -20.92
C GLU D 348 3.22 26.88 -19.41
N PHE D 349 4.17 26.09 -18.88
CA PHE D 349 4.46 26.09 -17.45
C PHE D 349 4.91 27.48 -17.00
N TYR D 350 5.87 28.06 -17.72
CA TYR D 350 6.35 29.41 -17.41
C TYR D 350 5.27 30.47 -17.61
N ASP D 351 4.41 30.30 -18.63
CA ASP D 351 3.24 31.17 -18.75
C ASP D 351 2.38 31.08 -17.51
N LEU D 352 2.20 29.87 -16.97
CA LEU D 352 1.36 29.69 -15.78
C LEU D 352 1.94 30.42 -14.58
N CYS D 353 3.27 30.30 -14.35
CA CYS D 353 3.89 30.86 -13.15
C CYS D 353 3.88 32.37 -13.19
N ASP D 354 4.04 32.96 -14.38
CA ASP D 354 3.82 34.38 -14.59
C ASP D 354 2.47 34.81 -14.00
N ARG D 355 1.40 34.12 -14.41
CA ARG D 355 0.05 34.42 -13.91
C ARG D 355 -0.06 34.14 -12.43
N GLU D 356 0.34 32.95 -12.02
CA GLU D 356 0.02 32.47 -10.67
C GLU D 356 0.89 33.11 -9.59
N GLY D 357 2.06 33.63 -9.98
CA GLY D 357 2.89 34.39 -9.08
C GLY D 357 3.94 33.54 -8.41
N ILE D 358 4.67 32.74 -9.19
CA ILE D 358 5.55 31.72 -8.63
C ILE D 358 6.94 31.93 -9.18
N LEU D 359 7.90 32.12 -8.28
CA LEU D 359 9.30 32.29 -8.66
C LEU D 359 9.87 31.02 -9.27
N VAL D 360 10.59 31.17 -10.38
CA VAL D 360 11.16 30.04 -11.08
C VAL D 360 12.68 30.19 -11.16
N MET D 361 13.35 29.05 -11.28
CA MET D 361 14.78 28.94 -11.46
C MET D 361 14.93 28.05 -12.68
N ASP D 362 15.63 28.54 -13.70
CA ASP D 362 15.57 27.94 -15.02
C ASP D 362 16.86 27.19 -15.27
N GLU D 363 16.74 25.87 -15.52
CA GLU D 363 17.90 24.98 -15.57
C GLU D 363 18.05 24.36 -16.95
N THR D 364 19.29 24.43 -17.48
CA THR D 364 19.63 23.75 -18.74
C THR D 364 19.57 22.23 -18.54
N PRO D 365 19.54 21.46 -19.63
CA PRO D 365 19.64 20.00 -19.49
C PRO D 365 21.03 19.50 -19.11
N ALA D 366 21.83 20.35 -18.47
CA ALA D 366 23.24 20.06 -18.26
C ALA D 366 23.42 19.31 -16.94
N VAL D 367 22.96 18.06 -16.96
CA VAL D 367 23.13 17.16 -15.82
C VAL D 367 24.06 16.03 -16.23
N GLY D 368 24.92 15.63 -15.31
CA GLY D 368 25.71 14.43 -15.50
C GLY D 368 27.04 14.68 -16.15
N ILE D 369 27.55 15.91 -16.09
CA ILE D 369 28.87 16.20 -16.63
C ILE D 369 29.88 15.67 -15.62
N GLY D 370 30.13 14.37 -15.68
CA GLY D 370 30.99 13.75 -14.69
C GLY D 370 31.07 12.25 -14.82
N GLY D 371 32.26 11.69 -14.60
CA GLY D 371 32.41 10.25 -14.74
C GLY D 371 33.25 9.65 -13.64
N GLY D 372 33.18 10.28 -12.48
CA GLY D 372 33.98 9.85 -11.37
C GLY D 372 35.39 10.39 -11.44
N ALA D 373 36.26 9.79 -10.62
CA ALA D 373 37.65 10.20 -10.54
C ALA D 373 38.49 9.63 -11.67
N ALA D 374 38.09 8.51 -12.23
CA ALA D 374 38.87 7.91 -13.30
C ALA D 374 38.91 8.79 -14.53
N VAL D 375 37.84 9.52 -14.81
CA VAL D 375 37.65 10.19 -16.09
C VAL D 375 37.39 11.67 -15.86
N ASN D 376 38.10 12.50 -16.64
CA ASN D 376 38.04 13.95 -16.71
C ASN D 376 37.08 14.35 -17.82
N PRO D 377 35.81 14.64 -17.51
CA PRO D 377 34.86 14.93 -18.59
C PRO D 377 35.24 16.19 -19.33
N TYR D 378 35.91 17.12 -18.64
CA TYR D 378 36.24 18.40 -19.23
C TYR D 378 37.22 18.27 -20.39
N LYS D 379 37.94 17.14 -20.46
CA LYS D 379 38.86 16.83 -21.55
C LYS D 379 38.37 15.69 -22.43
N GLU D 380 37.38 14.91 -21.99
CA GLU D 380 37.01 13.69 -22.66
C GLU D 380 35.55 13.64 -23.10
N TYR D 381 34.74 14.63 -22.75
CA TYR D 381 33.35 14.65 -23.20
C TYR D 381 33.17 15.84 -24.13
N PRO D 382 32.79 15.62 -25.42
CA PRO D 382 32.60 16.73 -26.35
C PRO D 382 31.32 17.53 -26.10
N LEU D 383 31.22 18.16 -24.93
CA LEU D 383 29.99 18.80 -24.52
C LEU D 383 29.95 20.31 -24.74
N ALA D 384 31.12 20.95 -24.91
CA ALA D 384 31.25 22.38 -24.64
C ALA D 384 30.37 23.21 -25.55
N GLU D 385 30.42 22.95 -26.86
CA GLU D 385 29.66 23.78 -27.78
C GLU D 385 28.16 23.58 -27.58
N HIS D 386 27.74 22.35 -27.39
CA HIS D 386 26.31 22.07 -27.28
C HIS D 386 25.74 22.68 -26.00
N HIS D 387 26.55 22.77 -24.96
CA HIS D 387 26.16 23.49 -23.75
C HIS D 387 25.86 24.95 -24.06
N ARG D 388 26.79 25.63 -24.73
CA ARG D 388 26.56 27.03 -25.10
C ARG D 388 25.35 27.18 -26.02
N GLN D 389 25.21 26.26 -26.98
CA GLN D 389 23.99 26.22 -27.78
C GLN D 389 22.73 26.16 -26.89
N VAL D 390 22.65 25.15 -26.02
CA VAL D 390 21.39 24.97 -25.29
C VAL D 390 21.24 26.03 -24.20
N LEU D 391 22.36 26.55 -23.68
CA LEU D 391 22.24 27.70 -22.78
C LEU D 391 21.53 28.85 -23.48
N ALA D 392 21.92 29.15 -24.72
CA ALA D 392 21.33 30.27 -25.44
C ALA D 392 19.86 30.00 -25.82
N GLU D 393 19.58 28.79 -26.31
CA GLU D 393 18.21 28.44 -26.67
C GLU D 393 17.26 28.70 -25.49
N MET D 394 17.65 28.24 -24.30
CA MET D 394 16.89 28.49 -23.09
C MET D 394 16.68 29.98 -22.83
N ILE D 395 17.76 30.77 -22.87
CA ILE D 395 17.68 32.16 -22.41
C ILE D 395 16.95 33.02 -23.41
N HIS D 396 17.14 32.76 -24.71
CA HIS D 396 16.31 33.44 -25.70
C HIS D 396 14.84 33.18 -25.42
N ARG D 397 14.46 31.92 -25.22
CA ARG D 397 13.04 31.56 -25.13
C ARG D 397 12.35 32.09 -23.87
N ASP D 398 13.07 32.23 -22.76
CA ASP D 398 12.42 32.61 -21.52
C ASP D 398 12.73 34.05 -21.07
N LYS D 399 13.36 34.86 -21.95
CA LYS D 399 13.93 36.13 -21.50
C LYS D 399 12.87 37.11 -20.98
N ASN D 400 11.63 37.01 -21.45
CA ASN D 400 10.62 37.99 -21.05
C ASN D 400 9.73 37.50 -19.92
N HIS D 401 9.93 36.29 -19.43
CA HIS D 401 9.12 35.80 -18.32
C HIS D 401 9.51 36.52 -17.03
N PRO D 402 8.57 37.13 -16.31
CA PRO D 402 8.91 37.71 -15.00
C PRO D 402 9.14 36.68 -13.91
N CYS D 403 8.65 35.46 -14.09
CA CYS D 403 8.76 34.46 -13.04
C CYS D 403 10.18 33.94 -12.94
N VAL D 404 10.93 33.95 -14.03
CA VAL D 404 12.30 33.43 -13.99
C VAL D 404 13.17 34.49 -13.33
N VAL D 405 13.66 34.17 -12.14
CA VAL D 405 14.51 35.07 -11.37
C VAL D 405 15.94 34.62 -11.31
N LEU D 406 16.27 33.42 -11.82
CA LEU D 406 17.55 32.80 -11.52
C LEU D 406 17.88 31.75 -12.57
N TRP D 407 19.05 31.87 -13.17
CA TRP D 407 19.53 30.87 -14.12
C TRP D 407 20.35 29.82 -13.39
N SER D 408 20.23 28.58 -13.84
CA SER D 408 21.08 27.49 -13.39
C SER D 408 21.77 26.90 -14.61
N LEU D 409 23.10 26.98 -14.62
CA LEU D 409 23.84 26.52 -15.79
C LEU D 409 23.79 25.01 -15.94
N GLY D 410 23.40 24.29 -14.90
CA GLY D 410 23.49 22.84 -14.90
C GLY D 410 23.45 22.30 -13.49
N ASN D 411 23.56 20.98 -13.40
CA ASN D 411 23.29 20.29 -12.15
C ASN D 411 24.31 19.19 -11.90
N GLU D 412 24.76 19.12 -10.65
CA GLU D 412 25.59 18.06 -10.10
C GLU D 412 26.77 17.61 -10.98
N PRO D 413 27.69 18.53 -11.31
CA PRO D 413 28.88 18.16 -12.10
C PRO D 413 30.06 17.85 -11.22
N ASN D 414 31.00 17.05 -11.71
CA ASN D 414 32.18 16.68 -10.96
C ASN D 414 33.06 17.91 -10.81
N LEU D 415 33.04 18.51 -9.63
CA LEU D 415 33.75 19.75 -9.36
C LEU D 415 34.93 19.57 -8.40
N GLU D 416 35.27 18.34 -8.04
CA GLU D 416 36.28 18.12 -7.01
C GLU D 416 37.40 17.19 -7.44
N HIS D 417 37.19 16.31 -8.41
CA HIS D 417 38.29 15.45 -8.84
C HIS D 417 39.29 16.22 -9.71
N PHE D 418 38.80 17.16 -10.50
CA PHE D 418 39.61 17.98 -11.39
C PHE D 418 39.20 19.43 -11.15
N PRO D 419 39.71 20.03 -10.07
CA PRO D 419 39.17 21.33 -9.64
C PRO D 419 39.32 22.44 -10.65
N GLN D 420 40.46 22.53 -11.34
CA GLN D 420 40.73 23.70 -12.17
C GLN D 420 40.06 23.59 -13.53
N ASP D 421 40.23 22.44 -14.21
CA ASP D 421 39.45 22.18 -15.41
C ASP D 421 37.99 22.51 -15.18
N ALA D 422 37.46 22.14 -14.01
CA ALA D 422 36.05 22.37 -13.71
C ALA D 422 35.69 23.85 -13.81
N TYR D 423 36.53 24.74 -13.31
CA TYR D 423 36.22 26.17 -13.35
C TYR D 423 36.32 26.71 -14.76
N ASP D 424 37.39 26.36 -15.48
CA ASP D 424 37.59 26.81 -16.84
C ASP D 424 36.47 26.40 -17.78
N TYR D 425 35.75 25.33 -17.44
CA TYR D 425 34.58 24.90 -18.19
C TYR D 425 33.31 25.62 -17.75
N TRP D 426 33.18 25.93 -16.46
CA TRP D 426 31.92 26.49 -16.00
C TRP D 426 31.93 28.02 -15.96
N HIS D 427 33.09 28.64 -15.72
CA HIS D 427 33.07 30.10 -15.53
C HIS D 427 32.87 30.89 -16.83
N PRO D 428 33.30 30.40 -18.00
CA PRO D 428 32.81 31.02 -19.24
C PRO D 428 31.30 30.97 -19.38
N LEU D 429 30.67 29.83 -19.06
CA LEU D 429 29.22 29.72 -19.12
C LEU D 429 28.54 30.60 -18.10
N TYR D 430 29.19 30.89 -16.97
CA TYR D 430 28.64 31.91 -16.08
C TYR D 430 28.64 33.26 -16.77
N GLU D 431 29.72 33.57 -17.47
CA GLU D 431 29.83 34.85 -18.18
C GLU D 431 28.87 34.92 -19.35
N LEU D 432 28.74 33.83 -20.10
CA LEU D 432 27.85 33.82 -21.24
C LEU D 432 26.42 34.10 -20.83
N ALA D 433 25.96 33.47 -19.74
CA ALA D 433 24.58 33.66 -19.31
C ALA D 433 24.28 35.12 -18.99
N HIS D 434 25.21 35.80 -18.31
CA HIS D 434 25.07 37.23 -18.03
C HIS D 434 25.16 38.08 -19.28
N GLN D 435 25.93 37.64 -20.27
CA GLN D 435 25.92 38.37 -21.53
C GLN D 435 24.62 38.16 -22.25
N LEU D 436 24.19 36.91 -22.45
CA LEU D 436 23.02 36.65 -23.28
C LEU D 436 21.70 37.09 -22.68
N ASP D 437 21.66 37.61 -21.45
CA ASP D 437 20.39 37.89 -20.80
C ASP D 437 20.21 39.38 -20.59
N PRO D 438 19.16 39.98 -21.16
CA PRO D 438 19.04 41.44 -21.05
C PRO D 438 18.81 41.93 -19.65
N GLN D 439 18.13 41.14 -18.82
CA GLN D 439 17.82 41.63 -17.49
C GLN D 439 18.93 41.31 -16.49
N ASP D 440 19.94 40.55 -16.90
CA ASP D 440 21.12 40.31 -16.07
C ASP D 440 20.74 39.71 -14.71
N ARG D 441 20.10 38.54 -14.76
CA ARG D 441 19.65 37.92 -13.52
C ARG D 441 20.75 37.07 -12.90
N PRO D 442 20.63 36.75 -11.62
CA PRO D 442 21.63 35.88 -10.99
C PRO D 442 21.75 34.55 -11.69
N VAL D 443 22.97 34.01 -11.66
CA VAL D 443 23.30 32.76 -12.32
C VAL D 443 23.90 31.86 -11.27
N THR D 444 23.50 30.59 -11.26
CA THR D 444 24.10 29.66 -10.31
C THR D 444 24.31 28.31 -11.00
N LEU D 445 24.91 27.41 -10.22
CA LEU D 445 25.36 26.08 -10.60
C LEU D 445 25.10 25.21 -9.40
N VAL D 446 24.31 24.16 -9.58
CA VAL D 446 23.85 23.35 -8.46
C VAL D 446 24.85 22.23 -8.23
N CYS D 447 25.37 22.16 -7.02
CA CYS D 447 26.51 21.31 -6.74
C CYS D 447 26.01 20.08 -6.00
N CYS D 448 26.49 18.90 -6.42
CA CYS D 448 26.16 17.70 -5.69
C CYS D 448 26.91 17.74 -4.35
N GLN D 449 26.51 16.85 -3.44
CA GLN D 449 27.23 16.71 -2.19
C GLN D 449 28.64 16.25 -2.51
N ASN D 450 29.63 17.02 -2.08
CA ASN D 450 31.02 16.74 -2.40
C ASN D 450 31.92 17.26 -1.29
N ASP D 451 33.23 17.25 -1.55
CA ASP D 451 34.19 17.93 -0.71
C ASP D 451 34.22 19.39 -1.16
N TYR D 452 33.63 20.24 -0.34
CA TYR D 452 33.51 21.66 -0.63
C TYR D 452 34.80 22.43 -0.41
N THR D 453 35.80 21.83 0.22
CA THR D 453 37.04 22.55 0.37
C THR D 453 37.89 22.48 -0.88
N LYS D 454 37.53 21.57 -1.80
CA LYS D 454 38.28 21.39 -3.03
C LYS D 454 37.51 21.88 -4.24
N ASP D 455 36.22 22.12 -4.08
CA ASP D 455 35.40 22.78 -5.10
C ASP D 455 35.79 24.26 -5.12
N ILE D 456 36.41 24.69 -6.23
CA ILE D 456 36.77 26.08 -6.44
C ILE D 456 35.75 26.82 -7.31
N THR D 457 34.63 26.16 -7.65
CA THR D 457 33.70 26.64 -8.68
C THR D 457 32.38 27.16 -8.14
N THR D 458 31.70 26.40 -7.27
CA THR D 458 30.33 26.73 -6.90
C THR D 458 30.24 27.93 -5.96
N ARG D 459 31.27 28.18 -5.15
CA ARG D 459 31.27 29.37 -4.32
C ARG D 459 31.46 30.65 -5.13
N THR D 460 31.57 30.57 -6.45
CA THR D 460 31.74 31.76 -7.25
C THR D 460 30.50 32.09 -8.06
N MET D 461 29.37 31.40 -7.85
CA MET D 461 28.13 31.77 -8.51
C MET D 461 27.46 32.93 -7.77
N ASP D 462 26.51 33.57 -8.45
CA ASP D 462 25.86 34.73 -7.85
C ASP D 462 25.05 34.34 -6.61
N ILE D 463 24.58 33.10 -6.58
CA ILE D 463 23.86 32.52 -5.45
C ILE D 463 24.37 31.11 -5.29
N VAL D 464 24.75 30.70 -4.09
CA VAL D 464 25.26 29.35 -3.85
C VAL D 464 24.08 28.40 -3.60
N CYS D 465 23.97 27.36 -4.43
CA CYS D 465 22.94 26.32 -4.39
C CYS D 465 23.59 24.97 -4.18
N ILE D 466 23.22 24.27 -3.10
CA ILE D 466 23.85 23.00 -2.80
C ILE D 466 22.82 21.89 -2.62
N ASN D 467 23.21 20.69 -3.04
CA ASN D 467 22.43 19.47 -2.85
C ASN D 467 23.09 18.62 -1.76
N ARG D 468 22.44 18.52 -0.61
CA ARG D 468 22.96 17.75 0.49
C ARG D 468 21.96 16.69 0.92
N TYR D 469 22.49 15.56 1.36
CA TYR D 469 21.68 14.43 1.73
C TYR D 469 22.17 13.85 3.04
N TYR D 470 22.56 14.74 3.95
CA TYR D 470 22.96 14.32 5.29
C TYR D 470 21.80 13.62 5.98
N GLY D 471 22.08 12.46 6.60
CA GLY D 471 21.04 11.68 7.24
C GLY D 471 20.34 10.69 6.33
N TRP D 472 20.69 10.68 5.04
CA TRP D 472 20.16 9.73 4.06
C TRP D 472 21.29 8.91 3.43
N TYR D 473 22.00 9.49 2.44
CA TYR D 473 23.08 8.79 1.75
C TYR D 473 24.33 8.66 2.62
N ASN D 474 24.48 9.52 3.62
CA ASN D 474 25.56 9.40 4.59
C ASN D 474 24.96 9.58 5.98
N LEU D 475 25.58 8.95 6.99
CA LEU D 475 25.12 9.08 8.36
C LEU D 475 23.68 8.63 8.50
N SER D 476 23.40 7.41 8.03
CA SER D 476 22.05 7.07 7.63
C SER D 476 21.13 6.82 8.83
N GLY D 477 19.95 7.45 8.81
CA GLY D 477 18.98 7.21 9.86
C GLY D 477 19.29 7.87 11.19
N ASP D 478 20.30 8.72 11.25
CA ASP D 478 20.77 9.35 12.48
C ASP D 478 20.75 10.85 12.23
N MET D 479 19.65 11.50 12.62
CA MET D 479 19.54 12.93 12.39
C MET D 479 20.42 13.73 13.35
N ASP D 480 20.64 13.23 14.58
CA ASP D 480 21.58 13.89 15.49
C ASP D 480 22.91 14.16 14.79
N ALA D 481 23.45 13.13 14.13
CA ALA D 481 24.72 13.28 13.44
C ALA D 481 24.58 14.08 12.16
N ALA D 482 23.41 14.04 11.52
CA ALA D 482 23.24 14.71 10.24
C ALA D 482 23.25 16.23 10.41
N CYS D 483 22.60 16.74 11.46
CA CYS D 483 22.72 18.16 11.75
C CYS D 483 24.15 18.53 12.10
N TYR D 484 24.85 17.67 12.84
CA TYR D 484 26.26 17.94 13.12
C TYR D 484 27.02 18.16 11.82
N GLY D 485 26.88 17.25 10.86
CA GLY D 485 27.61 17.36 9.61
C GLY D 485 27.16 18.56 8.79
N LEU D 486 25.86 18.70 8.60
CA LEU D 486 25.32 19.91 7.99
C LEU D 486 25.89 21.15 8.67
N ASN D 487 26.01 21.12 10.00
CA ASN D 487 26.40 22.33 10.70
C ASN D 487 27.87 22.64 10.48
N GLN D 488 28.72 21.62 10.30
CA GLN D 488 30.13 21.91 10.04
C GLN D 488 30.31 22.47 8.64
N GLU D 489 29.54 21.97 7.68
CA GLU D 489 29.59 22.53 6.32
C GLU D 489 28.98 23.93 6.27
N LEU D 490 27.98 24.21 7.09
CA LEU D 490 27.40 25.55 7.10
C LEU D 490 28.39 26.57 7.66
N ASP D 491 29.18 26.18 8.67
CA ASP D 491 30.24 27.05 9.17
C ASP D 491 31.24 27.43 8.07
N PHE D 492 31.39 26.59 7.04
CA PHE D 492 32.27 26.89 5.91
C PHE D 492 31.60 27.86 4.93
N TRP D 493 30.28 27.73 4.74
CA TRP D 493 29.61 28.62 3.81
C TRP D 493 29.40 29.99 4.43
N ALA D 494 29.42 30.09 5.76
CA ALA D 494 29.33 31.39 6.39
C ALA D 494 30.52 32.25 6.03
N GLU D 495 31.70 31.64 5.91
CA GLU D 495 32.95 32.35 5.61
C GLU D 495 33.01 32.88 4.18
N GLN D 496 32.13 32.42 3.29
CA GLN D 496 32.16 32.78 1.88
C GLN D 496 31.31 34.01 1.54
N HIS D 497 30.46 34.46 2.46
CA HIS D 497 29.82 35.76 2.37
C HIS D 497 28.94 35.89 1.13
N LYS D 498 28.44 34.77 0.63
CA LYS D 498 27.44 34.73 -0.42
C LYS D 498 26.10 34.28 0.15
N PRO D 499 25.00 34.56 -0.56
CA PRO D 499 23.73 33.94 -0.20
C PRO D 499 23.73 32.48 -0.56
N VAL D 500 23.14 31.66 0.31
CA VAL D 500 23.15 30.20 0.14
C VAL D 500 21.73 29.68 0.18
N MET D 501 21.41 28.82 -0.79
CA MET D 501 20.18 28.03 -0.79
C MET D 501 20.53 26.55 -0.81
N MET D 502 19.69 25.74 -0.18
CA MET D 502 19.75 24.29 -0.32
C MET D 502 18.83 23.89 -1.47
N SER D 503 19.43 23.46 -2.57
CA SER D 503 18.63 23.29 -3.79
C SER D 503 18.11 21.88 -3.98
N GLU D 504 18.67 20.88 -3.30
CA GLU D 504 18.07 19.55 -3.20
C GLU D 504 18.31 19.00 -1.80
N TYR D 505 17.29 18.33 -1.24
CA TYR D 505 17.38 17.44 -0.09
C TYR D 505 16.04 16.75 0.16
N GLY D 506 16.11 15.48 0.50
CA GLY D 506 14.89 14.73 0.71
C GLY D 506 15.24 13.33 1.12
N ALA D 507 14.21 12.51 1.26
CA ALA D 507 14.39 11.14 1.71
C ALA D 507 13.28 10.28 1.13
N ASP D 508 13.67 9.14 0.57
CA ASP D 508 12.70 8.24 -0.04
C ASP D 508 11.69 7.79 1.02
N THR D 509 10.42 7.90 0.67
CA THR D 509 9.32 7.69 1.60
C THR D 509 8.22 6.98 0.83
N VAL D 510 7.95 5.73 1.16
CA VAL D 510 6.85 5.01 0.51
C VAL D 510 5.54 5.36 1.22
N ALA D 511 4.52 5.70 0.44
CA ALA D 511 3.25 6.08 1.04
C ALA D 511 2.69 4.92 1.84
N GLY D 512 2.41 5.17 3.10
CA GLY D 512 1.78 4.18 3.94
C GLY D 512 2.72 3.36 4.81
N LEU D 513 4.02 3.32 4.50
CA LEU D 513 4.99 2.89 5.49
C LEU D 513 4.99 3.88 6.65
N HIS D 514 4.49 3.45 7.80
CA HIS D 514 4.60 4.25 9.00
C HIS D 514 5.46 3.48 10.00
N THR D 515 6.16 4.22 10.85
CA THR D 515 6.87 3.67 11.99
C THR D 515 6.78 4.71 13.10
N ALA D 516 6.57 4.25 14.33
CA ALA D 516 6.64 5.16 15.46
C ALA D 516 7.98 5.90 15.47
N GLY D 517 9.08 5.15 15.41
CA GLY D 517 10.40 5.69 15.57
C GLY D 517 11.03 6.27 14.34
N ALA D 518 10.27 6.46 13.25
CA ALA D 518 10.70 7.24 12.10
C ALA D 518 11.98 6.67 11.49
N GLU D 519 11.86 5.46 10.99
CA GLU D 519 12.98 4.83 10.31
C GLU D 519 12.89 5.09 8.81
N MET D 520 14.01 4.87 8.12
CA MET D 520 14.14 5.27 6.73
C MET D 520 13.07 4.59 5.87
N PHE D 521 12.47 5.37 4.97
CA PHE D 521 11.43 5.05 3.98
C PHE D 521 10.04 5.23 4.54
N SER D 522 9.90 5.64 5.77
CA SER D 522 8.59 5.82 6.33
C SER D 522 8.27 7.31 6.31
N GLU D 523 6.97 7.59 6.26
CA GLU D 523 6.50 8.97 6.28
C GLU D 523 7.06 9.73 7.48
N GLU D 524 7.11 9.10 8.64
CA GLU D 524 7.53 9.84 9.82
C GLU D 524 9.01 10.27 9.74
N PHE D 525 9.83 9.50 9.03
CA PHE D 525 11.23 9.90 8.90
C PHE D 525 11.38 11.07 7.93
N GLN D 526 10.55 11.13 6.87
CA GLN D 526 10.53 12.33 6.02
C GLN D 526 10.26 13.58 6.84
N VAL D 527 9.22 13.54 7.69
CA VAL D 527 8.94 14.67 8.59
C VAL D 527 10.19 15.03 9.41
N GLU D 528 10.80 14.01 10.03
CA GLU D 528 11.98 14.27 10.86
C GLU D 528 13.11 14.87 10.04
N PHE D 529 13.36 14.31 8.84
CA PHE D 529 14.48 14.76 8.00
C PHE D 529 14.36 16.24 7.67
N TYR D 530 13.15 16.70 7.30
CA TYR D 530 12.96 18.12 7.06
C TYR D 530 12.95 18.91 8.36
N ARG D 531 12.16 18.49 9.35
CA ARG D 531 12.03 19.31 10.55
C ARG D 531 13.38 19.56 11.21
N ARG D 532 14.25 18.54 11.25
CA ARG D 532 15.56 18.64 11.91
C ARG D 532 16.50 19.54 11.13
N LEU D 533 16.69 19.26 9.83
CA LEU D 533 17.57 20.09 9.03
C LEU D 533 17.06 21.53 8.95
N ASP D 534 15.76 21.70 8.69
CA ASP D 534 15.18 23.04 8.61
C ASP D 534 15.40 23.85 9.88
N ALA D 535 15.68 23.22 11.01
CA ALA D 535 15.87 23.99 12.24
C ALA D 535 17.23 24.68 12.23
N GLU D 536 18.22 24.09 11.56
CA GLU D 536 19.53 24.69 11.49
C GLU D 536 19.60 25.76 10.40
N PHE D 537 18.84 25.59 9.31
CA PHE D 537 18.76 26.62 8.26
C PHE D 537 18.42 27.97 8.87
N ASP D 538 17.52 27.96 9.86
CA ASP D 538 16.98 29.20 10.39
C ASP D 538 17.95 29.91 11.32
N LYS D 539 18.98 29.23 11.80
CA LYS D 539 19.89 29.92 12.69
C LYS D 539 20.85 30.85 11.96
N ARG D 540 20.85 30.85 10.63
CA ARG D 540 21.94 31.46 9.87
C ARG D 540 21.41 32.46 8.86
N PRO D 541 21.84 33.74 8.93
CA PRO D 541 21.11 34.81 8.23
C PRO D 541 21.35 34.86 6.73
N TRP D 542 22.37 34.18 6.24
CA TRP D 542 22.75 34.12 4.83
C TRP D 542 22.12 32.94 4.10
N PHE D 543 21.35 32.10 4.80
CA PHE D 543 20.64 30.99 4.17
C PHE D 543 19.27 31.49 3.72
N VAL D 544 19.10 31.65 2.41
CA VAL D 544 18.00 32.45 1.88
C VAL D 544 16.93 31.62 1.17
N GLY D 545 17.04 30.30 1.13
CA GLY D 545 16.04 29.50 0.42
C GLY D 545 16.31 28.01 0.55
N GLU D 546 15.26 27.24 0.32
CA GLU D 546 15.31 25.79 0.41
C GLU D 546 14.43 25.24 -0.69
N PHE D 547 14.93 24.25 -1.44
CA PHE D 547 14.17 23.61 -2.51
C PHE D 547 14.13 22.12 -2.24
N VAL D 548 12.98 21.58 -1.90
CA VAL D 548 12.90 20.17 -1.57
C VAL D 548 12.93 19.34 -2.84
N TRP D 549 13.53 18.16 -2.72
CA TRP D 549 13.50 17.13 -3.74
C TRP D 549 12.68 15.96 -3.18
N ASN D 550 11.60 15.59 -3.86
CA ASN D 550 11.10 16.25 -5.08
C ASN D 550 9.67 16.66 -4.82
N PHE D 551 9.09 17.42 -5.73
CA PHE D 551 7.66 17.73 -5.63
C PHE D 551 6.82 16.45 -5.58
N ALA D 552 7.18 15.45 -6.40
CA ALA D 552 6.36 14.26 -6.59
C ALA D 552 7.25 13.10 -7.00
N ASP D 553 6.86 11.90 -6.59
CA ASP D 553 7.54 10.69 -7.07
C ASP D 553 7.59 10.70 -8.59
N TYR D 554 8.71 10.28 -9.16
CA TYR D 554 8.88 10.21 -10.61
C TYR D 554 9.55 8.90 -10.98
N ASP D 555 9.38 8.52 -12.24
CA ASP D 555 9.98 7.28 -12.72
C ASP D 555 11.50 7.39 -12.84
N THR D 556 12.13 6.25 -13.07
CA THR D 556 13.59 6.14 -13.07
C THR D 556 13.93 4.76 -13.63
N VAL D 557 15.20 4.57 -14.01
CA VAL D 557 15.51 3.29 -14.63
C VAL D 557 15.81 2.23 -13.56
N GLN D 558 15.48 0.99 -13.89
CA GLN D 558 15.53 -0.07 -12.91
C GLN D 558 16.95 -0.27 -12.39
N GLY D 559 17.11 -0.07 -11.08
CA GLY D 559 18.24 -0.50 -10.32
C GLY D 559 17.84 -0.77 -8.88
N PRO D 560 18.70 -1.45 -8.13
CA PRO D 560 18.28 -1.91 -6.80
C PRO D 560 18.24 -0.81 -5.76
N MET D 561 18.35 0.45 -6.19
CA MET D 561 18.29 1.55 -5.25
C MET D 561 17.09 2.44 -5.49
N ARG D 562 16.21 2.07 -6.41
CA ARG D 562 15.12 2.93 -6.84
C ARG D 562 13.89 2.04 -6.85
N VAL D 563 13.04 2.23 -5.85
CA VAL D 563 11.85 1.41 -5.65
C VAL D 563 10.80 1.81 -6.66
N ASP D 564 10.91 1.27 -7.87
CA ASP D 564 9.98 1.61 -8.95
C ASP D 564 9.92 3.12 -9.15
N GLY D 565 11.09 3.71 -9.30
CA GLY D 565 11.19 5.14 -9.40
C GLY D 565 11.93 5.71 -8.19
N ASN D 566 11.97 7.02 -8.17
CA ASN D 566 12.52 7.76 -7.04
C ASN D 566 11.34 8.16 -6.17
N LYS D 567 11.48 7.97 -4.85
CA LYS D 567 10.33 8.14 -3.97
C LYS D 567 10.57 9.23 -2.93
N LYS D 568 11.44 10.18 -3.24
CA LYS D 568 11.64 11.30 -2.34
C LYS D 568 10.54 12.34 -2.49
N GLY D 569 9.52 12.02 -3.27
CA GLY D 569 8.45 12.97 -3.48
C GLY D 569 7.73 13.31 -2.19
N LEU D 570 7.48 14.60 -1.99
CA LEU D 570 6.52 15.06 -1.00
C LEU D 570 5.10 14.72 -1.41
N PHE D 571 4.84 14.58 -2.70
CA PHE D 571 3.60 14.03 -3.22
C PHE D 571 3.89 12.70 -3.92
N THR D 572 2.89 11.82 -3.98
CA THR D 572 2.98 10.61 -4.80
C THR D 572 2.83 10.97 -6.28
N ARG D 573 2.98 9.98 -7.17
CA ARG D 573 2.94 10.31 -8.60
C ARG D 573 1.60 10.91 -8.98
N ASP D 574 0.50 10.35 -8.46
CA ASP D 574 -0.85 10.89 -8.65
C ASP D 574 -1.18 12.03 -7.67
N ARG D 575 -0.15 12.67 -7.10
CA ARG D 575 -0.30 13.97 -6.46
C ARG D 575 -1.16 13.90 -5.20
N ARG D 576 -0.95 12.84 -4.38
CA ARG D 576 -1.49 12.70 -3.04
C ARG D 576 -0.41 13.05 -2.01
N PRO D 577 -0.71 13.88 -1.01
CA PRO D 577 0.34 14.39 -0.12
C PRO D 577 0.73 13.39 0.97
N LYS D 578 2.03 13.11 1.06
CA LYS D 578 2.53 12.26 2.12
C LYS D 578 2.61 13.06 3.41
N LEU D 579 2.64 12.33 4.54
CA LEU D 579 2.79 12.96 5.84
C LEU D 579 3.90 14.01 5.87
N GLY D 580 5.01 13.77 5.16
CA GLY D 580 6.02 14.81 5.01
C GLY D 580 5.51 16.13 4.44
N MET D 581 4.42 16.10 3.66
CA MET D 581 3.95 17.33 3.04
C MET D 581 3.20 18.21 4.01
N HIS D 582 2.35 17.63 4.87
CA HIS D 582 1.56 18.47 5.76
C HIS D 582 2.48 19.22 6.71
N PHE D 583 3.60 18.59 7.10
CA PHE D 583 4.58 19.31 7.91
C PHE D 583 5.08 20.58 7.20
N LEU D 584 5.70 20.42 6.02
CA LEU D 584 6.18 21.56 5.26
C LEU D 584 5.08 22.61 5.01
N ARG D 585 3.85 22.16 4.75
CA ARG D 585 2.75 23.13 4.57
C ARG D 585 2.54 23.99 5.82
N GLN D 586 2.76 23.43 7.00
CA GLN D 586 2.65 24.24 8.22
C GLN D 586 3.87 25.15 8.38
N ARG D 587 5.06 24.63 8.09
CA ARG D 587 6.28 25.43 8.24
C ARG D 587 6.24 26.65 7.33
N TRP D 588 5.85 26.46 6.08
CA TRP D 588 5.75 27.59 5.18
C TRP D 588 4.58 28.50 5.51
N ALA D 589 3.56 28.00 6.20
CA ALA D 589 2.48 28.85 6.72
C ALA D 589 3.04 30.06 7.47
N GLU D 590 4.10 29.86 8.26
CA GLU D 590 4.58 30.83 9.22
C GLU D 590 5.86 31.55 8.76
N ILE D 591 6.19 31.46 7.48
CA ILE D 591 7.42 32.07 7.02
C ILE D 591 7.04 32.95 5.85
N PRO D 592 7.11 34.26 6.02
CA PRO D 592 6.75 35.19 4.93
C PRO D 592 7.69 35.06 3.74
N THR D 593 7.11 35.28 2.54
CA THR D 593 7.93 35.46 1.34
C THR D 593 8.95 36.58 1.56
N PHE D 594 8.51 37.69 2.11
CA PHE D 594 9.32 38.90 2.22
C PHE D 594 9.70 39.13 3.68
N GLY D 595 10.99 39.34 3.93
CA GLY D 595 11.39 39.84 5.22
C GLY D 595 11.49 38.81 6.32
N PHE D 596 11.76 37.55 5.96
CA PHE D 596 12.06 36.52 6.95
C PHE D 596 13.42 36.74 7.60
N LYS D 597 14.40 37.26 6.82
CA LYS D 597 15.78 37.53 7.28
C LYS D 597 16.31 38.88 6.78
#